data_3J0G
# 
_entry.id   3J0G 
# 
_audit_conform.dict_name       mmcif_pdbx.dic 
_audit_conform.dict_version    5.399 
_audit_conform.dict_location   http://mmcif.pdb.org/dictionaries/ascii/mmcif_pdbx.dic 
# 
loop_
_database_2.database_id 
_database_2.database_code 
_database_2.pdbx_database_accession 
_database_2.pdbx_DOI 
PDB   3J0G         pdb_00003j0g 10.2210/pdb3j0g/pdb 
RCSB  RCSB160094   ?            ?                   
WWPDB D_1000160094 ?            ?                   
# 
loop_
_pdbx_audit_revision_history.ordinal 
_pdbx_audit_revision_history.data_content_type 
_pdbx_audit_revision_history.major_revision 
_pdbx_audit_revision_history.minor_revision 
_pdbx_audit_revision_history.revision_date 
1 'Structure model' 1 0 2011-08-24 
2 'Structure model' 1 1 2013-07-17 
3 'Structure model' 1 2 2018-07-18 
4 'Structure model' 1 3 2023-07-26 
5 'Structure model' 1 4 2024-11-27 
# 
_pdbx_audit_revision_details.ordinal             1 
_pdbx_audit_revision_details.revision_ordinal    1 
_pdbx_audit_revision_details.data_content_type   'Structure model' 
_pdbx_audit_revision_details.provider            repository 
_pdbx_audit_revision_details.type                'Initial release' 
_pdbx_audit_revision_details.description         ? 
_pdbx_audit_revision_details.details             ? 
# 
loop_
_pdbx_audit_revision_group.ordinal 
_pdbx_audit_revision_group.revision_ordinal 
_pdbx_audit_revision_group.data_content_type 
_pdbx_audit_revision_group.group 
1 2 'Structure model' Other                    
2 3 'Structure model' 'Data collection'        
3 4 'Structure model' 'Database references'    
4 4 'Structure model' 'Derived calculations'   
5 4 'Structure model' 'Refinement description' 
6 5 'Structure model' 'Data collection'        
7 5 'Structure model' 'Refinement description' 
8 5 'Structure model' 'Structure summary'      
# 
loop_
_pdbx_audit_revision_category.ordinal 
_pdbx_audit_revision_category.revision_ordinal 
_pdbx_audit_revision_category.data_content_type 
_pdbx_audit_revision_category.category 
1  3 'Structure model' em_image_scans                
2  3 'Structure model' em_imaging_optics             
3  3 'Structure model' em_software                   
4  4 'Structure model' citation                      
5  4 'Structure model' database_2                    
6  4 'Structure model' pdbx_database_related         
7  4 'Structure model' pdbx_initial_refinement_model 
8  4 'Structure model' pdbx_struct_oper_list         
9  5 'Structure model' chem_comp_atom                
10 5 'Structure model' chem_comp_bond                
11 5 'Structure model' em_3d_fitting_list            
12 5 'Structure model' pdbx_entry_details            
13 5 'Structure model' pdbx_modification_feature     
# 
loop_
_pdbx_audit_revision_item.ordinal 
_pdbx_audit_revision_item.revision_ordinal 
_pdbx_audit_revision_item.data_content_type 
_pdbx_audit_revision_item.item 
1  3 'Structure model' '_em_imaging_optics.energyfilter_name'            
2  3 'Structure model' '_em_software.image_processing_id'                
3  4 'Structure model' '_citation.journal_volume'                        
4  4 'Structure model' '_citation.page_first'                            
5  4 'Structure model' '_citation.page_last'                             
6  4 'Structure model' '_citation.title'                                 
7  4 'Structure model' '_database_2.pdbx_DOI'                            
8  4 'Structure model' '_database_2.pdbx_database_accession'             
9  4 'Structure model' '_pdbx_database_related.content_type'             
10 4 'Structure model' '_pdbx_struct_oper_list.name'                     
11 4 'Structure model' '_pdbx_struct_oper_list.symmetry_operation'       
12 4 'Structure model' '_pdbx_struct_oper_list.type'                     
13 5 'Structure model' '_em_3d_fitting_list.accession_code'              
14 5 'Structure model' '_em_3d_fitting_list.initial_refinement_model_id' 
15 5 'Structure model' '_em_3d_fitting_list.source_name'                 
16 5 'Structure model' '_em_3d_fitting_list.type'                        
# 
_pdbx_database_status.status_code                     REL 
_pdbx_database_status.entry_id                        3J0G 
_pdbx_database_status.recvd_initial_deposition_date   2011-07-21 
_pdbx_database_status.deposit_site                    RCSB 
_pdbx_database_status.process_site                    RCSB 
_pdbx_database_status.status_code_sf                  ? 
_pdbx_database_status.status_code_mr                  ? 
_pdbx_database_status.SG_entry                        ? 
_pdbx_database_status.status_code_cs                  ? 
_pdbx_database_status.pdb_format_compatible           Y 
_pdbx_database_status.methods_development_category    ? 
_pdbx_database_status.status_code_nmr_data            ? 
# 
loop_
_pdbx_database_related.db_name 
_pdbx_database_related.db_id 
_pdbx_database_related.content_type 
_pdbx_database_related.details 
EMDB EMD-5275 'associated EM volume' 'A cubic portion of the original 3D density map of VEEV (covering one asymmetric unit)' 
EMDB EMD-5276 'other EM volume'      'the non-icosahedrally averaged cryo-EM density maps of VEEV'                           
PDB  3J0C     unspecified            'structure of VEEV E1, E2, and capsid'                                                  
# 
loop_
_audit_author.name 
_audit_author.pdbx_ordinal 
'Zhang, R.'  1 
'Hryc, C.F.' 2 
'Chiu, W.'   3 
# 
_citation.id                        primary 
_citation.title                     
'4.4 angstrom cryo-EM structure of an enveloped alphavirus Venezuelan equine encephalitis virus.' 
_citation.journal_abbrev            'Embo J.' 
_citation.journal_volume            30 
_citation.page_first                3854 
_citation.page_last                 3863 
_citation.year                      2011 
_citation.journal_id_ASTM           EMJODG 
_citation.country                   UK 
_citation.journal_id_ISSN           1460-2075 
_citation.journal_id_CSD            0897 
_citation.book_publisher            ? 
_citation.pdbx_database_id_PubMed   21829169 
_citation.pdbx_database_id_DOI      10.1038/emboj.2011.261 
# 
loop_
_citation_author.citation_id 
_citation_author.name 
_citation_author.ordinal 
_citation_author.identifier_ORCID 
primary 'Zhang, R.'     1 ? 
primary 'Hryc, C.F.'    2 ? 
primary 'Cong, Y.'      3 ? 
primary 'Liu, X.'       4 ? 
primary 'Jakana, J.'    5 ? 
primary 'Gorchakov, R.' 6 ? 
primary 'Baker, M.L.'   7 ? 
primary 'Weaver, S.C.'  8 ? 
primary 'Chiu, W.'      9 ? 
# 
_entity.id                         1 
_entity.type                       polymer 
_entity.src_method                 nat 
_entity.pdbx_description           'E3 protein' 
_entity.formula_weight             6488.601 
_entity.pdbx_number_of_molecules   4 
_entity.pdbx_ec                    ? 
_entity.pdbx_mutation              ? 
_entity.pdbx_fragment              'UNP residues 276-334' 
_entity.details                    ? 
# 
_entity_name_com.entity_id   1 
_entity_name_com.name        'Spike glycoprotein E3' 
# 
_entity_poly.entity_id                      1 
_entity_poly.type                           'polypeptide(L)' 
_entity_poly.nstd_linkage                   no 
_entity_poly.nstd_monomer                   no 
_entity_poly.pdbx_seq_one_letter_code       SLVTTMCLLANVTFPCAQPPICYDRKPAETLAMLSVNVDNPGYDELLEAAVKCPGRKRR 
_entity_poly.pdbx_seq_one_letter_code_can   SLVTTMCLLANVTFPCAQPPICYDRKPAETLAMLSVNVDNPGYDELLEAAVKCPGRKRR 
_entity_poly.pdbx_strand_id                 M,N,O,P 
_entity_poly.pdbx_target_identifier         ? 
# 
loop_
_entity_poly_seq.entity_id 
_entity_poly_seq.num 
_entity_poly_seq.mon_id 
_entity_poly_seq.hetero 
1 1  SER n 
1 2  LEU n 
1 3  VAL n 
1 4  THR n 
1 5  THR n 
1 6  MET n 
1 7  CYS n 
1 8  LEU n 
1 9  LEU n 
1 10 ALA n 
1 11 ASN n 
1 12 VAL n 
1 13 THR n 
1 14 PHE n 
1 15 PRO n 
1 16 CYS n 
1 17 ALA n 
1 18 GLN n 
1 19 PRO n 
1 20 PRO n 
1 21 ILE n 
1 22 CYS n 
1 23 TYR n 
1 24 ASP n 
1 25 ARG n 
1 26 LYS n 
1 27 PRO n 
1 28 ALA n 
1 29 GLU n 
1 30 THR n 
1 31 LEU n 
1 32 ALA n 
1 33 MET n 
1 34 LEU n 
1 35 SER n 
1 36 VAL n 
1 37 ASN n 
1 38 VAL n 
1 39 ASP n 
1 40 ASN n 
1 41 PRO n 
1 42 GLY n 
1 43 TYR n 
1 44 ASP n 
1 45 GLU n 
1 46 LEU n 
1 47 LEU n 
1 48 GLU n 
1 49 ALA n 
1 50 ALA n 
1 51 VAL n 
1 52 LYS n 
1 53 CYS n 
1 54 PRO n 
1 55 GLY n 
1 56 ARG n 
1 57 LYS n 
1 58 ARG n 
1 59 ARG n 
# 
_entity_src_nat.entity_id                  1 
_entity_src_nat.pdbx_src_id                1 
_entity_src_nat.pdbx_alt_source_flag       sample 
_entity_src_nat.pdbx_beg_seq_num           ? 
_entity_src_nat.pdbx_end_seq_num           ? 
_entity_src_nat.common_name                VEEV 
_entity_src_nat.pdbx_organism_scientific   'Venezuelan equine encephalitis virus' 
_entity_src_nat.pdbx_ncbi_taxonomy_id      11037 
_entity_src_nat.genus                      ? 
_entity_src_nat.species                    ? 
_entity_src_nat.strain                     TC-83 
_entity_src_nat.tissue                     ? 
_entity_src_nat.tissue_fraction            ? 
_entity_src_nat.pdbx_secretion             ? 
_entity_src_nat.pdbx_fragment              ? 
_entity_src_nat.pdbx_variant               ? 
_entity_src_nat.pdbx_cell_line             ? 
_entity_src_nat.pdbx_atcc                  ? 
_entity_src_nat.pdbx_cellular_location     ? 
_entity_src_nat.pdbx_organ                 ? 
_entity_src_nat.pdbx_organelle             ? 
_entity_src_nat.pdbx_cell                  ? 
_entity_src_nat.pdbx_plasmid_name          ? 
_entity_src_nat.pdbx_plasmid_details       ? 
_entity_src_nat.details                    'purified from infected Baby hamster kidney (BHK) cells' 
# 
loop_
_chem_comp.id 
_chem_comp.type 
_chem_comp.mon_nstd_flag 
_chem_comp.name 
_chem_comp.pdbx_synonyms 
_chem_comp.formula 
_chem_comp.formula_weight 
ALA 'L-peptide linking' y ALANINE         ? 'C3 H7 N O2'     89.093  
ARG 'L-peptide linking' y ARGININE        ? 'C6 H15 N4 O2 1' 175.209 
ASN 'L-peptide linking' y ASPARAGINE      ? 'C4 H8 N2 O3'    132.118 
ASP 'L-peptide linking' y 'ASPARTIC ACID' ? 'C4 H7 N O4'     133.103 
CYS 'L-peptide linking' y CYSTEINE        ? 'C3 H7 N O2 S'   121.158 
GLN 'L-peptide linking' y GLUTAMINE       ? 'C5 H10 N2 O3'   146.144 
GLU 'L-peptide linking' y 'GLUTAMIC ACID' ? 'C5 H9 N O4'     147.129 
GLY 'peptide linking'   y GLYCINE         ? 'C2 H5 N O2'     75.067  
ILE 'L-peptide linking' y ISOLEUCINE      ? 'C6 H13 N O2'    131.173 
LEU 'L-peptide linking' y LEUCINE         ? 'C6 H13 N O2'    131.173 
LYS 'L-peptide linking' y LYSINE          ? 'C6 H15 N2 O2 1' 147.195 
MET 'L-peptide linking' y METHIONINE      ? 'C5 H11 N O2 S'  149.211 
PHE 'L-peptide linking' y PHENYLALANINE   ? 'C9 H11 N O2'    165.189 
PRO 'L-peptide linking' y PROLINE         ? 'C5 H9 N O2'     115.130 
SER 'L-peptide linking' y SERINE          ? 'C3 H7 N O3'     105.093 
THR 'L-peptide linking' y THREONINE       ? 'C4 H9 N O3'     119.119 
TYR 'L-peptide linking' y TYROSINE        ? 'C9 H11 N O3'    181.189 
VAL 'L-peptide linking' y VALINE          ? 'C5 H11 N O2'    117.146 
# 
loop_
_pdbx_poly_seq_scheme.asym_id 
_pdbx_poly_seq_scheme.entity_id 
_pdbx_poly_seq_scheme.seq_id 
_pdbx_poly_seq_scheme.mon_id 
_pdbx_poly_seq_scheme.ndb_seq_num 
_pdbx_poly_seq_scheme.pdb_seq_num 
_pdbx_poly_seq_scheme.auth_seq_num 
_pdbx_poly_seq_scheme.pdb_mon_id 
_pdbx_poly_seq_scheme.auth_mon_id 
_pdbx_poly_seq_scheme.pdb_strand_id 
_pdbx_poly_seq_scheme.pdb_ins_code 
_pdbx_poly_seq_scheme.hetero 
A 1 1  SER 1  1  1  SER SER M . n 
A 1 2  LEU 2  2  2  LEU LEU M . n 
A 1 3  VAL 3  3  3  VAL VAL M . n 
A 1 4  THR 4  4  4  THR THR M . n 
A 1 5  THR 5  5  5  THR THR M . n 
A 1 6  MET 6  6  6  MET MET M . n 
A 1 7  CYS 7  7  7  CYS CYS M . n 
A 1 8  LEU 8  8  8  LEU LEU M . n 
A 1 9  LEU 9  9  9  LEU LEU M . n 
A 1 10 ALA 10 10 10 ALA ALA M . n 
A 1 11 ASN 11 11 11 ASN ASN M . n 
A 1 12 VAL 12 12 12 VAL VAL M . n 
A 1 13 THR 13 13 13 THR THR M . n 
A 1 14 PHE 14 14 14 PHE PHE M . n 
A 1 15 PRO 15 15 15 PRO PRO M . n 
A 1 16 CYS 16 16 16 CYS CYS M . n 
A 1 17 ALA 17 17 17 ALA ALA M . n 
A 1 18 GLN 18 18 18 GLN GLN M . n 
A 1 19 PRO 19 19 19 PRO PRO M . n 
A 1 20 PRO 20 20 20 PRO PRO M . n 
A 1 21 ILE 21 21 21 ILE ILE M . n 
A 1 22 CYS 22 22 22 CYS CYS M . n 
A 1 23 TYR 23 23 23 TYR TYR M . n 
A 1 24 ASP 24 24 24 ASP ASP M . n 
A 1 25 ARG 25 25 25 ARG ARG M . n 
A 1 26 LYS 26 26 26 LYS LYS M . n 
A 1 27 PRO 27 27 27 PRO PRO M . n 
A 1 28 ALA 28 28 28 ALA ALA M . n 
A 1 29 GLU 29 29 29 GLU GLU M . n 
A 1 30 THR 30 30 30 THR THR M . n 
A 1 31 LEU 31 31 31 LEU LEU M . n 
A 1 32 ALA 32 32 32 ALA ALA M . n 
A 1 33 MET 33 33 33 MET MET M . n 
A 1 34 LEU 34 34 34 LEU LEU M . n 
A 1 35 SER 35 35 35 SER SER M . n 
A 1 36 VAL 36 36 36 VAL VAL M . n 
A 1 37 ASN 37 37 37 ASN ASN M . n 
A 1 38 VAL 38 38 38 VAL VAL M . n 
A 1 39 ASP 39 39 39 ASP ASP M . n 
A 1 40 ASN 40 40 40 ASN ASN M . n 
A 1 41 PRO 41 41 41 PRO PRO M . n 
A 1 42 GLY 42 42 42 GLY GLY M . n 
A 1 43 TYR 43 43 43 TYR TYR M . n 
A 1 44 ASP 44 44 44 ASP ASP M . n 
A 1 45 GLU 45 45 45 GLU GLU M . n 
A 1 46 LEU 46 46 46 LEU LEU M . n 
A 1 47 LEU 47 47 47 LEU LEU M . n 
A 1 48 GLU 48 48 48 GLU GLU M . n 
A 1 49 ALA 49 49 49 ALA ALA M . n 
A 1 50 ALA 50 50 50 ALA ALA M . n 
A 1 51 VAL 51 51 51 VAL VAL M . n 
A 1 52 LYS 52 52 52 LYS LYS M . n 
A 1 53 CYS 53 53 53 CYS CYS M . n 
A 1 54 PRO 54 54 54 PRO PRO M . n 
A 1 55 GLY 55 55 55 GLY GLY M . n 
A 1 56 ARG 56 56 56 ARG ARG M . n 
A 1 57 LYS 57 57 57 LYS LYS M . n 
A 1 58 ARG 58 58 58 ARG ARG M . n 
A 1 59 ARG 59 59 59 ARG ARG M . n 
B 1 1  SER 1  1  1  SER SER N . n 
B 1 2  LEU 2  2  2  LEU LEU N . n 
B 1 3  VAL 3  3  3  VAL VAL N . n 
B 1 4  THR 4  4  4  THR THR N . n 
B 1 5  THR 5  5  5  THR THR N . n 
B 1 6  MET 6  6  6  MET MET N . n 
B 1 7  CYS 7  7  7  CYS CYS N . n 
B 1 8  LEU 8  8  8  LEU LEU N . n 
B 1 9  LEU 9  9  9  LEU LEU N . n 
B 1 10 ALA 10 10 10 ALA ALA N . n 
B 1 11 ASN 11 11 11 ASN ASN N . n 
B 1 12 VAL 12 12 12 VAL VAL N . n 
B 1 13 THR 13 13 13 THR THR N . n 
B 1 14 PHE 14 14 14 PHE PHE N . n 
B 1 15 PRO 15 15 15 PRO PRO N . n 
B 1 16 CYS 16 16 16 CYS CYS N . n 
B 1 17 ALA 17 17 17 ALA ALA N . n 
B 1 18 GLN 18 18 18 GLN GLN N . n 
B 1 19 PRO 19 19 19 PRO PRO N . n 
B 1 20 PRO 20 20 20 PRO PRO N . n 
B 1 21 ILE 21 21 21 ILE ILE N . n 
B 1 22 CYS 22 22 22 CYS CYS N . n 
B 1 23 TYR 23 23 23 TYR TYR N . n 
B 1 24 ASP 24 24 24 ASP ASP N . n 
B 1 25 ARG 25 25 25 ARG ARG N . n 
B 1 26 LYS 26 26 26 LYS LYS N . n 
B 1 27 PRO 27 27 27 PRO PRO N . n 
B 1 28 ALA 28 28 28 ALA ALA N . n 
B 1 29 GLU 29 29 29 GLU GLU N . n 
B 1 30 THR 30 30 30 THR THR N . n 
B 1 31 LEU 31 31 31 LEU LEU N . n 
B 1 32 ALA 32 32 32 ALA ALA N . n 
B 1 33 MET 33 33 33 MET MET N . n 
B 1 34 LEU 34 34 34 LEU LEU N . n 
B 1 35 SER 35 35 35 SER SER N . n 
B 1 36 VAL 36 36 36 VAL VAL N . n 
B 1 37 ASN 37 37 37 ASN ASN N . n 
B 1 38 VAL 38 38 38 VAL VAL N . n 
B 1 39 ASP 39 39 39 ASP ASP N . n 
B 1 40 ASN 40 40 40 ASN ASN N . n 
B 1 41 PRO 41 41 41 PRO PRO N . n 
B 1 42 GLY 42 42 42 GLY GLY N . n 
B 1 43 TYR 43 43 43 TYR TYR N . n 
B 1 44 ASP 44 44 44 ASP ASP N . n 
B 1 45 GLU 45 45 45 GLU GLU N . n 
B 1 46 LEU 46 46 46 LEU LEU N . n 
B 1 47 LEU 47 47 47 LEU LEU N . n 
B 1 48 GLU 48 48 48 GLU GLU N . n 
B 1 49 ALA 49 49 49 ALA ALA N . n 
B 1 50 ALA 50 50 50 ALA ALA N . n 
B 1 51 VAL 51 51 51 VAL VAL N . n 
B 1 52 LYS 52 52 52 LYS LYS N . n 
B 1 53 CYS 53 53 53 CYS CYS N . n 
B 1 54 PRO 54 54 54 PRO PRO N . n 
B 1 55 GLY 55 55 55 GLY GLY N . n 
B 1 56 ARG 56 56 56 ARG ARG N . n 
B 1 57 LYS 57 57 57 LYS LYS N . n 
B 1 58 ARG 58 58 58 ARG ARG N . n 
B 1 59 ARG 59 59 59 ARG ARG N . n 
C 1 1  SER 1  1  1  SER SER O . n 
C 1 2  LEU 2  2  2  LEU LEU O . n 
C 1 3  VAL 3  3  3  VAL VAL O . n 
C 1 4  THR 4  4  4  THR THR O . n 
C 1 5  THR 5  5  5  THR THR O . n 
C 1 6  MET 6  6  6  MET MET O . n 
C 1 7  CYS 7  7  7  CYS CYS O . n 
C 1 8  LEU 8  8  8  LEU LEU O . n 
C 1 9  LEU 9  9  9  LEU LEU O . n 
C 1 10 ALA 10 10 10 ALA ALA O . n 
C 1 11 ASN 11 11 11 ASN ASN O . n 
C 1 12 VAL 12 12 12 VAL VAL O . n 
C 1 13 THR 13 13 13 THR THR O . n 
C 1 14 PHE 14 14 14 PHE PHE O . n 
C 1 15 PRO 15 15 15 PRO PRO O . n 
C 1 16 CYS 16 16 16 CYS CYS O . n 
C 1 17 ALA 17 17 17 ALA ALA O . n 
C 1 18 GLN 18 18 18 GLN GLN O . n 
C 1 19 PRO 19 19 19 PRO PRO O . n 
C 1 20 PRO 20 20 20 PRO PRO O . n 
C 1 21 ILE 21 21 21 ILE ILE O . n 
C 1 22 CYS 22 22 22 CYS CYS O . n 
C 1 23 TYR 23 23 23 TYR TYR O . n 
C 1 24 ASP 24 24 24 ASP ASP O . n 
C 1 25 ARG 25 25 25 ARG ARG O . n 
C 1 26 LYS 26 26 26 LYS LYS O . n 
C 1 27 PRO 27 27 27 PRO PRO O . n 
C 1 28 ALA 28 28 28 ALA ALA O . n 
C 1 29 GLU 29 29 29 GLU GLU O . n 
C 1 30 THR 30 30 30 THR THR O . n 
C 1 31 LEU 31 31 31 LEU LEU O . n 
C 1 32 ALA 32 32 32 ALA ALA O . n 
C 1 33 MET 33 33 33 MET MET O . n 
C 1 34 LEU 34 34 34 LEU LEU O . n 
C 1 35 SER 35 35 35 SER SER O . n 
C 1 36 VAL 36 36 36 VAL VAL O . n 
C 1 37 ASN 37 37 37 ASN ASN O . n 
C 1 38 VAL 38 38 38 VAL VAL O . n 
C 1 39 ASP 39 39 39 ASP ASP O . n 
C 1 40 ASN 40 40 40 ASN ASN O . n 
C 1 41 PRO 41 41 41 PRO PRO O . n 
C 1 42 GLY 42 42 42 GLY GLY O . n 
C 1 43 TYR 43 43 43 TYR TYR O . n 
C 1 44 ASP 44 44 44 ASP ASP O . n 
C 1 45 GLU 45 45 45 GLU GLU O . n 
C 1 46 LEU 46 46 46 LEU LEU O . n 
C 1 47 LEU 47 47 47 LEU LEU O . n 
C 1 48 GLU 48 48 48 GLU GLU O . n 
C 1 49 ALA 49 49 49 ALA ALA O . n 
C 1 50 ALA 50 50 50 ALA ALA O . n 
C 1 51 VAL 51 51 51 VAL VAL O . n 
C 1 52 LYS 52 52 52 LYS LYS O . n 
C 1 53 CYS 53 53 53 CYS CYS O . n 
C 1 54 PRO 54 54 54 PRO PRO O . n 
C 1 55 GLY 55 55 55 GLY GLY O . n 
C 1 56 ARG 56 56 56 ARG ARG O . n 
C 1 57 LYS 57 57 57 LYS LYS O . n 
C 1 58 ARG 58 58 58 ARG ARG O . n 
C 1 59 ARG 59 59 59 ARG ARG O . n 
D 1 1  SER 1  1  1  SER SER P . n 
D 1 2  LEU 2  2  2  LEU LEU P . n 
D 1 3  VAL 3  3  3  VAL VAL P . n 
D 1 4  THR 4  4  4  THR THR P . n 
D 1 5  THR 5  5  5  THR THR P . n 
D 1 6  MET 6  6  6  MET MET P . n 
D 1 7  CYS 7  7  7  CYS CYS P . n 
D 1 8  LEU 8  8  8  LEU LEU P . n 
D 1 9  LEU 9  9  9  LEU LEU P . n 
D 1 10 ALA 10 10 10 ALA ALA P . n 
D 1 11 ASN 11 11 11 ASN ASN P . n 
D 1 12 VAL 12 12 12 VAL VAL P . n 
D 1 13 THR 13 13 13 THR THR P . n 
D 1 14 PHE 14 14 14 PHE PHE P . n 
D 1 15 PRO 15 15 15 PRO PRO P . n 
D 1 16 CYS 16 16 16 CYS CYS P . n 
D 1 17 ALA 17 17 17 ALA ALA P . n 
D 1 18 GLN 18 18 18 GLN GLN P . n 
D 1 19 PRO 19 19 19 PRO PRO P . n 
D 1 20 PRO 20 20 20 PRO PRO P . n 
D 1 21 ILE 21 21 21 ILE ILE P . n 
D 1 22 CYS 22 22 22 CYS CYS P . n 
D 1 23 TYR 23 23 23 TYR TYR P . n 
D 1 24 ASP 24 24 24 ASP ASP P . n 
D 1 25 ARG 25 25 25 ARG ARG P . n 
D 1 26 LYS 26 26 26 LYS LYS P . n 
D 1 27 PRO 27 27 27 PRO PRO P . n 
D 1 28 ALA 28 28 28 ALA ALA P . n 
D 1 29 GLU 29 29 29 GLU GLU P . n 
D 1 30 THR 30 30 30 THR THR P . n 
D 1 31 LEU 31 31 31 LEU LEU P . n 
D 1 32 ALA 32 32 32 ALA ALA P . n 
D 1 33 MET 33 33 33 MET MET P . n 
D 1 34 LEU 34 34 34 LEU LEU P . n 
D 1 35 SER 35 35 35 SER SER P . n 
D 1 36 VAL 36 36 36 VAL VAL P . n 
D 1 37 ASN 37 37 37 ASN ASN P . n 
D 1 38 VAL 38 38 38 VAL VAL P . n 
D 1 39 ASP 39 39 39 ASP ASP P . n 
D 1 40 ASN 40 40 40 ASN ASN P . n 
D 1 41 PRO 41 41 41 PRO PRO P . n 
D 1 42 GLY 42 42 42 GLY GLY P . n 
D 1 43 TYR 43 43 43 TYR TYR P . n 
D 1 44 ASP 44 44 44 ASP ASP P . n 
D 1 45 GLU 45 45 45 GLU GLU P . n 
D 1 46 LEU 46 46 46 LEU LEU P . n 
D 1 47 LEU 47 47 47 LEU LEU P . n 
D 1 48 GLU 48 48 48 GLU GLU P . n 
D 1 49 ALA 49 49 49 ALA ALA P . n 
D 1 50 ALA 50 50 50 ALA ALA P . n 
D 1 51 VAL 51 51 51 VAL VAL P . n 
D 1 52 LYS 52 52 52 LYS LYS P . n 
D 1 53 CYS 53 53 53 CYS CYS P . n 
D 1 54 PRO 54 54 54 PRO PRO P . n 
D 1 55 GLY 55 55 55 GLY GLY P . n 
D 1 56 ARG 56 56 56 ARG ARG P . n 
D 1 57 LYS 57 57 57 LYS LYS P . n 
D 1 58 ARG 58 58 58 ARG ARG P . n 
D 1 59 ARG 59 59 59 ARG ARG P . n 
# 
_cell.entry_id           3J0G 
_cell.length_a           1 
_cell.length_b           1 
_cell.length_c           1 
_cell.angle_alpha        90 
_cell.angle_beta         90 
_cell.angle_gamma        90 
_cell.Z_PDB              1 
_cell.pdbx_unique_axis   ? 
_cell.length_a_esd       ? 
_cell.length_b_esd       ? 
_cell.length_c_esd       ? 
_cell.angle_alpha_esd    ? 
_cell.angle_beta_esd     ? 
_cell.angle_gamma_esd    ? 
# 
_symmetry.entry_id                         3J0G 
_symmetry.space_group_name_H-M             'P 1' 
_symmetry.pdbx_full_space_group_name_H-M   ? 
_symmetry.cell_setting                     ? 
_symmetry.Int_Tables_number                1 
_symmetry.space_group_name_Hall            ? 
# 
_exptl.entry_id          3J0G 
_exptl.method            'ELECTRON MICROSCOPY' 
_exptl.crystals_number   ? 
# 
_exptl_crystal.id                    1 
_exptl_crystal.density_meas          ? 
_exptl_crystal.density_Matthews      ? 
_exptl_crystal.density_percent_sol   ? 
_exptl_crystal.description           ? 
# 
_diffrn.id                     1 
_diffrn.ambient_temp           ? 
_diffrn.ambient_temp_details   ? 
_diffrn.crystal_id             1 
# 
_refine_hist.pdbx_refine_id                   'ELECTRON MICROSCOPY' 
_refine_hist.cycle_id                         LAST 
_refine_hist.pdbx_number_atoms_protein        1800 
_refine_hist.pdbx_number_atoms_nucleic_acid   0 
_refine_hist.pdbx_number_atoms_ligand         0 
_refine_hist.number_atoms_solvent             0 
_refine_hist.number_atoms_total               1800 
_refine_hist.d_res_high                       . 
_refine_hist.d_res_low                        . 
# 
_struct.entry_id                  3J0G 
_struct.title                     
'Homology model of E3 protein of Venezuelan Equine Encephalitis Virus TC-83 strain fitted with a cryo-EM map' 
_struct.pdbx_model_details        ? 
_struct.pdbx_CASP_flag            ? 
_struct.pdbx_model_type_details   ? 
# 
_struct_keywords.entry_id        3J0G 
_struct_keywords.pdbx_keywords   VIRUS 
_struct_keywords.text            'alphavirus, bioweapon, VEEV, VIRUS' 
# 
loop_
_struct_asym.id 
_struct_asym.pdbx_blank_PDB_chainid_flag 
_struct_asym.pdbx_modified 
_struct_asym.entity_id 
_struct_asym.details 
A N N 1 ? 
B N N 1 ? 
C N N 1 ? 
D N N 1 ? 
# 
_struct_ref.id                         1 
_struct_ref.db_name                    UNP 
_struct_ref.db_code                    POLS_EEVV8 
_struct_ref.pdbx_db_accession          P05674 
_struct_ref.entity_id                  1 
_struct_ref.pdbx_seq_one_letter_code   SLVTTMCLLANVTFPCAQPPICYDRKPAETLAMLSVNVDNPGYDELLEAAVKCPGRKRR 
_struct_ref.pdbx_align_begin           276 
_struct_ref.pdbx_db_isoform            ? 
# 
loop_
_struct_ref_seq.align_id 
_struct_ref_seq.ref_id 
_struct_ref_seq.pdbx_PDB_id_code 
_struct_ref_seq.pdbx_strand_id 
_struct_ref_seq.seq_align_beg 
_struct_ref_seq.pdbx_seq_align_beg_ins_code 
_struct_ref_seq.seq_align_end 
_struct_ref_seq.pdbx_seq_align_end_ins_code 
_struct_ref_seq.pdbx_db_accession 
_struct_ref_seq.db_align_beg 
_struct_ref_seq.pdbx_db_align_beg_ins_code 
_struct_ref_seq.db_align_end 
_struct_ref_seq.pdbx_db_align_end_ins_code 
_struct_ref_seq.pdbx_auth_seq_align_beg 
_struct_ref_seq.pdbx_auth_seq_align_end 
1 1 3J0G M 1 ? 59 ? P05674 276 ? 334 ? 1 59 
2 1 3J0G N 1 ? 59 ? P05674 276 ? 334 ? 1 59 
3 1 3J0G O 1 ? 59 ? P05674 276 ? 334 ? 1 59 
4 1 3J0G P 1 ? 59 ? P05674 276 ? 334 ? 1 59 
# 
loop_
_pdbx_struct_assembly.id 
_pdbx_struct_assembly.details 
_pdbx_struct_assembly.method_details 
_pdbx_struct_assembly.oligomeric_details 
_pdbx_struct_assembly.oligomeric_count 
1 'complete icosahedral assembly'                ? 240-meric   240 
2 'icosahedral asymmetric unit'                  ? tetrameric  4   
3 'icosahedral pentamer'                         ? eicosameric 20  
4 'icosahedral 23 hexamer'                       ? 24-meric    24  
5 'icosahedral asymmetric unit, std point frame' ? tetrameric  4   
# 
loop_
_pdbx_struct_assembly_gen.assembly_id 
_pdbx_struct_assembly_gen.oper_expression 
_pdbx_struct_assembly_gen.asym_id_list 
1 '(1-60)'           A,B,C,D 
2 1                  A,B,C,D 
3 '(1-5)'            A,B,C,D 
4 '(1,2,6,10,23,24)' A,B,C,D 
5 P                  A,B,C,D 
# 
loop_
_pdbx_struct_oper_list.id 
_pdbx_struct_oper_list.type 
_pdbx_struct_oper_list.name 
_pdbx_struct_oper_list.symmetry_operation 
_pdbx_struct_oper_list.matrix[1][1] 
_pdbx_struct_oper_list.matrix[1][2] 
_pdbx_struct_oper_list.matrix[1][3] 
_pdbx_struct_oper_list.vector[1] 
_pdbx_struct_oper_list.matrix[2][1] 
_pdbx_struct_oper_list.matrix[2][2] 
_pdbx_struct_oper_list.matrix[2][3] 
_pdbx_struct_oper_list.vector[2] 
_pdbx_struct_oper_list.matrix[3][1] 
_pdbx_struct_oper_list.matrix[3][2] 
_pdbx_struct_oper_list.matrix[3][3] 
_pdbx_struct_oper_list.vector[3] 
P  'transform to point frame' ?     ?     -0.56509426 -0.37711105 -0.73379543 64.86530   0.75172050  -0.60186143 -0.26959060 78.28102  -0.33997758 -0.70395318 0.62359054  305.12550  
1  'identity operation'       1_555 x,y,z 1.00000000  0.00000000  0.00000000  0.00000    0.00000000  1.00000000  0.00000000  0.00000   0.00000000  0.00000000  1.00000000  0.00000    
2  'point symmetry operation' ?     ?     0.31678098  -0.43673617 -0.84196873 78.42185   0.30266393  0.88782322  -0.34664748 -34.69933 0.89891287  -0.14502224 0.41342979  -103.08254 
3  'point symmetry operation' ?     ?     -0.78869063 -0.40399003 -0.46342115 205.21113  0.05298437  0.70631738  -0.70590963 -6.03742  0.61250286  -0.58129839 -0.53566074 -70.17335  
4  'point symmetry operation' ?     ?     -0.78869062 0.05298437  0.61250287  205.14937  -0.40399003 0.70631738  -0.58129838 46.37593  -0.46342114 -0.70590964 -0.53566074 53.24819   
5  'point symmetry operation' ?     ?     0.31678097  0.30266394  0.89891288  78.32191   -0.43673616 0.88782322  -0.14502224 50.10726  -0.84196872 -0.34664748 0.41342980  96.61771   
6  'point symmetry operation' ?     ?     -0.76883050 0.47865659  -0.42401360 -44.38087  0.47865659  -0.00889984 -0.87795709 143.15149 -0.42401361 -0.87795710 -0.22226966 137.40337  
7  'point symmetry operation' ?     ?     -0.47983007 0.82222993  0.30610629  -77.57465  -0.64027129 -0.08962483 -0.76290239 271.49949 -0.59984644 -0.56205458 0.56945491  157.52808  
8  'point symmetry operation' ?     ?     0.37202118  0.89516175  0.24553145  -175.28885 -0.91573474 0.31069643  0.25475005  303.04008 0.15175676  -0.31961409 0.93531637  71.28906   
9  'point symmetry operation' ?     ?     0.60949378  0.59666277  -0.52202574 -202.48578 0.03294736  0.63883357  0.76863915  194.18522 0.79210592  -0.48568015 0.36970662  -2.13429   
10 'point symmetry operation' ?     ?     -0.09559133 0.33924842  -0.93582734 -121.58020 0.89472859  0.44131221  0.06858763  95.36864  0.43626026  -0.83075511 -0.34572089 38.72660   
11 'point symmetry operation' ?     ?     0.13016745  -0.90486317 -0.40531357 280.78167  -0.90486315 -0.27552563 0.32451238  478.51098 -0.40531357 0.32451237  -0.85464182 -285.35104 
12 'point symmetry operation' ?     ?     -0.59697646 -0.80142789 0.03650290  364.16854  -0.07832676 0.10350690  0.99153983  383.65892 -0.79842596 0.58906679  -0.12456444 -240.29819 
13 'point symmetry operation' ?     ?     -0.39886117 -0.45609880 0.79553985  341.39874  0.89782329  -0.01769136 0.44000038  271.71432 -0.18660946 0.88975328  0.41655254  -310.51204 
14 'point symmetry operation' ?     ?     0.45072473  -0.34610898 0.82283400  243.93936  0.67458080  -0.47162855 -0.56789721 297.38081 0.58462633  0.81103334  0.02090384  -398.95943 
15 'point symmetry operation' ?     ?     0.77768239  -0.62346061 0.08066578  206.47595  -0.43954070 -0.63097890 -0.63927272 425.18817 0.44945976  0.46169525  -0.76473748 -383.40908 
16 'point symmetry operation' ?     ?     -0.36133696 0.42620658  0.82932718  89.78077   0.42620657  -0.71557452 0.55344471  523.81678 0.82932717  0.55344473  0.07691148  -338.33911 
17 'point symmetry operation' ?     ?     0.76002556  0.41593413  0.49935955  -38.83418  0.41593412  -0.90170529 0.11801004  525.02016 0.49935954  0.11801003  -0.85832027 -300.43412 
18 'point symmetry operation' ?     ?     0.81553062  -0.03507292 -0.57765016 -45.13946  -0.03507292 -0.99932245 0.01115920  576.76227 -0.57765016 0.01115920  -0.81620816 -176.89045 
19 'point symmetry operation' ?     ?     -0.27152788 -0.30353815 -0.91331113 79.57862   -0.30353815 -0.87352240 0.38055645  607.53729 -0.91331112 0.38055645  0.14505028  -138.44125 
20 'point symmetry operation' ?     ?     -0.99887204 -0.01845174 -0.04375131 162.96390  -0.01845174 -0.69815653 0.71570733  574.81517 -0.04375131 0.71570734  0.69702857  -238.22201 
21 'point symmetry operation' ?     ?     -0.48824169 0.31893718  -0.81234176 -68.73249  -0.06085831 0.91611938  0.39625945  77.15752  0.87058389  0.24290812  -0.42787769 -314.14317 
22 'point symmetry operation' ?     ?     -0.78835936 0.61420026  -0.03532082 -34.34996  0.61420027  0.78246465  -0.10250422 -0.25125  -0.03532082 -0.10250423 -0.99410529 -210.19239 
23 'point symmetry operation' ?     ?     -0.09559132 0.89472861  0.43626028  -113.84594 0.33924842  0.44131220  -0.83075511 31.33087  -0.93582733 0.06858763  -0.34572088 -106.93059 
24 'point symmetry operation' ?     ?     0.63268055  0.77284158  -0.04930751 -197.35969 -0.50573972 0.36412313  -0.78207523 128.25847 -0.58646624 0.51974055  0.62123031  -147.06206 
25 'point symmetry operation' ?     ?     0.39000928  0.41698291  -0.82098601 -169.47804 -0.75301927 0.65757010  -0.02373854 156.58090 0.52995729  0.62747655  0.57045461  -275.12648 
26 'point symmetry operation' ?     ?     0.87248044  0.47666262  0.10756688  -113.02607 0.31727690  -0.38518235 -0.86658521 265.44971 -0.37163591 0.79020713  -0.48729809 -376.79962 
27 'point symmetry operation' ?     ?     0.51734704  0.02654879  -0.85536378 -72.23267  -0.79505812 -0.35486600 -0.49188688 393.02653 -0.31659852 0.93454015  -0.16248104 -383.13173 
28 'point symmetry operation' ?     ?     -0.59697646 -0.07832676 -0.79842598 55.59049   -0.80142787 0.10350690  0.58906679  393.69516 0.03650291  0.99153984  -0.12456443 -423.63893 
29 'point symmetry operation' ?     ?     -0.93053285 0.30697042  0.19969420  93.79616   0.30697042  0.35648059  0.88243456  266.53157 0.19969420  0.88243456  -0.42594774 -442.34164 
30 'point symmetry operation' ?     ?     -0.02235855 0.64997272  0.75962857  -10.41460  0.99836798  0.05445402  -0.01720785 187.27153 -0.05254947 0.75800411  -0.65012947 -413.39336 
31 'point symmetry operation' ?     ?     -0.02289454 0.09030160  0.99565127  178.59570  -0.99749377 -0.06875484 -0.01670113 385.36976 0.06694771  -0.99353832 0.09164939  168.63038  
32 'point symmetry operation' ?     ?     0.91508223  -0.05422085 0.39960558  71.03259   -0.35180952 0.37702150  0.85678752  311.25179 -0.19711564 -0.92461608 0.32593025  198.90820  
33 'point symmetry operation' ?     ?     0.63268053  -0.50573973 -0.58646626 103.48411  0.77284156  0.36412314  0.51974055  182.26001 -0.04930752 -0.78207523 0.62123031  181.93587  
34 'point symmetry operation' ?     ?     -0.47983008 -0.64027131 -0.59984645 231.10335  0.82222991  -0.08962482 -0.56205457 176.65667 0.30610627  -0.76290239 0.56945491  141.16856  
35 'point symmetry operation' ?     ?     -0.88499776 -0.27189750 0.37795596  277.52486  -0.27189750 -0.35715814 -0.89359376 302.18540 0.37795596  -0.89359376 0.24215590  132.94532  
36 'point symmetry operation' ?     ?     -0.36134421 -0.88590140 -0.29087640 329.34443  0.74107518  -0.46218219 0.48702689  417.50226 -0.56589569 -0.03957693 0.82352640  36.02563   
37 'point symmetry operation' ?     ?     -0.64406992 -0.58652820 0.49107904  361.73161  0.53266738  -0.80462015 -0.26239642 441.45219 0.54903498  0.09258015  0.83065607  -91.87086  
38 'point symmetry operation' ?     ?     0.05988724  -0.31066211 0.94863195  280.95291  -0.31066212 -0.90894225 -0.27805224 538.19322 0.94863194  -0.27805223 -0.15094499 -137.65313 
39 'point symmetry operation' ?     ?     0.77768239  -0.43954069 0.44945976  198.64175  -0.62346061 -0.63097889 0.46169524  574.03253 0.08066577  -0.63927273 -0.76473749 -38.05164  
40 'point symmetry operation' ?     ?     0.51734704  -0.79505813 -0.31659853 228.54935  0.02654879  -0.35486599 0.93454014  499.44142 -0.85536379 -0.49188689 -0.16248105 69.28774   
41 'point symmetry operation' ?     ?     -0.48824168 -0.06085831 0.87058390  244.62559  0.31893719  0.91611938  0.24290812  27.54377  -0.81234175 0.39625944  -0.42787769 -220.82353 
42 'point symmetry operation' ?     ?     0.60949378  0.03294736  0.79210593  118.70651  0.59666277  0.63883357  -0.48568015 -4.27290  -0.52202573 0.76863914  0.36970663  -254.17209 
43 'point symmetry operation' ?     ?     0.91508223  -0.35180953 -0.19711563 83.70860   -0.05422085 0.37702150  -0.92461607 70.41655  0.39960557  0.85678753  0.32593027  -359.89188 
44 'point symmetry operation' ?     ?     0.00621080  -0.68340803 -0.73001022 187.99778  -0.73421462 0.49249854  -0.46730511 148.39384 0.67888903  0.53888652  -0.49870934 -391.88174 
45 'point symmetry operation' ?     ?     -0.86109107 -0.50359029 -0.07013562 287.44995  -0.50359027 0.82567935  0.25426452  121.89700 -0.07013560 0.25426450  -0.96458828 -305.93277 
46 'point symmetry operation' ?     ?     -0.02289455 -0.99749378 0.06694771  377.20339  0.09030160  -0.06875484 -0.99353832 177.90931 0.99565127  -0.01670112 0.09164940  -186.83780 
47 'point symmetry operation' ?     ?     -0.24897779 -0.88530818 0.39273337  403.11918  -0.88530816 0.04360504  -0.46295577 289.79313 0.39273337  -0.46295577 -0.79462725 -117.62492 
48 'point symmetry operation' ?     ?     0.00621081  -0.73421462 0.67888903  373.82952  -0.68340800 0.49249854  0.53888651  266.57522 -0.73001021 -0.46730514 -0.49870935 11.15042   
49 'point symmetry operation' ?     ?     0.39000927  -0.75301929 0.52995729  329.81173  0.41698291  0.65757011  0.62747654  140.34193 -0.82098601 -0.02373854 0.57045461  21.52507   
50 'point symmetry operation' ?     ?     0.37202117  -0.91573476 0.15175675  331.89690  0.89516174  0.31069645  -0.31961409 85.54339  0.24553145  0.25475006  0.93531638  -100.83838 
51 'point symmetry operation' ?     ?     -0.36134421 0.74107518  -0.56589569 -170.00711 -0.88590139 -0.46218220 -0.03957694 486.15458 -0.29087639 0.48702689  0.82352640  -137.20437 
52 'point symmetry operation' ?     ?     -0.39886117 0.89782330  -0.18660946 -165.72524 -0.45609881 -0.01769137 0.88975328  436.79766 0.79553985  0.44000039  0.41655254  -261.80613 
53 'point symmetry operation' ?     ?     -0.02235855 0.99836800  -0.05254946 -208.92236 0.64997271  0.05445403  0.75800411  309.92539 0.75962857  -0.01720784 -0.65012947 -257.62544 
54 'point symmetry operation' ?     ?     0.24784983  0.90375992  -0.34898206 -239.90152 0.90375991  -0.34544850 -0.25275156 280.87094 -0.34898206 -0.25275156 -0.90240134 -130.43986 
55 'point symmetry operation' ?     ?     0.03834517  0.74474421  -0.66624748 -215.85058 -0.04546248 -0.66474725 -0.74568376 389.78657 -0.99822983 0.05888264  0.00836809  -56.01554  
56 'point symmetry operation' ?     ?     0.87248043  0.31727691  -0.37163592 -125.64030 0.47666261  -0.38518234 0.79020713  453.87159 0.10756688  -0.86658521 -0.48729810 58.57891   
57 'point symmetry operation' ?     ?     0.03834517  -0.04546249 -0.99822984 -29.91889  0.74474421  -0.66474723 0.05888264  423.16136 -0.66624748 -0.74568376 0.00836807  147.31636  
58 'point symmetry operation' ?     ?     -0.89893449 0.08765615  -0.42922393 77.56580   0.08765615  -0.92397406 -0.37227455 498.56209 -0.42922393 -0.37227455 0.82290855  120.08012  
59 'point symmetry operation' ?     ?     -0.64406991 0.53266739  0.54903498  48.27358   -0.58652820 -0.80462015 0.09258014  575.87253 0.49107903  -0.26239641 0.83065607  14.50975   
60 'point symmetry operation' ?     ?     0.45072473  0.67458083  0.58462634  -77.31470  -0.34610899 -0.47162855 0.81103333  548.25228 0.82283399  -0.56789720 0.02090382  -23.50009 
# 
loop_
_struct_conf.conf_type_id 
_struct_conf.id 
_struct_conf.pdbx_PDB_helix_id 
_struct_conf.beg_label_comp_id 
_struct_conf.beg_label_asym_id 
_struct_conf.beg_label_seq_id 
_struct_conf.pdbx_beg_PDB_ins_code 
_struct_conf.end_label_comp_id 
_struct_conf.end_label_asym_id 
_struct_conf.end_label_seq_id 
_struct_conf.pdbx_end_PDB_ins_code 
_struct_conf.beg_auth_comp_id 
_struct_conf.beg_auth_asym_id 
_struct_conf.beg_auth_seq_id 
_struct_conf.end_auth_comp_id 
_struct_conf.end_auth_asym_id 
_struct_conf.end_auth_seq_id 
_struct_conf.pdbx_PDB_helix_class 
_struct_conf.details 
_struct_conf.pdbx_PDB_helix_length 
HELX_P HELX_P1 1 LYS A 26 ? ASN A 37 ? LYS M 26 ASN M 37 1 ? 12 
HELX_P HELX_P2 2 GLY A 42 ? LYS A 52 ? GLY M 42 LYS M 52 1 ? 11 
HELX_P HELX_P3 3 LYS B 26 ? ASN B 37 ? LYS N 26 ASN N 37 1 ? 12 
HELX_P HELX_P4 4 GLY B 42 ? LYS B 52 ? GLY N 42 LYS N 52 1 ? 11 
HELX_P HELX_P5 5 LYS C 26 ? ASN C 37 ? LYS O 26 ASN O 37 1 ? 12 
HELX_P HELX_P6 6 GLY C 42 ? LYS C 52 ? GLY O 42 LYS O 52 1 ? 11 
HELX_P HELX_P7 7 LYS D 26 ? ASN D 37 ? LYS P 26 ASN P 37 1 ? 12 
HELX_P HELX_P8 8 GLY D 42 ? LYS D 52 ? GLY P 42 LYS P 52 1 ? 11 
# 
_struct_conf_type.id          HELX_P 
_struct_conf_type.criteria    ? 
_struct_conf_type.reference   ? 
# 
loop_
_struct_conn.id 
_struct_conn.conn_type_id 
_struct_conn.pdbx_leaving_atom_flag 
_struct_conn.pdbx_PDB_id 
_struct_conn.ptnr1_label_asym_id 
_struct_conn.ptnr1_label_comp_id 
_struct_conn.ptnr1_label_seq_id 
_struct_conn.ptnr1_label_atom_id 
_struct_conn.pdbx_ptnr1_label_alt_id 
_struct_conn.pdbx_ptnr1_PDB_ins_code 
_struct_conn.pdbx_ptnr1_standard_comp_id 
_struct_conn.ptnr1_symmetry 
_struct_conn.ptnr2_label_asym_id 
_struct_conn.ptnr2_label_comp_id 
_struct_conn.ptnr2_label_seq_id 
_struct_conn.ptnr2_label_atom_id 
_struct_conn.pdbx_ptnr2_label_alt_id 
_struct_conn.pdbx_ptnr2_PDB_ins_code 
_struct_conn.ptnr1_auth_asym_id 
_struct_conn.ptnr1_auth_comp_id 
_struct_conn.ptnr1_auth_seq_id 
_struct_conn.ptnr2_auth_asym_id 
_struct_conn.ptnr2_auth_comp_id 
_struct_conn.ptnr2_auth_seq_id 
_struct_conn.ptnr2_symmetry 
_struct_conn.pdbx_ptnr3_label_atom_id 
_struct_conn.pdbx_ptnr3_label_seq_id 
_struct_conn.pdbx_ptnr3_label_comp_id 
_struct_conn.pdbx_ptnr3_label_asym_id 
_struct_conn.pdbx_ptnr3_label_alt_id 
_struct_conn.pdbx_ptnr3_PDB_ins_code 
_struct_conn.details 
_struct_conn.pdbx_dist_value 
_struct_conn.pdbx_value_order 
_struct_conn.pdbx_role 
disulf1 disulf ? ? A CYS 7 SG ? ? ? 1_555 A CYS 16 SG ? ? M CYS 7 M CYS 16 1_555 ? ? ? ? ? ? ? 2.033 ? ? 
disulf2 disulf ? ? B CYS 7 SG ? ? ? 1_555 B CYS 16 SG ? ? N CYS 7 N CYS 16 1_555 ? ? ? ? ? ? ? 2.033 ? ? 
disulf3 disulf ? ? C CYS 7 SG ? ? ? 1_555 C CYS 16 SG ? ? O CYS 7 O CYS 16 1_555 ? ? ? ? ? ? ? 2.032 ? ? 
disulf4 disulf ? ? D CYS 7 SG ? ? ? 1_555 D CYS 16 SG ? ? P CYS 7 P CYS 16 1_555 ? ? ? ? ? ? ? 2.032 ? ? 
# 
_struct_conn_type.id          disulf 
_struct_conn_type.criteria    ? 
_struct_conn_type.reference   ? 
# 
loop_
_pdbx_modification_feature.ordinal 
_pdbx_modification_feature.label_comp_id 
_pdbx_modification_feature.label_asym_id 
_pdbx_modification_feature.label_seq_id 
_pdbx_modification_feature.label_alt_id 
_pdbx_modification_feature.modified_residue_label_comp_id 
_pdbx_modification_feature.modified_residue_label_asym_id 
_pdbx_modification_feature.modified_residue_label_seq_id 
_pdbx_modification_feature.modified_residue_label_alt_id 
_pdbx_modification_feature.auth_comp_id 
_pdbx_modification_feature.auth_asym_id 
_pdbx_modification_feature.auth_seq_id 
_pdbx_modification_feature.PDB_ins_code 
_pdbx_modification_feature.symmetry 
_pdbx_modification_feature.modified_residue_auth_comp_id 
_pdbx_modification_feature.modified_residue_auth_asym_id 
_pdbx_modification_feature.modified_residue_auth_seq_id 
_pdbx_modification_feature.modified_residue_PDB_ins_code 
_pdbx_modification_feature.modified_residue_symmetry 
_pdbx_modification_feature.comp_id_linking_atom 
_pdbx_modification_feature.modified_residue_id_linking_atom 
_pdbx_modification_feature.modified_residue_id 
_pdbx_modification_feature.ref_pcm_id 
_pdbx_modification_feature.ref_comp_id 
_pdbx_modification_feature.type 
_pdbx_modification_feature.category 
1 CYS A 7 ? CYS A 16 ? CYS M 7 ? 1_555 CYS M 16 ? 1_555 SG SG . . . None 'Disulfide bridge' 
2 CYS B 7 ? CYS B 16 ? CYS N 7 ? 1_555 CYS N 16 ? 1_555 SG SG . . . None 'Disulfide bridge' 
3 CYS C 7 ? CYS C 16 ? CYS O 7 ? 1_555 CYS O 16 ? 1_555 SG SG . . . None 'Disulfide bridge' 
4 CYS D 7 ? CYS D 16 ? CYS P 7 ? 1_555 CYS P 16 ? 1_555 SG SG . . . None 'Disulfide bridge' 
# 
loop_
_struct_sheet.id 
_struct_sheet.type 
_struct_sheet.number_strands 
_struct_sheet.details 
A ? 2 ? 
B ? 2 ? 
C ? 2 ? 
D ? 2 ? 
# 
loop_
_struct_sheet_order.sheet_id 
_struct_sheet_order.range_id_1 
_struct_sheet_order.range_id_2 
_struct_sheet_order.offset 
_struct_sheet_order.sense 
A 1 2 ? anti-parallel 
B 1 2 ? anti-parallel 
C 1 2 ? anti-parallel 
D 1 2 ? anti-parallel 
# 
loop_
_struct_sheet_range.sheet_id 
_struct_sheet_range.id 
_struct_sheet_range.beg_label_comp_id 
_struct_sheet_range.beg_label_asym_id 
_struct_sheet_range.beg_label_seq_id 
_struct_sheet_range.pdbx_beg_PDB_ins_code 
_struct_sheet_range.end_label_comp_id 
_struct_sheet_range.end_label_asym_id 
_struct_sheet_range.end_label_seq_id 
_struct_sheet_range.pdbx_end_PDB_ins_code 
_struct_sheet_range.beg_auth_comp_id 
_struct_sheet_range.beg_auth_asym_id 
_struct_sheet_range.beg_auth_seq_id 
_struct_sheet_range.end_auth_comp_id 
_struct_sheet_range.end_auth_asym_id 
_struct_sheet_range.end_auth_seq_id 
A 1 MET A 6  ? LEU A 9  ? MET M 6  LEU M 9  
A 2 VAL A 12 ? PRO A 15 ? VAL M 12 PRO M 15 
B 1 MET B 6  ? LEU B 9  ? MET N 6  LEU N 9  
B 2 VAL B 12 ? PRO B 15 ? VAL N 12 PRO N 15 
C 1 MET C 6  ? LEU C 9  ? MET O 6  LEU O 9  
C 2 VAL C 12 ? PRO C 15 ? VAL O 12 PRO O 15 
D 1 MET D 6  ? LEU D 9  ? MET P 6  LEU P 9  
D 2 VAL D 12 ? PRO D 15 ? VAL P 12 PRO P 15 
# 
loop_
_pdbx_struct_sheet_hbond.sheet_id 
_pdbx_struct_sheet_hbond.range_id_1 
_pdbx_struct_sheet_hbond.range_id_2 
_pdbx_struct_sheet_hbond.range_1_label_atom_id 
_pdbx_struct_sheet_hbond.range_1_label_comp_id 
_pdbx_struct_sheet_hbond.range_1_label_asym_id 
_pdbx_struct_sheet_hbond.range_1_label_seq_id 
_pdbx_struct_sheet_hbond.range_1_PDB_ins_code 
_pdbx_struct_sheet_hbond.range_1_auth_atom_id 
_pdbx_struct_sheet_hbond.range_1_auth_comp_id 
_pdbx_struct_sheet_hbond.range_1_auth_asym_id 
_pdbx_struct_sheet_hbond.range_1_auth_seq_id 
_pdbx_struct_sheet_hbond.range_2_label_atom_id 
_pdbx_struct_sheet_hbond.range_2_label_comp_id 
_pdbx_struct_sheet_hbond.range_2_label_asym_id 
_pdbx_struct_sheet_hbond.range_2_label_seq_id 
_pdbx_struct_sheet_hbond.range_2_PDB_ins_code 
_pdbx_struct_sheet_hbond.range_2_auth_atom_id 
_pdbx_struct_sheet_hbond.range_2_auth_comp_id 
_pdbx_struct_sheet_hbond.range_2_auth_asym_id 
_pdbx_struct_sheet_hbond.range_2_auth_seq_id 
A 1 2 N CYS A 7 ? N CYS M 7 O PHE A 14 ? O PHE M 14 
B 1 2 N CYS B 7 ? N CYS N 7 O PHE B 14 ? O PHE N 14 
C 1 2 N CYS C 7 ? N CYS O 7 O PHE C 14 ? O PHE O 14 
D 1 2 N CYS D 7 ? N CYS P 7 O PHE D 14 ? O PHE P 14 
# 
_pdbx_entry_details.entry_id                   3J0G 
_pdbx_entry_details.compound_details           ? 
_pdbx_entry_details.source_details             ? 
_pdbx_entry_details.nonpolymer_details         ? 
_pdbx_entry_details.sequence_details           ? 
_pdbx_entry_details.has_ligand_of_interest     ? 
_pdbx_entry_details.has_protein_modification   Y 
# 
loop_
_pdbx_validate_rmsd_angle.id 
_pdbx_validate_rmsd_angle.PDB_model_num 
_pdbx_validate_rmsd_angle.auth_atom_id_1 
_pdbx_validate_rmsd_angle.auth_asym_id_1 
_pdbx_validate_rmsd_angle.auth_comp_id_1 
_pdbx_validate_rmsd_angle.auth_seq_id_1 
_pdbx_validate_rmsd_angle.PDB_ins_code_1 
_pdbx_validate_rmsd_angle.label_alt_id_1 
_pdbx_validate_rmsd_angle.auth_atom_id_2 
_pdbx_validate_rmsd_angle.auth_asym_id_2 
_pdbx_validate_rmsd_angle.auth_comp_id_2 
_pdbx_validate_rmsd_angle.auth_seq_id_2 
_pdbx_validate_rmsd_angle.PDB_ins_code_2 
_pdbx_validate_rmsd_angle.label_alt_id_2 
_pdbx_validate_rmsd_angle.auth_atom_id_3 
_pdbx_validate_rmsd_angle.auth_asym_id_3 
_pdbx_validate_rmsd_angle.auth_comp_id_3 
_pdbx_validate_rmsd_angle.auth_seq_id_3 
_pdbx_validate_rmsd_angle.PDB_ins_code_3 
_pdbx_validate_rmsd_angle.label_alt_id_3 
_pdbx_validate_rmsd_angle.angle_value 
_pdbx_validate_rmsd_angle.angle_target_value 
_pdbx_validate_rmsd_angle.angle_deviation 
_pdbx_validate_rmsd_angle.angle_standard_deviation 
_pdbx_validate_rmsd_angle.linker_flag 
1 1 C M CYS 53 ? ? N M PRO 54 ? ? CA M PRO 54 ? ? 128.75 119.30 9.45 1.50 Y 
2 1 C N CYS 53 ? ? N N PRO 54 ? ? CA N PRO 54 ? ? 128.78 119.30 9.48 1.50 Y 
3 1 C O CYS 53 ? ? N O PRO 54 ? ? CA O PRO 54 ? ? 128.81 119.30 9.51 1.50 Y 
4 1 C P CYS 53 ? ? N P PRO 54 ? ? CA P PRO 54 ? ? 128.75 119.30 9.45 1.50 Y 
# 
loop_
_pdbx_validate_torsion.id 
_pdbx_validate_torsion.PDB_model_num 
_pdbx_validate_torsion.auth_comp_id 
_pdbx_validate_torsion.auth_asym_id 
_pdbx_validate_torsion.auth_seq_id 
_pdbx_validate_torsion.PDB_ins_code 
_pdbx_validate_torsion.label_alt_id 
_pdbx_validate_torsion.phi 
_pdbx_validate_torsion.psi 
1 1 ALA M 10 ? ? 64.48 -155.39 
2 1 ALA N 10 ? ? 64.52 -155.40 
3 1 ALA O 10 ? ? 64.56 -155.39 
4 1 ALA P 10 ? ? 64.48 -155.42 
# 
_pdbx_point_symmetry.entry_id             3J0G 
_pdbx_point_symmetry.Schoenflies_symbol   I 
_pdbx_point_symmetry.circular_symmetry    ? 
_pdbx_point_symmetry.H-M_notation         ? 
# 
_em_3d_fitting.id                1 
_em_3d_fitting.entry_id          3J0G 
_em_3d_fitting.ref_protocol      'RIGID BODY FIT' 
_em_3d_fitting.ref_space         REAL 
_em_3d_fitting.overall_b_value   ? 
_em_3d_fitting.target_criteria   ? 
_em_3d_fitting.details           
;METHOD--rigid-body fitting DETAILS--The E3 homology model was not further 
refined against the cryo-EM density map due to its less-resolved quality
;
_em_3d_fitting.method            ? 
# 
_em_3d_fitting_list.3d_fitting_id                 1 
_em_3d_fitting_list.id                            1 
_em_3d_fitting_list.pdb_entry_id                  3N40 
_em_3d_fitting_list.pdb_chain_id                  ? 
_em_3d_fitting_list.details                       ? 
_em_3d_fitting_list.initial_refinement_model_id   1 
_em_3d_fitting_list.chain_id                      ? 
_em_3d_fitting_list.chain_residue_range           ? 
_em_3d_fitting_list.pdb_chain_residue_range       ? 
_em_3d_fitting_list.source_name                   PDB 
_em_3d_fitting_list.type                          'experimental model' 
_em_3d_fitting_list.accession_code                3N40 
# 
_em_3d_reconstruction.entry_id                    3J0G 
_em_3d_reconstruction.id                          1 
_em_3d_reconstruction.symmetry_type               POINT 
_em_3d_reconstruction.image_processing_id         1 
_em_3d_reconstruction.method                      'projection matching' 
_em_3d_reconstruction.nominal_pixel_size          1.07 
_em_3d_reconstruction.actual_pixel_size           ? 
_em_3d_reconstruction.resolution                  4.8 
_em_3d_reconstruction.magnification_calibration   ? 
_em_3d_reconstruction.details                     
;After each iteration, the non-icosahedral parts (which included the lipids and the RNA) in the reconstruction were removed by a soft-edged mask derived from an icosahedrally organized, protein-only map that was low-pass filtered to 30 Angstroms.  This map then served as the reference model for the next iteration.
;
_em_3d_reconstruction.resolution_method           ? 
_em_3d_reconstruction.num_class_averages          3328 
_em_3d_reconstruction.num_particles               37000 
_em_3d_reconstruction.algorithm                   ? 
# 
_em_buffer.id            1 
_em_buffer.specimen_id   1 
_em_buffer.name          'TEN buffer' 
_em_buffer.pH            7.4 
_em_buffer.details       'TEN buffer' 
# 
_em_entity_assembly.id                   1 
_em_entity_assembly.name                 
'Venezuelan Equine Encephalitis Virus TC83 strain E3 protein that is cleaved from p62 protein' 
_em_entity_assembly.type                 VIRUS 
_em_entity_assembly.parent_id            0 
_em_entity_assembly.synonym              ? 
_em_entity_assembly.details              'The virus contains 240 copies of E1, E2, E3 and capsid proteins' 
_em_entity_assembly.entity_id_list       ? 
_em_entity_assembly.source               ? 
_em_entity_assembly.oligomeric_details   ? 
# 
_em_imaging.entry_id                        3J0G 
_em_imaging.id                              1 
_em_imaging.specimen_holder_model           'JEOL 3200FSC CRYOHOLDER' 
_em_imaging.specimen_id                     1 
_em_imaging.date                            2008-04-09 
_em_imaging.temperature                     96 
_em_imaging.microscope_model                'JEOL 3200FSC' 
_em_imaging.nominal_defocus_min             400 
_em_imaging.nominal_defocus_max             2500 
_em_imaging.tilt_angle_min                  0.0 
_em_imaging.tilt_angle_max                  0.0 
_em_imaging.nominal_cs                      4.3 
_em_imaging.mode                            'BRIGHT FIELD' 
_em_imaging.illumination_mode               'FLOOD BEAM' 
_em_imaging.nominal_magnification           100000 
_em_imaging.calibrated_magnification        ? 
_em_imaging.electron_source                 'FIELD EMISSION GUN' 
_em_imaging.accelerating_voltage            300 
_em_imaging.details                         'omega energy filter' 
_em_imaging.specimen_holder_type            Eucentric 
_em_imaging.citation_id                     ? 
_em_imaging.detector_distance               ? 
_em_imaging.recording_temperature_maximum   ? 
_em_imaging.recording_temperature_minimum   ? 
_em_imaging.astigmatism                     'objective lens astigmatism was corrected at 100,000 times magnification' 
_em_imaging.electron_beam_tilt_params       ? 
# 
_em_sample_support.id               1 
_em_sample_support.specimen_id      1 
_em_sample_support.details          
'two of the eight grids used for imaging contained continuous carbon film underneath the samples' 
_em_sample_support.film_material    ? 
_em_sample_support.grid_material    ? 
_em_sample_support.grid_mesh_size   ? 
_em_sample_support.grid_type        ? 
_em_sample_support.method           ? 
# 
_em_virus_entity.id                    1 
_em_virus_entity.virus_host_category   VERTEBRATES 
_em_virus_entity.entity_assembly_id    1 
_em_virus_entity.virus_type            VIRION 
_em_virus_entity.virus_isolate         STRAIN 
_em_virus_entity.empty                 NO 
_em_virus_entity.enveloped             YES 
_em_virus_entity.details               ? 
# 
_em_vitrification.entry_id              3J0G 
_em_vitrification.id                    1 
_em_vitrification.details               'vitrification carried out in Chiu lab, Houston, TX' 
_em_vitrification.citation_id           ? 
_em_vitrification.cryogen_name          ETHANE 
_em_vitrification.humidity              100 
_em_vitrification.instrument            'FEI VITROBOT MARK I' 
_em_vitrification.method                '2 blots, each blot 2 second before plunging, offset = 0' 
_em_vitrification.specimen_id           1 
_em_vitrification.temp                  89.34 
_em_vitrification.time_resolved_state   ? 
_em_vitrification.chamber_temperature   ? 
# 
_em_experiment.entry_id                3J0G 
_em_experiment.id                      1 
_em_experiment.aggregation_state       PARTICLE 
_em_experiment.entity_assembly_id      1 
_em_experiment.reconstruction_method   'SINGLE PARTICLE' 
# 
_em_single_particle_entity.entry_id              3J0G 
_em_single_particle_entity.id                    1 
_em_single_particle_entity.point_symmetry        I 
_em_single_particle_entity.image_processing_id   1 
# 
loop_
_chem_comp_atom.comp_id 
_chem_comp_atom.atom_id 
_chem_comp_atom.type_symbol 
_chem_comp_atom.pdbx_aromatic_flag 
_chem_comp_atom.pdbx_stereo_config 
_chem_comp_atom.pdbx_ordinal 
ALA N    N N N 1   
ALA CA   C N S 2   
ALA C    C N N 3   
ALA O    O N N 4   
ALA CB   C N N 5   
ALA OXT  O N N 6   
ALA H    H N N 7   
ALA H2   H N N 8   
ALA HA   H N N 9   
ALA HB1  H N N 10  
ALA HB2  H N N 11  
ALA HB3  H N N 12  
ALA HXT  H N N 13  
ARG N    N N N 14  
ARG CA   C N S 15  
ARG C    C N N 16  
ARG O    O N N 17  
ARG CB   C N N 18  
ARG CG   C N N 19  
ARG CD   C N N 20  
ARG NE   N N N 21  
ARG CZ   C N N 22  
ARG NH1  N N N 23  
ARG NH2  N N N 24  
ARG OXT  O N N 25  
ARG H    H N N 26  
ARG H2   H N N 27  
ARG HA   H N N 28  
ARG HB2  H N N 29  
ARG HB3  H N N 30  
ARG HG2  H N N 31  
ARG HG3  H N N 32  
ARG HD2  H N N 33  
ARG HD3  H N N 34  
ARG HE   H N N 35  
ARG HH11 H N N 36  
ARG HH12 H N N 37  
ARG HH21 H N N 38  
ARG HH22 H N N 39  
ARG HXT  H N N 40  
ASN N    N N N 41  
ASN CA   C N S 42  
ASN C    C N N 43  
ASN O    O N N 44  
ASN CB   C N N 45  
ASN CG   C N N 46  
ASN OD1  O N N 47  
ASN ND2  N N N 48  
ASN OXT  O N N 49  
ASN H    H N N 50  
ASN H2   H N N 51  
ASN HA   H N N 52  
ASN HB2  H N N 53  
ASN HB3  H N N 54  
ASN HD21 H N N 55  
ASN HD22 H N N 56  
ASN HXT  H N N 57  
ASP N    N N N 58  
ASP CA   C N S 59  
ASP C    C N N 60  
ASP O    O N N 61  
ASP CB   C N N 62  
ASP CG   C N N 63  
ASP OD1  O N N 64  
ASP OD2  O N N 65  
ASP OXT  O N N 66  
ASP H    H N N 67  
ASP H2   H N N 68  
ASP HA   H N N 69  
ASP HB2  H N N 70  
ASP HB3  H N N 71  
ASP HD2  H N N 72  
ASP HXT  H N N 73  
CYS N    N N N 74  
CYS CA   C N R 75  
CYS C    C N N 76  
CYS O    O N N 77  
CYS CB   C N N 78  
CYS SG   S N N 79  
CYS OXT  O N N 80  
CYS H    H N N 81  
CYS H2   H N N 82  
CYS HA   H N N 83  
CYS HB2  H N N 84  
CYS HB3  H N N 85  
CYS HG   H N N 86  
CYS HXT  H N N 87  
GLN N    N N N 88  
GLN CA   C N S 89  
GLN C    C N N 90  
GLN O    O N N 91  
GLN CB   C N N 92  
GLN CG   C N N 93  
GLN CD   C N N 94  
GLN OE1  O N N 95  
GLN NE2  N N N 96  
GLN OXT  O N N 97  
GLN H    H N N 98  
GLN H2   H N N 99  
GLN HA   H N N 100 
GLN HB2  H N N 101 
GLN HB3  H N N 102 
GLN HG2  H N N 103 
GLN HG3  H N N 104 
GLN HE21 H N N 105 
GLN HE22 H N N 106 
GLN HXT  H N N 107 
GLU N    N N N 108 
GLU CA   C N S 109 
GLU C    C N N 110 
GLU O    O N N 111 
GLU CB   C N N 112 
GLU CG   C N N 113 
GLU CD   C N N 114 
GLU OE1  O N N 115 
GLU OE2  O N N 116 
GLU OXT  O N N 117 
GLU H    H N N 118 
GLU H2   H N N 119 
GLU HA   H N N 120 
GLU HB2  H N N 121 
GLU HB3  H N N 122 
GLU HG2  H N N 123 
GLU HG3  H N N 124 
GLU HE2  H N N 125 
GLU HXT  H N N 126 
GLY N    N N N 127 
GLY CA   C N N 128 
GLY C    C N N 129 
GLY O    O N N 130 
GLY OXT  O N N 131 
GLY H    H N N 132 
GLY H2   H N N 133 
GLY HA2  H N N 134 
GLY HA3  H N N 135 
GLY HXT  H N N 136 
ILE N    N N N 137 
ILE CA   C N S 138 
ILE C    C N N 139 
ILE O    O N N 140 
ILE CB   C N S 141 
ILE CG1  C N N 142 
ILE CG2  C N N 143 
ILE CD1  C N N 144 
ILE OXT  O N N 145 
ILE H    H N N 146 
ILE H2   H N N 147 
ILE HA   H N N 148 
ILE HB   H N N 149 
ILE HG12 H N N 150 
ILE HG13 H N N 151 
ILE HG21 H N N 152 
ILE HG22 H N N 153 
ILE HG23 H N N 154 
ILE HD11 H N N 155 
ILE HD12 H N N 156 
ILE HD13 H N N 157 
ILE HXT  H N N 158 
LEU N    N N N 159 
LEU CA   C N S 160 
LEU C    C N N 161 
LEU O    O N N 162 
LEU CB   C N N 163 
LEU CG   C N N 164 
LEU CD1  C N N 165 
LEU CD2  C N N 166 
LEU OXT  O N N 167 
LEU H    H N N 168 
LEU H2   H N N 169 
LEU HA   H N N 170 
LEU HB2  H N N 171 
LEU HB3  H N N 172 
LEU HG   H N N 173 
LEU HD11 H N N 174 
LEU HD12 H N N 175 
LEU HD13 H N N 176 
LEU HD21 H N N 177 
LEU HD22 H N N 178 
LEU HD23 H N N 179 
LEU HXT  H N N 180 
LYS N    N N N 181 
LYS CA   C N S 182 
LYS C    C N N 183 
LYS O    O N N 184 
LYS CB   C N N 185 
LYS CG   C N N 186 
LYS CD   C N N 187 
LYS CE   C N N 188 
LYS NZ   N N N 189 
LYS OXT  O N N 190 
LYS H    H N N 191 
LYS H2   H N N 192 
LYS HA   H N N 193 
LYS HB2  H N N 194 
LYS HB3  H N N 195 
LYS HG2  H N N 196 
LYS HG3  H N N 197 
LYS HD2  H N N 198 
LYS HD3  H N N 199 
LYS HE2  H N N 200 
LYS HE3  H N N 201 
LYS HZ1  H N N 202 
LYS HZ2  H N N 203 
LYS HZ3  H N N 204 
LYS HXT  H N N 205 
MET N    N N N 206 
MET CA   C N S 207 
MET C    C N N 208 
MET O    O N N 209 
MET CB   C N N 210 
MET CG   C N N 211 
MET SD   S N N 212 
MET CE   C N N 213 
MET OXT  O N N 214 
MET H    H N N 215 
MET H2   H N N 216 
MET HA   H N N 217 
MET HB2  H N N 218 
MET HB3  H N N 219 
MET HG2  H N N 220 
MET HG3  H N N 221 
MET HE1  H N N 222 
MET HE2  H N N 223 
MET HE3  H N N 224 
MET HXT  H N N 225 
PHE N    N N N 226 
PHE CA   C N S 227 
PHE C    C N N 228 
PHE O    O N N 229 
PHE CB   C N N 230 
PHE CG   C Y N 231 
PHE CD1  C Y N 232 
PHE CD2  C Y N 233 
PHE CE1  C Y N 234 
PHE CE2  C Y N 235 
PHE CZ   C Y N 236 
PHE OXT  O N N 237 
PHE H    H N N 238 
PHE H2   H N N 239 
PHE HA   H N N 240 
PHE HB2  H N N 241 
PHE HB3  H N N 242 
PHE HD1  H N N 243 
PHE HD2  H N N 244 
PHE HE1  H N N 245 
PHE HE2  H N N 246 
PHE HZ   H N N 247 
PHE HXT  H N N 248 
PRO N    N N N 249 
PRO CA   C N S 250 
PRO C    C N N 251 
PRO O    O N N 252 
PRO CB   C N N 253 
PRO CG   C N N 254 
PRO CD   C N N 255 
PRO OXT  O N N 256 
PRO H    H N N 257 
PRO HA   H N N 258 
PRO HB2  H N N 259 
PRO HB3  H N N 260 
PRO HG2  H N N 261 
PRO HG3  H N N 262 
PRO HD2  H N N 263 
PRO HD3  H N N 264 
PRO HXT  H N N 265 
SER N    N N N 266 
SER CA   C N S 267 
SER C    C N N 268 
SER O    O N N 269 
SER CB   C N N 270 
SER OG   O N N 271 
SER OXT  O N N 272 
SER H    H N N 273 
SER H2   H N N 274 
SER HA   H N N 275 
SER HB2  H N N 276 
SER HB3  H N N 277 
SER HG   H N N 278 
SER HXT  H N N 279 
THR N    N N N 280 
THR CA   C N S 281 
THR C    C N N 282 
THR O    O N N 283 
THR CB   C N R 284 
THR OG1  O N N 285 
THR CG2  C N N 286 
THR OXT  O N N 287 
THR H    H N N 288 
THR H2   H N N 289 
THR HA   H N N 290 
THR HB   H N N 291 
THR HG1  H N N 292 
THR HG21 H N N 293 
THR HG22 H N N 294 
THR HG23 H N N 295 
THR HXT  H N N 296 
TYR N    N N N 297 
TYR CA   C N S 298 
TYR C    C N N 299 
TYR O    O N N 300 
TYR CB   C N N 301 
TYR CG   C Y N 302 
TYR CD1  C Y N 303 
TYR CD2  C Y N 304 
TYR CE1  C Y N 305 
TYR CE2  C Y N 306 
TYR CZ   C Y N 307 
TYR OH   O N N 308 
TYR OXT  O N N 309 
TYR H    H N N 310 
TYR H2   H N N 311 
TYR HA   H N N 312 
TYR HB2  H N N 313 
TYR HB3  H N N 314 
TYR HD1  H N N 315 
TYR HD2  H N N 316 
TYR HE1  H N N 317 
TYR HE2  H N N 318 
TYR HH   H N N 319 
TYR HXT  H N N 320 
VAL N    N N N 321 
VAL CA   C N S 322 
VAL C    C N N 323 
VAL O    O N N 324 
VAL CB   C N N 325 
VAL CG1  C N N 326 
VAL CG2  C N N 327 
VAL OXT  O N N 328 
VAL H    H N N 329 
VAL H2   H N N 330 
VAL HA   H N N 331 
VAL HB   H N N 332 
VAL HG11 H N N 333 
VAL HG12 H N N 334 
VAL HG13 H N N 335 
VAL HG21 H N N 336 
VAL HG22 H N N 337 
VAL HG23 H N N 338 
VAL HXT  H N N 339 
# 
loop_
_chem_comp_bond.comp_id 
_chem_comp_bond.atom_id_1 
_chem_comp_bond.atom_id_2 
_chem_comp_bond.value_order 
_chem_comp_bond.pdbx_aromatic_flag 
_chem_comp_bond.pdbx_stereo_config 
_chem_comp_bond.pdbx_ordinal 
ALA N   CA   sing N N 1   
ALA N   H    sing N N 2   
ALA N   H2   sing N N 3   
ALA CA  C    sing N N 4   
ALA CA  CB   sing N N 5   
ALA CA  HA   sing N N 6   
ALA C   O    doub N N 7   
ALA C   OXT  sing N N 8   
ALA CB  HB1  sing N N 9   
ALA CB  HB2  sing N N 10  
ALA CB  HB3  sing N N 11  
ALA OXT HXT  sing N N 12  
ARG N   CA   sing N N 13  
ARG N   H    sing N N 14  
ARG N   H2   sing N N 15  
ARG CA  C    sing N N 16  
ARG CA  CB   sing N N 17  
ARG CA  HA   sing N N 18  
ARG C   O    doub N N 19  
ARG C   OXT  sing N N 20  
ARG CB  CG   sing N N 21  
ARG CB  HB2  sing N N 22  
ARG CB  HB3  sing N N 23  
ARG CG  CD   sing N N 24  
ARG CG  HG2  sing N N 25  
ARG CG  HG3  sing N N 26  
ARG CD  NE   sing N N 27  
ARG CD  HD2  sing N N 28  
ARG CD  HD3  sing N N 29  
ARG NE  CZ   sing N N 30  
ARG NE  HE   sing N N 31  
ARG CZ  NH1  sing N N 32  
ARG CZ  NH2  doub N N 33  
ARG NH1 HH11 sing N N 34  
ARG NH1 HH12 sing N N 35  
ARG NH2 HH21 sing N N 36  
ARG NH2 HH22 sing N N 37  
ARG OXT HXT  sing N N 38  
ASN N   CA   sing N N 39  
ASN N   H    sing N N 40  
ASN N   H2   sing N N 41  
ASN CA  C    sing N N 42  
ASN CA  CB   sing N N 43  
ASN CA  HA   sing N N 44  
ASN C   O    doub N N 45  
ASN C   OXT  sing N N 46  
ASN CB  CG   sing N N 47  
ASN CB  HB2  sing N N 48  
ASN CB  HB3  sing N N 49  
ASN CG  OD1  doub N N 50  
ASN CG  ND2  sing N N 51  
ASN ND2 HD21 sing N N 52  
ASN ND2 HD22 sing N N 53  
ASN OXT HXT  sing N N 54  
ASP N   CA   sing N N 55  
ASP N   H    sing N N 56  
ASP N   H2   sing N N 57  
ASP CA  C    sing N N 58  
ASP CA  CB   sing N N 59  
ASP CA  HA   sing N N 60  
ASP C   O    doub N N 61  
ASP C   OXT  sing N N 62  
ASP CB  CG   sing N N 63  
ASP CB  HB2  sing N N 64  
ASP CB  HB3  sing N N 65  
ASP CG  OD1  doub N N 66  
ASP CG  OD2  sing N N 67  
ASP OD2 HD2  sing N N 68  
ASP OXT HXT  sing N N 69  
CYS N   CA   sing N N 70  
CYS N   H    sing N N 71  
CYS N   H2   sing N N 72  
CYS CA  C    sing N N 73  
CYS CA  CB   sing N N 74  
CYS CA  HA   sing N N 75  
CYS C   O    doub N N 76  
CYS C   OXT  sing N N 77  
CYS CB  SG   sing N N 78  
CYS CB  HB2  sing N N 79  
CYS CB  HB3  sing N N 80  
CYS SG  HG   sing N N 81  
CYS OXT HXT  sing N N 82  
GLN N   CA   sing N N 83  
GLN N   H    sing N N 84  
GLN N   H2   sing N N 85  
GLN CA  C    sing N N 86  
GLN CA  CB   sing N N 87  
GLN CA  HA   sing N N 88  
GLN C   O    doub N N 89  
GLN C   OXT  sing N N 90  
GLN CB  CG   sing N N 91  
GLN CB  HB2  sing N N 92  
GLN CB  HB3  sing N N 93  
GLN CG  CD   sing N N 94  
GLN CG  HG2  sing N N 95  
GLN CG  HG3  sing N N 96  
GLN CD  OE1  doub N N 97  
GLN CD  NE2  sing N N 98  
GLN NE2 HE21 sing N N 99  
GLN NE2 HE22 sing N N 100 
GLN OXT HXT  sing N N 101 
GLU N   CA   sing N N 102 
GLU N   H    sing N N 103 
GLU N   H2   sing N N 104 
GLU CA  C    sing N N 105 
GLU CA  CB   sing N N 106 
GLU CA  HA   sing N N 107 
GLU C   O    doub N N 108 
GLU C   OXT  sing N N 109 
GLU CB  CG   sing N N 110 
GLU CB  HB2  sing N N 111 
GLU CB  HB3  sing N N 112 
GLU CG  CD   sing N N 113 
GLU CG  HG2  sing N N 114 
GLU CG  HG3  sing N N 115 
GLU CD  OE1  doub N N 116 
GLU CD  OE2  sing N N 117 
GLU OE2 HE2  sing N N 118 
GLU OXT HXT  sing N N 119 
GLY N   CA   sing N N 120 
GLY N   H    sing N N 121 
GLY N   H2   sing N N 122 
GLY CA  C    sing N N 123 
GLY CA  HA2  sing N N 124 
GLY CA  HA3  sing N N 125 
GLY C   O    doub N N 126 
GLY C   OXT  sing N N 127 
GLY OXT HXT  sing N N 128 
ILE N   CA   sing N N 129 
ILE N   H    sing N N 130 
ILE N   H2   sing N N 131 
ILE CA  C    sing N N 132 
ILE CA  CB   sing N N 133 
ILE CA  HA   sing N N 134 
ILE C   O    doub N N 135 
ILE C   OXT  sing N N 136 
ILE CB  CG1  sing N N 137 
ILE CB  CG2  sing N N 138 
ILE CB  HB   sing N N 139 
ILE CG1 CD1  sing N N 140 
ILE CG1 HG12 sing N N 141 
ILE CG1 HG13 sing N N 142 
ILE CG2 HG21 sing N N 143 
ILE CG2 HG22 sing N N 144 
ILE CG2 HG23 sing N N 145 
ILE CD1 HD11 sing N N 146 
ILE CD1 HD12 sing N N 147 
ILE CD1 HD13 sing N N 148 
ILE OXT HXT  sing N N 149 
LEU N   CA   sing N N 150 
LEU N   H    sing N N 151 
LEU N   H2   sing N N 152 
LEU CA  C    sing N N 153 
LEU CA  CB   sing N N 154 
LEU CA  HA   sing N N 155 
LEU C   O    doub N N 156 
LEU C   OXT  sing N N 157 
LEU CB  CG   sing N N 158 
LEU CB  HB2  sing N N 159 
LEU CB  HB3  sing N N 160 
LEU CG  CD1  sing N N 161 
LEU CG  CD2  sing N N 162 
LEU CG  HG   sing N N 163 
LEU CD1 HD11 sing N N 164 
LEU CD1 HD12 sing N N 165 
LEU CD1 HD13 sing N N 166 
LEU CD2 HD21 sing N N 167 
LEU CD2 HD22 sing N N 168 
LEU CD2 HD23 sing N N 169 
LEU OXT HXT  sing N N 170 
LYS N   CA   sing N N 171 
LYS N   H    sing N N 172 
LYS N   H2   sing N N 173 
LYS CA  C    sing N N 174 
LYS CA  CB   sing N N 175 
LYS CA  HA   sing N N 176 
LYS C   O    doub N N 177 
LYS C   OXT  sing N N 178 
LYS CB  CG   sing N N 179 
LYS CB  HB2  sing N N 180 
LYS CB  HB3  sing N N 181 
LYS CG  CD   sing N N 182 
LYS CG  HG2  sing N N 183 
LYS CG  HG3  sing N N 184 
LYS CD  CE   sing N N 185 
LYS CD  HD2  sing N N 186 
LYS CD  HD3  sing N N 187 
LYS CE  NZ   sing N N 188 
LYS CE  HE2  sing N N 189 
LYS CE  HE3  sing N N 190 
LYS NZ  HZ1  sing N N 191 
LYS NZ  HZ2  sing N N 192 
LYS NZ  HZ3  sing N N 193 
LYS OXT HXT  sing N N 194 
MET N   CA   sing N N 195 
MET N   H    sing N N 196 
MET N   H2   sing N N 197 
MET CA  C    sing N N 198 
MET CA  CB   sing N N 199 
MET CA  HA   sing N N 200 
MET C   O    doub N N 201 
MET C   OXT  sing N N 202 
MET CB  CG   sing N N 203 
MET CB  HB2  sing N N 204 
MET CB  HB3  sing N N 205 
MET CG  SD   sing N N 206 
MET CG  HG2  sing N N 207 
MET CG  HG3  sing N N 208 
MET SD  CE   sing N N 209 
MET CE  HE1  sing N N 210 
MET CE  HE2  sing N N 211 
MET CE  HE3  sing N N 212 
MET OXT HXT  sing N N 213 
PHE N   CA   sing N N 214 
PHE N   H    sing N N 215 
PHE N   H2   sing N N 216 
PHE CA  C    sing N N 217 
PHE CA  CB   sing N N 218 
PHE CA  HA   sing N N 219 
PHE C   O    doub N N 220 
PHE C   OXT  sing N N 221 
PHE CB  CG   sing N N 222 
PHE CB  HB2  sing N N 223 
PHE CB  HB3  sing N N 224 
PHE CG  CD1  doub Y N 225 
PHE CG  CD2  sing Y N 226 
PHE CD1 CE1  sing Y N 227 
PHE CD1 HD1  sing N N 228 
PHE CD2 CE2  doub Y N 229 
PHE CD2 HD2  sing N N 230 
PHE CE1 CZ   doub Y N 231 
PHE CE1 HE1  sing N N 232 
PHE CE2 CZ   sing Y N 233 
PHE CE2 HE2  sing N N 234 
PHE CZ  HZ   sing N N 235 
PHE OXT HXT  sing N N 236 
PRO N   CA   sing N N 237 
PRO N   CD   sing N N 238 
PRO N   H    sing N N 239 
PRO CA  C    sing N N 240 
PRO CA  CB   sing N N 241 
PRO CA  HA   sing N N 242 
PRO C   O    doub N N 243 
PRO C   OXT  sing N N 244 
PRO CB  CG   sing N N 245 
PRO CB  HB2  sing N N 246 
PRO CB  HB3  sing N N 247 
PRO CG  CD   sing N N 248 
PRO CG  HG2  sing N N 249 
PRO CG  HG3  sing N N 250 
PRO CD  HD2  sing N N 251 
PRO CD  HD3  sing N N 252 
PRO OXT HXT  sing N N 253 
SER N   CA   sing N N 254 
SER N   H    sing N N 255 
SER N   H2   sing N N 256 
SER CA  C    sing N N 257 
SER CA  CB   sing N N 258 
SER CA  HA   sing N N 259 
SER C   O    doub N N 260 
SER C   OXT  sing N N 261 
SER CB  OG   sing N N 262 
SER CB  HB2  sing N N 263 
SER CB  HB3  sing N N 264 
SER OG  HG   sing N N 265 
SER OXT HXT  sing N N 266 
THR N   CA   sing N N 267 
THR N   H    sing N N 268 
THR N   H2   sing N N 269 
THR CA  C    sing N N 270 
THR CA  CB   sing N N 271 
THR CA  HA   sing N N 272 
THR C   O    doub N N 273 
THR C   OXT  sing N N 274 
THR CB  OG1  sing N N 275 
THR CB  CG2  sing N N 276 
THR CB  HB   sing N N 277 
THR OG1 HG1  sing N N 278 
THR CG2 HG21 sing N N 279 
THR CG2 HG22 sing N N 280 
THR CG2 HG23 sing N N 281 
THR OXT HXT  sing N N 282 
TYR N   CA   sing N N 283 
TYR N   H    sing N N 284 
TYR N   H2   sing N N 285 
TYR CA  C    sing N N 286 
TYR CA  CB   sing N N 287 
TYR CA  HA   sing N N 288 
TYR C   O    doub N N 289 
TYR C   OXT  sing N N 290 
TYR CB  CG   sing N N 291 
TYR CB  HB2  sing N N 292 
TYR CB  HB3  sing N N 293 
TYR CG  CD1  doub Y N 294 
TYR CG  CD2  sing Y N 295 
TYR CD1 CE1  sing Y N 296 
TYR CD1 HD1  sing N N 297 
TYR CD2 CE2  doub Y N 298 
TYR CD2 HD2  sing N N 299 
TYR CE1 CZ   doub Y N 300 
TYR CE1 HE1  sing N N 301 
TYR CE2 CZ   sing Y N 302 
TYR CE2 HE2  sing N N 303 
TYR CZ  OH   sing N N 304 
TYR OH  HH   sing N N 305 
TYR OXT HXT  sing N N 306 
VAL N   CA   sing N N 307 
VAL N   H    sing N N 308 
VAL N   H2   sing N N 309 
VAL CA  C    sing N N 310 
VAL CA  CB   sing N N 311 
VAL CA  HA   sing N N 312 
VAL C   O    doub N N 313 
VAL C   OXT  sing N N 314 
VAL CB  CG1  sing N N 315 
VAL CB  CG2  sing N N 316 
VAL CB  HB   sing N N 317 
VAL CG1 HG11 sing N N 318 
VAL CG1 HG12 sing N N 319 
VAL CG1 HG13 sing N N 320 
VAL CG2 HG21 sing N N 321 
VAL CG2 HG22 sing N N 322 
VAL CG2 HG23 sing N N 323 
VAL OXT HXT  sing N N 324 
# 
_em_ctf_correction.id        1 
_em_ctf_correction.details   'CTF parameters were determined from particles within each CCD image' 
_em_ctf_correction.type      . 
# 
_em_image_processing.id                   1 
_em_image_processing.image_recording_id   1 
_em_image_processing.details              ? 
# 
_em_image_recording.avg_electron_dose_per_image   18 
_em_image_recording.details                       ? 
_em_image_recording.id                            1 
_em_image_recording.film_or_detector_model        'GATAN ULTRASCAN 4000 (4k x 4k)' 
_em_image_recording.imaging_id                    1 
_em_image_recording.detector_mode                 ? 
_em_image_recording.average_exposure_time         ? 
_em_image_recording.num_diffraction_images        ? 
_em_image_recording.num_grids_imaged              ? 
_em_image_recording.num_real_images               ? 
# 
_em_imaging_optics.id                   1 
_em_imaging_optics.energyfilter_name    'In-column Omega Filter' 
_em_imaging_optics.imaging_id           1 
_em_imaging_optics.energyfilter_lower   ? 
_em_imaging_optics.energyfilter_upper   ? 
# 
loop_
_em_software.id 
_em_software.name 
_em_software.version 
_em_software.category 
_em_software.details 
_em_software.image_processing_id 
1 'UCSF Chimera' ? 'MODEL FITTING' ? ? 
2 EMAN           ? RECONSTRUCTION  ? 1 
# 
_em_specimen.experiment_id           1 
_em_specimen.id                      1 
_em_specimen.concentration           ? 
_em_specimen.vitrification_applied   YES 
_em_specimen.staining_applied        NO 
_em_specimen.embedding_applied       NO 
_em_specimen.shadowing_applied       NO 
_em_specimen.details                 ? 
# 
_em_virus_natural_host.entity_assembly_id   1 
_em_virus_natural_host.id                   1 
_em_virus_natural_host.ncbi_tax_id          10026 
_em_virus_natural_host.organism             Cricetinae 
_em_virus_natural_host.strain               'Baby Hamster Kidney cells' 
# 
_pdbx_initial_refinement_model.id               1 
_pdbx_initial_refinement_model.type             'experimental model' 
_pdbx_initial_refinement_model.source_name      PDB 
_pdbx_initial_refinement_model.accession_code   3N40 
# 
_atom_sites.entry_id                    3J0G 
_atom_sites.fract_transf_matrix[1][1]   1.000000 
_atom_sites.fract_transf_matrix[1][2]   0.000000 
_atom_sites.fract_transf_matrix[1][3]   0.000000 
_atom_sites.fract_transf_matrix[2][1]   0.000000 
_atom_sites.fract_transf_matrix[2][2]   1.000000 
_atom_sites.fract_transf_matrix[2][3]   0.000000 
_atom_sites.fract_transf_matrix[3][1]   0.000000 
_atom_sites.fract_transf_matrix[3][2]   0.000000 
_atom_sites.fract_transf_matrix[3][3]   1.000000 
_atom_sites.fract_transf_vector[1]      0.00000 
_atom_sites.fract_transf_vector[2]      0.00000 
_atom_sites.fract_transf_vector[3]      0.00000 
# 
loop_
_atom_type.symbol 
C 
N 
O 
S 
# 
loop_
_atom_site.group_PDB 
_atom_site.id 
_atom_site.type_symbol 
_atom_site.label_atom_id 
_atom_site.label_alt_id 
_atom_site.label_comp_id 
_atom_site.label_asym_id 
_atom_site.label_entity_id 
_atom_site.label_seq_id 
_atom_site.pdbx_PDB_ins_code 
_atom_site.Cartn_x 
_atom_site.Cartn_y 
_atom_site.Cartn_z 
_atom_site.occupancy 
_atom_site.B_iso_or_equiv 
_atom_site.pdbx_formal_charge 
_atom_site.auth_seq_id 
_atom_site.auth_comp_id 
_atom_site.auth_asym_id 
_atom_site.auth_atom_id 
_atom_site.pdbx_PDB_model_num 
ATOM 1    N N   . SER A 1 1  ? -23.920 14.715  -0.400  1.00 32.33  ? 1  SER M N   1 
ATOM 2    C CA  . SER A 1 1  ? -25.041 13.754  -0.484  1.00 32.33  ? 1  SER M CA  1 
ATOM 3    C C   . SER A 1 1  ? -26.243 14.402  -1.086  1.00 32.33  ? 1  SER M C   1 
ATOM 4    O O   . SER A 1 1  ? -26.291 15.620  -1.248  1.00 32.33  ? 1  SER M O   1 
ATOM 5    C CB  . SER A 1 1  ? -25.415 13.249  0.919   1.00 32.33  ? 1  SER M CB  1 
ATOM 6    O OG  . SER A 1 1  ? -25.931 14.319  1.696   1.00 32.33  ? 1  SER M OG  1 
ATOM 7    N N   . LEU A 1 2  ? -27.240 13.579  -1.466  1.00 173.35 ? 2  LEU M N   1 
ATOM 8    C CA  . LEU A 1 2  ? -28.451 14.093  -2.031  1.00 173.35 ? 2  LEU M CA  1 
ATOM 9    C C   . LEU A 1 2  ? -29.306 14.498  -0.878  1.00 173.35 ? 2  LEU M C   1 
ATOM 10   O O   . LEU A 1 2  ? -29.189 13.935  0.209   1.00 173.35 ? 2  LEU M O   1 
ATOM 11   C CB  . LEU A 1 2  ? -29.248 13.047  -2.831  1.00 173.35 ? 2  LEU M CB  1 
ATOM 12   C CG  . LEU A 1 2  ? -28.451 12.367  -3.966  1.00 173.35 ? 2  LEU M CG  1 
ATOM 13   C CD1 . LEU A 1 2  ? -29.338 11.393  -4.757  1.00 173.35 ? 2  LEU M CD1 1 
ATOM 14   C CD2 . LEU A 1 2  ? -27.723 13.387  -4.857  1.00 173.35 ? 2  LEU M CD2 1 
ATOM 15   N N   . VAL A 1 3  ? -30.185 15.500  -1.073  1.00 117.03 ? 3  VAL M N   1 
ATOM 16   C CA  . VAL A 1 3  ? -31.012 15.879  0.031   1.00 117.03 ? 3  VAL M CA  1 
ATOM 17   C C   . VAL A 1 3  ? -32.432 15.621  -0.339  1.00 117.03 ? 3  VAL M C   1 
ATOM 18   O O   . VAL A 1 3  ? -32.861 15.898  -1.458  1.00 117.03 ? 3  VAL M O   1 
ATOM 19   C CB  . VAL A 1 3  ? -30.918 17.331  0.393   1.00 117.03 ? 3  VAL M CB  1 
ATOM 20   C CG1 . VAL A 1 3  ? -31.503 18.174  -0.755  1.00 117.03 ? 3  VAL M CG1 1 
ATOM 21   C CG2 . VAL A 1 3  ? -31.621 17.532  1.745   1.00 117.03 ? 3  VAL M CG2 1 
ATOM 22   N N   . THR A 1 4  ? -33.201 15.058  0.614   1.00 214.59 ? 4  THR M N   1 
ATOM 23   C CA  . THR A 1 4  ? -34.597 14.824  0.395   1.00 214.59 ? 4  THR M CA  1 
ATOM 24   C C   . THR A 1 4  ? -35.251 16.126  0.700   1.00 214.59 ? 4  THR M C   1 
ATOM 25   O O   . THR A 1 4  ? -34.597 17.037  1.206   1.00 214.59 ? 4  THR M O   1 
ATOM 26   C CB  . THR A 1 4  ? -35.194 13.802  1.322   1.00 214.59 ? 4  THR M CB  1 
ATOM 27   O OG1 . THR A 1 4  ? -35.078 14.234  2.672   1.00 214.59 ? 4  THR M OG1 1 
ATOM 28   C CG2 . THR A 1 4  ? -34.467 12.462  1.128   1.00 214.59 ? 4  THR M CG2 1 
ATOM 29   N N   . THR A 1 5  ? -36.556 16.262  0.396   1.00 59.56  ? 5  THR M N   1 
ATOM 30   C CA  . THR A 1 5  ? -37.191 17.509  0.693   1.00 59.56  ? 5  THR M CA  1 
ATOM 31   C C   . THR A 1 5  ? -37.862 17.346  2.016   1.00 59.56  ? 5  THR M C   1 
ATOM 32   O O   . THR A 1 5  ? -38.679 16.446  2.205   1.00 59.56  ? 5  THR M O   1 
ATOM 33   C CB  . THR A 1 5  ? -38.244 17.911  -0.292  1.00 59.56  ? 5  THR M CB  1 
ATOM 34   O OG1 . THR A 1 5  ? -37.693 18.010  -1.597  1.00 59.56  ? 5  THR M OG1 1 
ATOM 35   C CG2 . THR A 1 5  ? -38.797 19.277  0.145   1.00 59.56  ? 5  THR M CG2 1 
ATOM 36   N N   . MET A 1 6  ? -37.529 18.236  2.971   1.00 63.57  ? 6  MET M N   1 
ATOM 37   C CA  . MET A 1 6  ? -38.049 18.094  4.299   1.00 63.57  ? 6  MET M CA  1 
ATOM 38   C C   . MET A 1 6  ? -38.971 19.229  4.612   1.00 63.57  ? 6  MET M C   1 
ATOM 39   O O   . MET A 1 6  ? -38.777 20.353  4.151   1.00 63.57  ? 6  MET M O   1 
ATOM 40   C CB  . MET A 1 6  ? -36.968 18.123  5.395   1.00 63.57  ? 6  MET M CB  1 
ATOM 41   C CG  . MET A 1 6  ? -36.085 16.877  5.473   1.00 63.57  ? 6  MET M CG  1 
ATOM 42   S SD  . MET A 1 6  ? -36.953 15.382  6.036   1.00 63.57  ? 6  MET M SD  1 
ATOM 43   C CE  . MET A 1 6  ? -35.461 14.580  6.688   1.00 63.57  ? 6  MET M CE  1 
ATOM 44   N N   . CYS A 1 7  ? -40.015 18.931  5.418   1.00 65.35  ? 7  CYS M N   1 
ATOM 45   C CA  . CYS A 1 7  ? -40.969 19.895  5.887   1.00 65.35  ? 7  CYS M CA  1 
ATOM 46   C C   . CYS A 1 7  ? -40.976 19.851  7.395   1.00 65.35  ? 7  CYS M C   1 
ATOM 47   O O   . CYS A 1 7  ? -40.420 18.929  7.992   1.00 65.35  ? 7  CYS M O   1 
ATOM 48   C CB  . CYS A 1 7  ? -42.398 19.653  5.365   1.00 65.35  ? 7  CYS M CB  1 
ATOM 49   S SG  . CYS A 1 7  ? -42.661 20.319  3.690   1.00 65.35  ? 7  CYS M SG  1 
ATOM 50   N N   . LEU A 1 8  ? -41.597 20.862  8.054   1.00 75.14  ? 8  LEU M N   1 
ATOM 51   C CA  . LEU A 1 8  ? -41.534 20.958  9.495   1.00 75.14  ? 8  LEU M CA  1 
ATOM 52   C C   . LEU A 1 8  ? -42.894 20.854  10.132  1.00 75.14  ? 8  LEU M C   1 
ATOM 53   O O   . LEU A 1 8  ? -43.888 21.361  9.614   1.00 75.14  ? 8  LEU M O   1 
ATOM 54   C CB  . LEU A 1 8  ? -40.958 22.300  9.980   1.00 75.14  ? 8  LEU M CB  1 
ATOM 55   C CG  . LEU A 1 8  ? -39.531 22.580  9.480   1.00 75.14  ? 8  LEU M CG  1 
ATOM 56   C CD1 . LEU A 1 8  ? -38.968 23.871  10.090  1.00 75.14  ? 8  LEU M CD1 1 
ATOM 57   C CD2 . LEU A 1 8  ? -38.620 21.364  9.703   1.00 75.14  ? 8  LEU M CD2 1 
ATOM 58   N N   . LEU A 1 9  ? -42.952 20.165  11.297  1.00 163.13 ? 9  LEU M N   1 
ATOM 59   C CA  . LEU A 1 9  ? -44.156 20.050  12.070  1.00 163.13 ? 9  LEU M CA  1 
ATOM 60   C C   . LEU A 1 9  ? -43.730 20.015  13.507  1.00 163.13 ? 9  LEU M C   1 
ATOM 61   O O   . LEU A 1 9  ? -43.016 19.106  13.927  1.00 163.13 ? 9  LEU M O   1 
ATOM 62   C CB  . LEU A 1 9  ? -44.957 18.783  11.692  1.00 163.13 ? 9  LEU M CB  1 
ATOM 63   C CG  . LEU A 1 9  ? -46.281 18.549  12.443  1.00 163.13 ? 9  LEU M CG  1 
ATOM 64   C CD1 . LEU A 1 9  ? -47.070 17.416  11.772  1.00 163.13 ? 9  LEU M CD1 1 
ATOM 65   C CD2 . LEU A 1 9  ? -46.064 18.265  13.935  1.00 163.13 ? 9  LEU M CD2 1 
ATOM 66   N N   . ALA A 1 10 ? -44.140 21.021  14.309  1.00 228.39 ? 10 ALA M N   1 
ATOM 67   C CA  . ALA A 1 10 ? -43.699 20.978  15.676  1.00 228.39 ? 10 ALA M CA  1 
ATOM 68   C C   . ALA A 1 10 ? -42.214 21.124  15.603  1.00 228.39 ? 10 ALA M C   1 
ATOM 69   O O   . ALA A 1 10 ? -41.701 21.748  14.678  1.00 228.39 ? 10 ALA M O   1 
ATOM 70   C CB  . ALA A 1 10 ? -44.039 19.665  16.411  1.00 228.39 ? 10 ALA M CB  1 
ATOM 71   N N   . ASN A 1 11 ? -41.460 20.640  16.606  1.00 156.73 ? 11 ASN M N   1 
ATOM 72   C CA  . ASN A 1 11 ? -40.049 20.705  16.364  1.00 156.73 ? 11 ASN M CA  1 
ATOM 73   C C   . ASN A 1 11 ? -39.606 19.349  15.883  1.00 156.73 ? 11 ASN M C   1 
ATOM 74   O O   . ASN A 1 11 ? -38.814 18.662  16.526  1.00 156.73 ? 11 ASN M O   1 
ATOM 75   C CB  . ASN A 1 11 ? -39.209 21.169  17.569  1.00 156.73 ? 11 ASN M CB  1 
ATOM 76   C CG  . ASN A 1 11 ? -39.369 20.199  18.723  1.00 156.73 ? 11 ASN M CG  1 
ATOM 77   O OD1 . ASN A 1 11 ? -40.474 19.775  19.052  1.00 156.73 ? 11 ASN M OD1 1 
ATOM 78   N ND2 . ASN A 1 11 ? -38.219 19.830  19.349  1.00 156.73 ? 11 ASN M ND2 1 
ATOM 79   N N   . VAL A 1 12 ? -40.108 18.950  14.695  1.00 56.85  ? 12 VAL M N   1 
ATOM 80   C CA  . VAL A 1 12 ? -39.767 17.696  14.080  1.00 56.85  ? 12 VAL M CA  1 
ATOM 81   C C   . VAL A 1 12 ? -39.732 17.937  12.601  1.00 56.85  ? 12 VAL M C   1 
ATOM 82   O O   . VAL A 1 12 ? -40.355 18.880  12.109  1.00 56.85  ? 12 VAL M O   1 
ATOM 83   C CB  . VAL A 1 12 ? -40.772 16.608  14.339  1.00 56.85  ? 12 VAL M CB  1 
ATOM 84   C CG1 . VAL A 1 12 ? -40.330 15.328  13.604  1.00 56.85  ? 12 VAL M CG1 1 
ATOM 85   C CG2 . VAL A 1 12 ? -40.917 16.436  15.859  1.00 56.85  ? 12 VAL M CG2 1 
ATOM 86   N N   . THR A 1 13 ? -38.980 17.094  11.861  1.00 46.25  ? 13 THR M N   1 
ATOM 87   C CA  . THR A 1 13 ? -38.874 17.207  10.430  1.00 46.25  ? 13 THR M CA  1 
ATOM 88   C C   . THR A 1 13 ? -39.393 15.930  9.836   1.00 46.25  ? 13 THR M C   1 
ATOM 89   O O   . THR A 1 13 ? -39.279 14.869  10.447  1.00 46.25  ? 13 THR M O   1 
ATOM 90   C CB  . THR A 1 13 ? -37.461 17.357  9.953   1.00 46.25  ? 13 THR M CB  1 
ATOM 91   O OG1 . THR A 1 13 ? -36.702 16.212  10.310  1.00 46.25  ? 13 THR M OG1 1 
ATOM 92   C CG2 . THR A 1 13 ? -36.850 18.617  10.587  1.00 46.25  ? 13 THR M CG2 1 
ATOM 93   N N   . PHE A 1 14 ? -39.995 16.011  8.624   1.00 186.10 ? 14 PHE M N   1 
ATOM 94   C CA  . PHE A 1 14 ? -40.568 14.863  7.968   1.00 186.10 ? 14 PHE M CA  1 
ATOM 95   C C   . PHE A 1 14 ? -40.560 15.118  6.485   1.00 186.10 ? 14 PHE M C   1 
ATOM 96   O O   . PHE A 1 14 ? -40.403 16.257  6.050   1.00 186.10 ? 14 PHE M O   1 
ATOM 97   C CB  . PHE A 1 14 ? -42.023 14.600  8.411   1.00 186.10 ? 14 PHE M CB  1 
ATOM 98   C CG  . PHE A 1 14 ? -42.849 15.811  8.118   1.00 186.10 ? 14 PHE M CG  1 
ATOM 99   C CD1 . PHE A 1 14 ? -42.974 16.817  9.050   1.00 186.10 ? 14 PHE M CD1 1 
ATOM 100  C CD2 . PHE A 1 14 ? -43.501 15.948  6.916   1.00 186.10 ? 14 PHE M CD2 1 
ATOM 101  C CE1 . PHE A 1 14 ? -43.731 17.936  8.787   1.00 186.10 ? 14 PHE M CE1 1 
ATOM 102  C CE2 . PHE A 1 14 ? -44.260 17.063  6.648   1.00 186.10 ? 14 PHE M CE2 1 
ATOM 103  C CZ  . PHE A 1 14 ? -44.379 18.062  7.583   1.00 186.10 ? 14 PHE M CZ  1 
ATOM 104  N N   . PRO A 1 15 ? -40.712 14.095  5.677   1.00 124.59 ? 15 PRO M N   1 
ATOM 105  C CA  . PRO A 1 15 ? -40.743 14.302  4.254   1.00 124.59 ? 15 PRO M CA  1 
ATOM 106  C C   . PRO A 1 15 ? -41.986 15.058  3.895   1.00 124.59 ? 15 PRO M C   1 
ATOM 107  O O   . PRO A 1 15 ? -43.055 14.713  4.394   1.00 124.59 ? 15 PRO M O   1 
ATOM 108  C CB  . PRO A 1 15 ? -40.645 12.918  3.624   1.00 124.59 ? 15 PRO M CB  1 
ATOM 109  C CG  . PRO A 1 15 ? -39.865 12.107  4.678   1.00 124.59 ? 15 PRO M CG  1 
ATOM 110  C CD  . PRO A 1 15 ? -40.202 12.779  6.022   1.00 124.59 ? 15 PRO M CD  1 
ATOM 111  N N   . CYS A 1 16 ? -41.874 16.055  2.994   1.00 57.17  ? 16 CYS M N   1 
ATOM 112  C CA  . CYS A 1 16 ? -42.984 16.905  2.664   1.00 57.17  ? 16 CYS M CA  1 
ATOM 113  C C   . CYS A 1 16 ? -44.091 16.104  2.050   1.00 57.17  ? 16 CYS M C   1 
ATOM 114  O O   . CYS A 1 16 ? -45.264 16.335  2.337   1.00 57.17  ? 16 CYS M O   1 
ATOM 115  C CB  . CYS A 1 16 ? -42.592 18.037  1.701   1.00 57.17  ? 16 CYS M CB  1 
ATOM 116  S SG  . CYS A 1 16 ? -41.451 19.223  2.478   1.00 57.17  ? 16 CYS M SG  1 
ATOM 117  N N   . ALA A 1 17 ? -43.735 15.138  1.188   1.00 55.50  ? 17 ALA M N   1 
ATOM 118  C CA  . ALA A 1 17 ? -44.657 14.278  0.505   1.00 55.50  ? 17 ALA M CA  1 
ATOM 119  C C   . ALA A 1 17 ? -45.390 13.430  1.500   1.00 55.50  ? 17 ALA M C   1 
ATOM 120  O O   . ALA A 1 17 ? -46.538 13.048  1.266   1.00 55.50  ? 17 ALA M O   1 
ATOM 121  C CB  . ALA A 1 17 ? -43.955 13.317  -0.469  1.00 55.50  ? 17 ALA M CB  1 
ATOM 122  N N   . GLN A 1 18 ? -44.744 13.044  2.617   1.00 77.63  ? 18 GLN M N   1 
ATOM 123  C CA  . GLN A 1 18 ? -45.455 12.146  3.485   1.00 77.63  ? 18 GLN M CA  1 
ATOM 124  C C   . GLN A 1 18 ? -45.651 12.732  4.859   1.00 77.63  ? 18 GLN M C   1 
ATOM 125  O O   . GLN A 1 18 ? -44.825 12.532  5.746   1.00 77.63  ? 18 GLN M O   1 
ATOM 126  C CB  . GLN A 1 18 ? -44.707 10.812  3.644   1.00 77.63  ? 18 GLN M CB  1 
ATOM 127  C CG  . GLN A 1 18 ? -44.559 10.049  2.323   1.00 77.63  ? 18 GLN M CG  1 
ATOM 128  C CD  . GLN A 1 18 ? -43.616 8.880   2.558   1.00 77.63  ? 18 GLN M CD  1 
ATOM 129  O OE1 . GLN A 1 18 ? -43.743 8.162   3.549   1.00 77.63  ? 18 GLN M OE1 1 
ATOM 130  N NE2 . GLN A 1 18 ? -42.635 8.689   1.632   1.00 77.63  ? 18 GLN M NE2 1 
ATOM 131  N N   . PRO A 1 19 ? -46.742 13.436  5.061   1.00 98.23  ? 19 PRO M N   1 
ATOM 132  C CA  . PRO A 1 19 ? -47.075 13.929  6.376   1.00 98.23  ? 19 PRO M CA  1 
ATOM 133  C C   . PRO A 1 19 ? -47.745 12.824  7.139   1.00 98.23  ? 19 PRO M C   1 
ATOM 134  O O   . PRO A 1 19 ? -48.184 11.856  6.521   1.00 98.23  ? 19 PRO M O   1 
ATOM 135  C CB  . PRO A 1 19 ? -47.966 15.156  6.163   1.00 98.23  ? 19 PRO M CB  1 
ATOM 136  C CG  . PRO A 1 19 ? -48.421 15.058  4.699   1.00 98.23  ? 19 PRO M CG  1 
ATOM 137  C CD  . PRO A 1 19 ? -47.276 14.291  4.016   1.00 98.23  ? 19 PRO M CD  1 
ATOM 138  N N   . PRO A 1 20 ? -47.814 12.911  8.436   1.00 121.43 ? 20 PRO M N   1 
ATOM 139  C CA  . PRO A 1 20 ? -48.448 11.918  9.258   1.00 121.43 ? 20 PRO M CA  1 
ATOM 140  C C   . PRO A 1 20 ? -49.945 11.790  9.079   1.00 121.43 ? 20 PRO M C   1 
ATOM 141  O O   . PRO A 1 20 ? -50.446 10.680  9.262   1.00 121.43 ? 20 PRO M O   1 
ATOM 142  C CB  . PRO A 1 20 ? -48.052 12.264  10.697  1.00 121.43 ? 20 PRO M CB  1 
ATOM 143  C CG  . PRO A 1 20 ? -47.615 13.740  10.631  1.00 121.43 ? 20 PRO M CG  1 
ATOM 144  C CD  . PRO A 1 20 ? -47.074 13.898  9.200   1.00 121.43 ? 20 PRO M CD  1 
ATOM 145  N N   . ILE A 1 21 ? -50.682 12.873  8.733   1.00 315.49 ? 21 ILE M N   1 
ATOM 146  C CA  . ILE A 1 21 ? -52.131 12.814  8.702   1.00 315.49 ? 21 ILE M CA  1 
ATOM 147  C C   . ILE A 1 21 ? -52.671 13.687  7.588   1.00 315.49 ? 21 ILE M C   1 
ATOM 148  O O   . ILE A 1 21 ? -51.898 14.170  6.764   1.00 315.49 ? 21 ILE M O   1 
ATOM 149  C CB  . ILE A 1 21 ? -52.746 13.348  9.956   1.00 315.49 ? 21 ILE M CB  1 
ATOM 150  C CG1 . ILE A 1 21 ? -52.395 14.842  10.096  1.00 315.49 ? 21 ILE M CG1 1 
ATOM 151  C CG2 . ILE A 1 21 ? -52.266 12.476  11.130  1.00 315.49 ? 21 ILE M CG2 1 
ATOM 152  C CD1 . ILE A 1 21 ? -53.201 15.588  11.160  1.00 315.49 ? 21 ILE M CD1 1 
ATOM 153  N N   . CYS A 1 22 ? -54.028 13.859  7.506   1.00 248.80 ? 22 CYS M N   1 
ATOM 154  C CA  . CYS A 1 22 ? -54.661 14.719  6.546   1.00 248.80 ? 22 CYS M CA  1 
ATOM 155  C C   . CYS A 1 22 ? -55.680 15.632  7.181   1.00 248.80 ? 22 CYS M C   1 
ATOM 156  O O   . CYS A 1 22 ? -55.788 15.755  8.401   1.00 248.80 ? 22 CYS M O   1 
ATOM 157  C CB  . CYS A 1 22 ? -55.396 13.976  5.421   1.00 248.80 ? 22 CYS M CB  1 
ATOM 158  S SG  . CYS A 1 22 ? -54.273 13.017  4.361   1.00 248.80 ? 22 CYS M SG  1 
ATOM 159  N N   . TYR A 1 23 ? -56.432 16.326  6.293   1.00 96.84  ? 23 TYR M N   1 
ATOM 160  C CA  . TYR A 1 23 ? -57.451 17.319  6.528   1.00 96.84  ? 23 TYR M CA  1 
ATOM 161  C C   . TYR A 1 23 ? -58.642 16.716  7.211   1.00 96.84  ? 23 TYR M C   1 
ATOM 162  O O   . TYR A 1 23 ? -59.197 17.308  8.134   1.00 96.84  ? 23 TYR M O   1 
ATOM 163  C CB  . TYR A 1 23 ? -57.929 17.927  5.188   1.00 96.84  ? 23 TYR M CB  1 
ATOM 164  C CG  . TYR A 1 23 ? -58.957 18.996  5.385   1.00 96.84  ? 23 TYR M CG  1 
ATOM 165  C CD1 . TYR A 1 23 ? -58.579 20.271  5.744   1.00 96.84  ? 23 TYR M CD1 1 
ATOM 166  C CD2 . TYR A 1 23 ? -60.293 18.735  5.178   1.00 96.84  ? 23 TYR M CD2 1 
ATOM 167  C CE1 . TYR A 1 23 ? -59.518 21.263  5.916   1.00 96.84  ? 23 TYR M CE1 1 
ATOM 168  C CE2 . TYR A 1 23 ? -61.239 19.721  5.346   1.00 96.84  ? 23 TYR M CE2 1 
ATOM 169  C CZ  . TYR A 1 23 ? -60.852 20.987  5.714   1.00 96.84  ? 23 TYR M CZ  1 
ATOM 170  O OH  . TYR A 1 23 ? -61.820 22.002  5.888   1.00 96.84  ? 23 TYR M OH  1 
ATOM 171  N N   . ASP A 1 24 ? -59.068 15.514  6.780   1.00 83.89  ? 24 ASP M N   1 
ATOM 172  C CA  . ASP A 1 24 ? -60.270 14.931  7.299   1.00 83.89  ? 24 ASP M CA  1 
ATOM 173  C C   . ASP A 1 24 ? -60.153 14.705  8.778   1.00 83.89  ? 24 ASP M C   1 
ATOM 174  O O   . ASP A 1 24 ? -61.099 14.978  9.515   1.00 83.89  ? 24 ASP M O   1 
ATOM 175  C CB  . ASP A 1 24 ? -60.593 13.573  6.656   1.00 83.89  ? 24 ASP M CB  1 
ATOM 176  C CG  . ASP A 1 24 ? -62.026 13.231  7.030   1.00 83.89  ? 24 ASP M CG  1 
ATOM 177  O OD1 . ASP A 1 24 ? -62.721 14.137  7.563   1.00 83.89  ? 24 ASP M OD1 1 
ATOM 178  O OD2 . ASP A 1 24 ? -62.441 12.067  6.793   1.00 83.89  ? 24 ASP M OD2 1 
ATOM 179  N N   . ARG A 1 25 ? -59.008 14.178  9.256   1.00 54.12  ? 25 ARG M N   1 
ATOM 180  C CA  . ARG A 1 25 ? -58.905 13.906  10.664  1.00 54.12  ? 25 ARG M CA  1 
ATOM 181  C C   . ARG A 1 25 ? -58.950 15.179  11.452  1.00 54.12  ? 25 ARG M C   1 
ATOM 182  O O   . ARG A 1 25 ? -59.777 15.322  12.352  1.00 54.12  ? 25 ARG M O   1 
ATOM 183  C CB  . ARG A 1 25 ? -57.605 13.178  11.060  1.00 54.12  ? 25 ARG M CB  1 
ATOM 184  C CG  . ARG A 1 25 ? -57.518 11.736  10.553  1.00 54.12  ? 25 ARG M CG  1 
ATOM 185  C CD  . ARG A 1 25 ? -56.311 10.964  11.100  1.00 54.12  ? 25 ARG M CD  1 
ATOM 186  N NE  . ARG A 1 25 ? -56.229 9.660   10.381  1.00 54.12  ? 25 ARG M NE  1 
ATOM 187  C CZ  . ARG A 1 25 ? -56.669 8.508   10.972  1.00 54.12  ? 25 ARG M CZ  1 
ATOM 188  N NH1 . ARG A 1 25 ? -57.156 8.544   12.245  1.00 54.12  ? 25 ARG M NH1 1 
ATOM 189  N NH2 . ARG A 1 25 ? -56.599 7.327   10.295  1.00 54.12  ? 25 ARG M NH2 1 
ATOM 190  N N   . LYS A 1 26 ? -58.074 16.152  11.120  1.00 144.25 ? 26 LYS M N   1 
ATOM 191  C CA  . LYS A 1 26 ? -58.085 17.374  11.876  1.00 144.25 ? 26 LYS M CA  1 
ATOM 192  C C   . LYS A 1 26 ? -57.773 18.499  10.948  1.00 144.25 ? 26 LYS M C   1 
ATOM 193  O O   . LYS A 1 26 ? -56.618 18.750  10.602  1.00 144.25 ? 26 LYS M O   1 
ATOM 194  C CB  . LYS A 1 26 ? -57.041 17.408  13.006  1.00 144.25 ? 26 LYS M CB  1 
ATOM 195  C CG  . LYS A 1 26 ? -57.247 16.287  14.027  1.00 144.25 ? 26 LYS M CG  1 
ATOM 196  C CD  . LYS A 1 26 ? -58.638 16.288  14.665  1.00 144.25 ? 26 LYS M CD  1 
ATOM 197  C CE  . LYS A 1 26 ? -58.983 14.973  15.368  1.00 144.25 ? 26 LYS M CE  1 
ATOM 198  N NZ  . LYS A 1 26 ? -58.035 14.723  16.476  1.00 144.25 ? 26 LYS M NZ  1 
ATOM 199  N N   . PRO A 1 27 ? -58.804 19.178  10.539  1.00 74.70  ? 27 PRO M N   1 
ATOM 200  C CA  . PRO A 1 27 ? -58.718 20.290  9.636   1.00 74.70  ? 27 PRO M CA  1 
ATOM 201  C C   . PRO A 1 27 ? -57.896 21.438  10.138  1.00 74.70  ? 27 PRO M C   1 
ATOM 202  O O   . PRO A 1 27 ? -57.166 22.026  9.342   1.00 74.70  ? 27 PRO M O   1 
ATOM 203  C CB  . PRO A 1 27 ? -60.165 20.695  9.352   1.00 74.70  ? 27 PRO M CB  1 
ATOM 204  C CG  . PRO A 1 27 ? -60.942 20.185  10.580  1.00 74.70  ? 27 PRO M CG  1 
ATOM 205  C CD  . PRO A 1 27 ? -60.153 18.941  11.024  1.00 74.70  ? 27 PRO M CD  1 
ATOM 206  N N   . ALA A 1 28 ? -58.015 21.793  11.431  1.00 32.07  ? 28 ALA M N   1 
ATOM 207  C CA  . ALA A 1 28 ? -57.311 22.928  11.966  1.00 32.07  ? 28 ALA M CA  1 
ATOM 208  C C   . ALA A 1 28 ? -55.838 22.672  11.958  1.00 32.07  ? 28 ALA M C   1 
ATOM 209  O O   . ALA A 1 28 ? -55.047 23.535  11.575  1.00 32.07  ? 28 ALA M O   1 
ATOM 210  C CB  . ALA A 1 28 ? -57.708 23.244  13.417  1.00 32.07  ? 28 ALA M CB  1 
ATOM 211  N N   . GLU A 1 29 ? -55.438 21.458  12.379  1.00 35.30  ? 29 GLU M N   1 
ATOM 212  C CA  . GLU A 1 29 ? -54.050 21.131  12.506  1.00 35.30  ? 29 GLU M CA  1 
ATOM 213  C C   . GLU A 1 29 ? -53.398 21.142  11.161  1.00 35.30  ? 29 GLU M C   1 
ATOM 214  O O   . GLU A 1 29 ? -52.267 21.609  11.032  1.00 35.30  ? 29 GLU M O   1 
ATOM 215  C CB  . GLU A 1 29 ? -53.798 19.748  13.131  1.00 35.30  ? 29 GLU M CB  1 
ATOM 216  C CG  . GLU A 1 29 ? -54.216 19.648  14.601  1.00 35.30  ? 29 GLU M CG  1 
ATOM 217  C CD  . GLU A 1 29 ? -53.914 18.235  15.084  1.00 35.30  ? 29 GLU M CD  1 
ATOM 218  O OE1 . GLU A 1 29 ? -53.422 17.418  14.260  1.00 35.30  ? 29 GLU M OE1 1 
ATOM 219  O OE2 . GLU A 1 29 ? -54.176 17.957  16.285  1.00 35.30  ? 29 GLU M OE2 1 
ATOM 220  N N   . THR A 1 30 ? -54.095 20.625  10.128  1.00 134.89 ? 30 THR M N   1 
ATOM 221  C CA  . THR A 1 30 ? -53.520 20.527  8.813   1.00 134.89 ? 30 THR M CA  1 
ATOM 222  C C   . THR A 1 30 ? -53.218 21.883  8.254   1.00 134.89 ? 30 THR M C   1 
ATOM 223  O O   . THR A 1 30 ? -52.150 22.105  7.686   1.00 134.89 ? 30 THR M O   1 
ATOM 224  C CB  . THR A 1 30 ? -54.381 19.802  7.807   1.00 134.89 ? 30 THR M CB  1 
ATOM 225  O OG1 . THR A 1 30 ? -55.680 20.371  7.754   1.00 134.89 ? 30 THR M OG1 1 
ATOM 226  C CG2 . THR A 1 30 ? -54.450 18.309  8.151   1.00 134.89 ? 30 THR M CG2 1 
ATOM 227  N N   . LEU A 1 31 ? -54.161 22.830  8.391   1.00 49.87  ? 31 LEU M N   1 
ATOM 228  C CA  . LEU A 1 31 ? -53.970 24.138  7.837   1.00 49.87  ? 31 LEU M CA  1 
ATOM 229  C C   . LEU A 1 31 ? -52.835 24.813  8.541   1.00 49.87  ? 31 LEU M C   1 
ATOM 230  O O   . LEU A 1 31 ? -52.037 25.511  7.917   1.00 49.87  ? 31 LEU M O   1 
ATOM 231  C CB  . LEU A 1 31 ? -55.224 25.017  7.975   1.00 49.87  ? 31 LEU M CB  1 
ATOM 232  C CG  . LEU A 1 31 ? -56.451 24.419  7.258   1.00 49.87  ? 31 LEU M CG  1 
ATOM 233  C CD1 . LEU A 1 31 ? -57.683 25.332  7.368   1.00 49.87  ? 31 LEU M CD1 1 
ATOM 234  C CD2 . LEU A 1 31 ? -56.112 24.040  5.811   1.00 49.87  ? 31 LEU M CD2 1 
ATOM 235  N N   . ALA A 1 32 ? -52.743 24.625  9.871   1.00 22.50  ? 32 ALA M N   1 
ATOM 236  C CA  . ALA A 1 32 ? -51.714 25.248  10.658  1.00 22.50  ? 32 ALA M CA  1 
ATOM 237  C C   . ALA A 1 32 ? -50.383 24.744  10.193  1.00 22.50  ? 32 ALA M C   1 
ATOM 238  O O   . ALA A 1 32 ? -49.420 25.504  10.092  1.00 22.50  ? 32 ALA M O   1 
ATOM 239  C CB  . ALA A 1 32 ? -51.835 24.923  12.156  1.00 22.50  ? 32 ALA M CB  1 
ATOM 240  N N   . MET A 1 33 ? -50.300 23.432  9.904   1.00 44.53  ? 33 MET M N   1 
ATOM 241  C CA  . MET A 1 33 ? -49.086 22.803  9.466   1.00 44.53  ? 33 MET M CA  1 
ATOM 242  C C   . MET A 1 33 ? -48.673 23.355  8.132   1.00 44.53  ? 33 MET M C   1 
ATOM 243  O O   . MET A 1 33 ? -47.488 23.576  7.894   1.00 44.53  ? 33 MET M O   1 
ATOM 244  C CB  . MET A 1 33 ? -49.243 21.278  9.324   1.00 44.53  ? 33 MET M CB  1 
ATOM 245  C CG  . MET A 1 33 ? -47.974 20.568  8.854   1.00 44.53  ? 33 MET M CG  1 
ATOM 246  S SD  . MET A 1 33 ? -48.126 18.762  8.715   1.00 44.53  ? 33 MET M SD  1 
ATOM 247  C CE  . MET A 1 33 ? -49.317 18.788  7.345   1.00 44.53  ? 33 MET M CE  1 
ATOM 248  N N   . LEU A 1 34 ? -49.633 23.581  7.214   1.00 59.76  ? 34 LEU M N   1 
ATOM 249  C CA  . LEU A 1 34 ? -49.342 24.101  5.904   1.00 59.76  ? 34 LEU M CA  1 
ATOM 250  C C   . LEU A 1 34 ? -48.782 25.486  6.024   1.00 59.76  ? 34 LEU M C   1 
ATOM 251  O O   . LEU A 1 34 ? -47.840 25.847  5.317   1.00 59.76  ? 34 LEU M O   1 
ATOM 252  C CB  . LEU A 1 34 ? -50.605 24.203  5.031   1.00 59.76  ? 34 LEU M CB  1 
ATOM 253  C CG  . LEU A 1 34 ? -51.191 22.846  4.589   1.00 59.76  ? 34 LEU M CG  1 
ATOM 254  C CD1 . LEU A 1 34 ? -52.498 23.031  3.805   1.00 59.76  ? 34 LEU M CD1 1 
ATOM 255  C CD2 . LEU A 1 34 ? -50.164 22.029  3.786   1.00 59.76  ? 34 LEU M CD2 1 
ATOM 256  N N   . SER A 1 35 ? -49.358 26.303  6.929   1.00 72.07  ? 35 SER M N   1 
ATOM 257  C CA  . SER A 1 35 ? -48.938 27.670  7.097   1.00 72.07  ? 35 SER M CA  1 
ATOM 258  C C   . SER A 1 35 ? -47.519 27.707  7.582   1.00 72.07  ? 35 SER M C   1 
ATOM 259  O O   . SER A 1 35 ? -46.766 28.617  7.236   1.00 72.07  ? 35 SER M O   1 
ATOM 260  C CB  . SER A 1 35 ? -49.790 28.445  8.121   1.00 72.07  ? 35 SER M CB  1 
ATOM 261  O OG  . SER A 1 35 ? -51.128 28.561  7.665   1.00 72.07  ? 35 SER M OG  1 
ATOM 262  N N   . VAL A 1 36 ? -47.119 26.718  8.402   1.00 115.25 ? 36 VAL M N   1 
ATOM 263  C CA  . VAL A 1 36 ? -45.797 26.690  8.962   1.00 115.25 ? 36 VAL M CA  1 
ATOM 264  C C   . VAL A 1 36 ? -44.778 26.428  7.891   1.00 115.25 ? 36 VAL M C   1 
ATOM 265  O O   . VAL A 1 36 ? -43.616 26.790  8.063   1.00 115.25 ? 36 VAL M O   1 
ATOM 266  C CB  . VAL A 1 36 ? -45.583 25.672  10.050  1.00 115.25 ? 36 VAL M CB  1 
ATOM 267  C CG1 . VAL A 1 36 ? -45.343 24.290  9.427   1.00 115.25 ? 36 VAL M CG1 1 
ATOM 268  C CG2 . VAL A 1 36 ? -44.407 26.150  10.920  1.00 115.25 ? 36 VAL M CG2 1 
ATOM 269  N N   . ASN A 1 37 ? -45.187 25.762  6.817   1.00 186.45 ? 37 ASN M N   1 
ATOM 270  C CA  . ASN A 1 37 ? -44.260 25.384  5.759   1.00 186.45 ? 37 ASN M CA  1 
ATOM 271  C C   . ASN A 1 37 ? -44.475 26.202  4.497   1.00 186.45 ? 37 ASN M C   1 
ATOM 272  O O   . ASN A 1 37 ? -44.343 25.691  3.385   1.00 186.45 ? 37 ASN M O   1 
ATOM 273  C CB  . ASN A 1 37 ? -44.385 23.892  5.447   1.00 186.45 ? 37 ASN M CB  1 
ATOM 274  C CG  . ASN A 1 37 ? -43.677 23.021  6.466   1.00 186.45 ? 37 ASN M CG  1 
ATOM 275  O OD1 . ASN A 1 37 ? -42.449 22.929  6.475   1.00 186.45 ? 37 ASN M OD1 1 
ATOM 276  N ND2 . ASN A 1 37 ? -44.448 22.375  7.332   1.00 186.45 ? 37 ASN M ND2 1 
ATOM 277  N N   . VAL A 1 38 ? -44.808 27.475  4.674   1.00 58.60  ? 38 VAL M N   1 
ATOM 278  C CA  . VAL A 1 38 ? -45.045 28.340  3.550   1.00 58.60  ? 38 VAL M CA  1 
ATOM 279  C C   . VAL A 1 38 ? -43.747 28.651  2.858   1.00 58.60  ? 38 VAL M C   1 
ATOM 280  O O   . VAL A 1 38 ? -43.694 28.739  1.633   1.00 58.60  ? 38 VAL M O   1 
ATOM 281  C CB  . VAL A 1 38 ? -45.605 29.668  3.966   1.00 58.60  ? 38 VAL M CB  1 
ATOM 282  C CG1 . VAL A 1 38 ? -45.627 30.584  2.734   1.00 58.60  ? 38 VAL M CG1 1 
ATOM 283  C CG2 . VAL A 1 38 ? -46.979 29.451  4.622   1.00 58.60  ? 38 VAL M CG2 1 
ATOM 284  N N   . ASP A 1 39 ? -42.675 28.875  3.645   1.00 47.06  ? 39 ASP M N   1 
ATOM 285  C CA  . ASP A 1 39 ? -41.370 29.254  3.166   1.00 47.06  ? 39 ASP M CA  1 
ATOM 286  C C   . ASP A 1 39 ? -40.704 28.141  2.411   1.00 47.06  ? 39 ASP M C   1 
ATOM 287  O O   . ASP A 1 39 ? -40.000 28.395  1.436   1.00 47.06  ? 39 ASP M O   1 
ATOM 288  C CB  . ASP A 1 39 ? -40.401 29.618  4.307   1.00 47.06  ? 39 ASP M CB  1 
ATOM 289  C CG  . ASP A 1 39 ? -40.879 30.910  4.954   1.00 47.06  ? 39 ASP M CG  1 
ATOM 290  O OD1 . ASP A 1 39 ? -41.389 31.791  4.213   1.00 47.06  ? 39 ASP M OD1 1 
ATOM 291  O OD2 . ASP A 1 39 ? -40.745 31.031  6.201   1.00 47.06  ? 39 ASP M OD2 1 
ATOM 292  N N   . ASN A 1 40 ? -40.911 26.882  2.850   1.00 49.04  ? 40 ASN M N   1 
ATOM 293  C CA  . ASN A 1 40 ? -40.194 25.746  2.328   1.00 49.04  ? 40 ASN M CA  1 
ATOM 294  C C   . ASN A 1 40 ? -40.499 25.490  0.879   1.00 49.04  ? 40 ASN M C   1 
ATOM 295  O O   . ASN A 1 40 ? -41.613 25.682  0.398   1.00 49.04  ? 40 ASN M O   1 
ATOM 296  C CB  . ASN A 1 40 ? -40.481 24.448  3.095   1.00 49.04  ? 40 ASN M CB  1 
ATOM 297  C CG  . ASN A 1 40 ? -39.834 24.570  4.466   1.00 49.04  ? 40 ASN M CG  1 
ATOM 298  O OD1 . ASN A 1 40 ? -39.048 25.484  4.711   1.00 49.04  ? 40 ASN M OD1 1 
ATOM 299  N ND2 . ASN A 1 40 ? -40.159 23.617  5.378   1.00 49.04  ? 40 ASN M ND2 1 
ATOM 300  N N   . PRO A 1 41 ? -39.477 25.055  0.172   1.00 78.57  ? 41 PRO M N   1 
ATOM 301  C CA  . PRO A 1 41 ? -39.607 24.769  -1.236  1.00 78.57  ? 41 PRO M CA  1 
ATOM 302  C C   . PRO A 1 41 ? -40.493 23.592  -1.525  1.00 78.57  ? 41 PRO M C   1 
ATOM 303  O O   . PRO A 1 41 ? -41.033 23.507  -2.626  1.00 78.57  ? 41 PRO M O   1 
ATOM 304  C CB  . PRO A 1 41 ? -38.182 24.624  -1.765  1.00 78.57  ? 41 PRO M CB  1 
ATOM 305  C CG  . PRO A 1 41 ? -37.353 25.502  -0.810  1.00 78.57  ? 41 PRO M CG  1 
ATOM 306  C CD  . PRO A 1 41 ? -38.119 25.443  0.523   1.00 78.57  ? 41 PRO M CD  1 
ATOM 307  N N   . GLY A 1 42 ? -40.593 22.669  -0.552  1.00 83.08  ? 42 GLY M N   1 
ATOM 308  C CA  . GLY A 1 42 ? -41.337 21.442  -0.462  1.00 83.08  ? 42 GLY M CA  1 
ATOM 309  C C   . GLY A 1 42 ? -42.815 21.666  -0.261  1.00 83.08  ? 42 GLY M C   1 
ATOM 310  O O   . GLY A 1 42 ? -43.560 20.699  -0.118  1.00 83.08  ? 42 GLY M O   1 
ATOM 311  N N   . TYR A 1 43 ? -43.248 22.931  -0.094  1.00 84.77  ? 43 TYR M N   1 
ATOM 312  C CA  . TYR A 1 43 ? -44.584 23.309  0.300   1.00 84.77  ? 43 TYR M CA  1 
ATOM 313  C C   . TYR A 1 43 ? -45.645 22.701  -0.589  1.00 84.77  ? 43 TYR M C   1 
ATOM 314  O O   . TYR A 1 43 ? -46.643 22.186  -0.084  1.00 84.77  ? 43 TYR M O   1 
ATOM 315  C CB  . TYR A 1 43 ? -44.725 24.845  0.275   1.00 84.77  ? 43 TYR M CB  1 
ATOM 316  C CG  . TYR A 1 43 ? -46.091 25.263  0.695   1.00 84.77  ? 43 TYR M CG  1 
ATOM 317  C CD1 . TYR A 1 43 ? -46.416 25.321  2.031   1.00 84.77  ? 43 TYR M CD1 1 
ATOM 318  C CD2 . TYR A 1 43 ? -47.037 25.618  -0.239  1.00 84.77  ? 43 TYR M CD2 1 
ATOM 319  C CE1 . TYR A 1 43 ? -47.671 25.716  2.432   1.00 84.77  ? 43 TYR M CE1 1 
ATOM 320  C CE2 . TYR A 1 43 ? -48.293 26.014  0.157   1.00 84.77  ? 43 TYR M CE2 1 
ATOM 321  C CZ  . TYR A 1 43 ? -48.612 26.064  1.493   1.00 84.77  ? 43 TYR M CZ  1 
ATOM 322  O OH  . TYR A 1 43 ? -49.903 26.472  1.891   1.00 84.77  ? 43 TYR M OH  1 
ATOM 323  N N   . ASP A 1 44 ? -45.471 22.726  -1.923  1.00 50.98  ? 44 ASP M N   1 
ATOM 324  C CA  . ASP A 1 44 ? -46.459 22.226  -2.843  1.00 50.98  ? 44 ASP M CA  1 
ATOM 325  C C   . ASP A 1 44 ? -46.629 20.747  -2.657  1.00 50.98  ? 44 ASP M C   1 
ATOM 326  O O   . ASP A 1 44 ? -47.732 20.225  -2.829  1.00 50.98  ? 44 ASP M O   1 
ATOM 327  C CB  . ASP A 1 44 ? -46.031 22.444  -4.304  1.00 50.98  ? 44 ASP M CB  1 
ATOM 328  C CG  . ASP A 1 44 ? -45.815 23.935  -4.521  1.00 50.98  ? 44 ASP M CG  1 
ATOM 329  O OD1 . ASP A 1 44 ? -46.201 24.723  -3.618  1.00 50.98  ? 44 ASP M OD1 1 
ATOM 330  O OD2 . ASP A 1 44 ? -45.245 24.302  -5.585  1.00 50.98  ? 44 ASP M OD2 1 
ATOM 331  N N   . GLU A 1 45 ? -45.531 20.028  -2.344  1.00 41.51  ? 45 GLU M N   1 
ATOM 332  C CA  . GLU A 1 45 ? -45.574 18.603  -2.145  1.00 41.51  ? 45 GLU M CA  1 
ATOM 333  C C   . GLU A 1 45 ? -46.440 18.331  -0.958  1.00 41.51  ? 45 GLU M C   1 
ATOM 334  O O   . GLU A 1 45 ? -47.214 17.375  -0.944  1.00 41.51  ? 45 GLU M O   1 
ATOM 335  C CB  . GLU A 1 45 ? -44.206 17.988  -1.801  1.00 41.51  ? 45 GLU M CB  1 
ATOM 336  C CG  . GLU A 1 45 ? -43.177 18.043  -2.928  1.00 41.51  ? 45 GLU M CG  1 
ATOM 337  C CD  . GLU A 1 45 ? -41.913 17.377  -2.404  1.00 41.51  ? 45 GLU M CD  1 
ATOM 338  O OE1 . GLU A 1 45 ? -41.909 16.122  -2.289  1.00 41.51  ? 45 GLU M OE1 1 
ATOM 339  O OE2 . GLU A 1 45 ? -40.936 18.113  -2.099  1.00 41.51  ? 45 GLU M OE2 1 
ATOM 340  N N   . LEU A 1 46 ? -46.294 19.162  0.087   1.00 67.15  ? 46 LEU M N   1 
ATOM 341  C CA  . LEU A 1 46 ? -47.021 19.032  1.314   1.00 67.15  ? 46 LEU M CA  1 
ATOM 342  C C   . LEU A 1 46 ? -48.481 19.314  1.081   1.00 67.15  ? 46 LEU M C   1 
ATOM 343  O O   . LEU A 1 46 ? -49.341 18.622  1.621   1.00 67.15  ? 46 LEU M O   1 
ATOM 344  C CB  . LEU A 1 46 ? -46.485 19.992  2.397   1.00 67.15  ? 46 LEU M CB  1 
ATOM 345  C CG  . LEU A 1 46 ? -47.206 19.922  3.757   1.00 67.15  ? 46 LEU M CG  1 
ATOM 346  C CD1 . LEU A 1 46 ? -47.035 18.540  4.410   1.00 67.15  ? 46 LEU M CD1 1 
ATOM 347  C CD2 . LEU A 1 46 ? -46.750 21.067  4.680   1.00 67.15  ? 46 LEU M CD2 1 
ATOM 348  N N   . LEU A 1 47 ? -48.809 20.339  0.267   1.00 168.28 ? 47 LEU M N   1 
ATOM 349  C CA  . LEU A 1 47 ? -50.184 20.671  0.011   1.00 168.28 ? 47 LEU M CA  1 
ATOM 350  C C   . LEU A 1 47 ? -50.884 19.542  -0.666  1.00 168.28 ? 47 LEU M C   1 
ATOM 351  O O   . LEU A 1 47 ? -52.013 19.205  -0.312  1.00 168.28 ? 47 LEU M O   1 
ATOM 352  C CB  . LEU A 1 47 ? -50.393 21.894  -0.892  1.00 168.28 ? 47 LEU M CB  1 
ATOM 353  C CG  . LEU A 1 47 ? -50.334 23.217  -0.131  1.00 168.28 ? 47 LEU M CG  1 
ATOM 354  C CD1 . LEU A 1 47 ? -50.578 24.419  -1.051  1.00 168.28 ? 47 LEU M CD1 1 
ATOM 355  C CD2 . LEU A 1 47 ? -51.325 23.176  1.042   1.00 168.28 ? 47 LEU M CD2 1 
ATOM 356  N N   . GLU A 1 48 ? -50.230 18.925  -1.662  1.00 76.74  ? 48 GLU M N   1 
ATOM 357  C CA  . GLU A 1 48 ? -50.862 17.884  -2.414  1.00 76.74  ? 48 GLU M CA  1 
ATOM 358  C C   . GLU A 1 48 ? -51.178 16.726  -1.519  1.00 76.74  ? 48 GLU M C   1 
ATOM 359  O O   . GLU A 1 48 ? -52.283 16.188  -1.558  1.00 76.74  ? 48 GLU M O   1 
ATOM 360  C CB  . GLU A 1 48 ? -49.975 17.363  -3.557  1.00 76.74  ? 48 GLU M CB  1 
ATOM 361  C CG  . GLU A 1 48 ? -49.800 18.379  -4.690  1.00 76.74  ? 48 GLU M CG  1 
ATOM 362  C CD  . GLU A 1 48 ? -48.832 17.807  -5.717  1.00 76.74  ? 48 GLU M CD  1 
ATOM 363  O OE1 . GLU A 1 48 ? -48.103 16.840  -5.372  1.00 76.74  ? 48 GLU M OE1 1 
ATOM 364  O OE2 . GLU A 1 48 ? -48.810 18.332  -6.863  1.00 76.74  ? 48 GLU M OE2 1 
ATOM 365  N N   . ALA A 1 49 ? -50.209 16.306  -0.685  1.00 57.84  ? 49 ALA M N   1 
ATOM 366  C CA  . ALA A 1 49 ? -50.371 15.168  0.179   1.00 57.84  ? 49 ALA M CA  1 
ATOM 367  C C   . ALA A 1 49 ? -51.415 15.408  1.242   1.00 57.84  ? 49 ALA M C   1 
ATOM 368  O O   . ALA A 1 49 ? -52.212 14.523  1.545   1.00 57.84  ? 49 ALA M O   1 
ATOM 369  C CB  . ALA A 1 49 ? -49.068 14.783  0.899   1.00 57.84  ? 49 ALA M CB  1 
ATOM 370  N N   . ALA A 1 50 ? -51.429 16.608  1.856   1.00 66.02  ? 50 ALA M N   1 
ATOM 371  C CA  . ALA A 1 50 ? -52.317 16.922  2.952   1.00 66.02  ? 50 ALA M CA  1 
ATOM 372  C C   . ALA A 1 50 ? -53.752 16.912  2.518   1.00 66.02  ? 50 ALA M C   1 
ATOM 373  O O   . ALA A 1 50 ? -54.640 16.532  3.280   1.00 66.02  ? 50 ALA M O   1 
ATOM 374  C CB  . ALA A 1 50 ? -52.041 18.309  3.559   1.00 66.02  ? 50 ALA M CB  1 
ATOM 375  N N   . VAL A 1 51 ? -53.987 17.410  1.295   1.00 107.39 ? 51 VAL M N   1 
ATOM 376  C CA  . VAL A 1 51 ? -55.238 17.586  0.612   1.00 107.39 ? 51 VAL M CA  1 
ATOM 377  C C   . VAL A 1 51 ? -55.857 16.287  0.116   1.00 107.39 ? 51 VAL M C   1 
ATOM 378  O O   . VAL A 1 51 ? -57.042 16.276  -0.210  1.00 107.39 ? 51 VAL M O   1 
ATOM 379  C CB  . VAL A 1 51 ? -55.072 18.543  -0.535  1.00 107.39 ? 51 VAL M CB  1 
ATOM 380  C CG1 . VAL A 1 51 ? -56.348 18.634  -1.383  1.00 107.39 ? 51 VAL M CG1 1 
ATOM 381  C CG2 . VAL A 1 51 ? -54.643 19.896  0.057   1.00 107.39 ? 51 VAL M CG2 1 
ATOM 382  N N   . LYS A 1 52 ? -55.104 15.170  -0.045  1.00 205.40 ? 52 LYS M N   1 
ATOM 383  C CA  . LYS A 1 52 ? -55.744 14.003  -0.628  1.00 205.40 ? 52 LYS M CA  1 
ATOM 384  C C   . LYS A 1 52 ? -56.415 13.123  0.411   1.00 205.40 ? 52 LYS M C   1 
ATOM 385  O O   . LYS A 1 52 ? -56.042 13.125  1.580   1.00 205.40 ? 52 LYS M O   1 
ATOM 386  C CB  . LYS A 1 52 ? -54.842 13.089  -1.486  1.00 205.40 ? 52 LYS M CB  1 
ATOM 387  C CG  . LYS A 1 52 ? -54.187 11.909  -0.758  1.00 205.40 ? 52 LYS M CG  1 
ATOM 388  C CD  . LYS A 1 52 ? -53.156 12.278  0.301   1.00 205.40 ? 52 LYS M CD  1 
ATOM 389  C CE  . LYS A 1 52 ? -52.547 11.059  1.003   1.00 205.40 ? 52 LYS M CE  1 
ATOM 390  N NZ  . LYS A 1 52 ? -51.698 10.284  0.070   1.00 205.40 ? 52 LYS M NZ  1 
ATOM 391  N N   . CYS A 1 53 ? -57.413 12.313  -0.042  1.00 140.02 ? 53 CYS M N   1 
ATOM 392  C CA  . CYS A 1 53 ? -58.328 11.487  0.737   1.00 140.02 ? 53 CYS M CA  1 
ATOM 393  C C   . CYS A 1 53 ? -57.781 10.134  1.184   1.00 140.02 ? 53 CYS M C   1 
ATOM 394  O O   . CYS A 1 53 ? -56.808 9.634   0.622   1.00 140.02 ? 53 CYS M O   1 
ATOM 395  C CB  . CYS A 1 53 ? -59.642 11.263  -0.030  1.00 140.02 ? 53 CYS M CB  1 
ATOM 396  S SG  . CYS A 1 53 ? -60.577 12.812  -0.193  1.00 140.02 ? 53 CYS M SG  1 
ATOM 397  N N   . PRO A 1 54 ? -58.495 9.561   2.182   1.00 136.90 ? 54 PRO M N   1 
ATOM 398  C CA  . PRO A 1 54 ? -58.160 8.383   2.991   1.00 136.90 ? 54 PRO M CA  1 
ATOM 399  C C   . PRO A 1 54 ? -58.167 6.964   2.495   1.00 136.90 ? 54 PRO M C   1 
ATOM 400  O O   . PRO A 1 54 ? -58.741 6.652   1.453   1.00 136.90 ? 54 PRO M O   1 
ATOM 401  C CB  . PRO A 1 54 ? -59.007 8.494   4.264   1.00 136.90 ? 54 PRO M CB  1 
ATOM 402  C CG  . PRO A 1 54 ? -60.144 9.456   3.899   1.00 136.90 ? 54 PRO M CG  1 
ATOM 403  C CD  . PRO A 1 54 ? -59.513 10.368  2.842   1.00 136.90 ? 54 PRO M CD  1 
ATOM 404  N N   . GLY A 1 55 ? -57.511 6.107   3.316   1.00 57.27  ? 55 GLY M N   1 
ATOM 405  C CA  . GLY A 1 55 ? -57.236 4.700   3.188   1.00 57.27  ? 55 GLY M CA  1 
ATOM 406  C C   . GLY A 1 55 ? -58.439 3.804   3.226   1.00 57.27  ? 55 GLY M C   1 
ATOM 407  O O   . GLY A 1 55 ? -58.456 2.792   2.529   1.00 57.27  ? 55 GLY M O   1 
ATOM 408  N N   . ARG A 1 56 ? -59.467 4.088   4.047   1.00 136.58 ? 56 ARG M N   1 
ATOM 409  C CA  . ARG A 1 56 ? -60.473 3.065   4.107   1.00 136.58 ? 56 ARG M CA  1 
ATOM 410  C C   . ARG A 1 56 ? -61.349 3.148   2.903   1.00 136.58 ? 56 ARG M C   1 
ATOM 411  O O   . ARG A 1 56 ? -62.369 3.835   2.914   1.00 136.58 ? 56 ARG M O   1 
ATOM 412  C CB  . ARG A 1 56 ? -61.390 3.137   5.340   1.00 136.58 ? 56 ARG M CB  1 
ATOM 413  C CG  . ARG A 1 56 ? -62.312 1.918   5.454   1.00 136.58 ? 56 ARG M CG  1 
ATOM 414  C CD  . ARG A 1 56 ? -63.286 1.972   6.632   1.00 136.58 ? 56 ARG M CD  1 
ATOM 415  N NE  . ARG A 1 56 ? -64.531 2.636   6.150   1.00 136.58 ? 56 ARG M NE  1 
ATOM 416  C CZ  . ARG A 1 56 ? -65.741 2.293   6.679   1.00 136.58 ? 56 ARG M CZ  1 
ATOM 417  N NH1 . ARG A 1 56 ? -65.809 1.331   7.647   1.00 136.58 ? 56 ARG M NH1 1 
ATOM 418  N NH2 . ARG A 1 56 ? -66.881 2.899   6.229   1.00 136.58 ? 56 ARG M NH2 1 
ATOM 419  N N   . LYS A 1 57 ? -60.957 2.422   1.838   1.00 86.91  ? 57 LYS M N   1 
ATOM 420  C CA  . LYS A 1 57 ? -61.723 2.300   0.635   1.00 86.91  ? 57 LYS M CA  1 
ATOM 421  C C   . LYS A 1 57 ? -61.034 1.300   -0.231  1.00 86.91  ? 57 LYS M C   1 
ATOM 422  O O   . LYS A 1 57 ? -59.848 1.019   -0.061  1.00 86.91  ? 57 LYS M O   1 
ATOM 423  C CB  . LYS A 1 57 ? -61.910 3.596   -0.173  1.00 86.91  ? 57 LYS M CB  1 
ATOM 424  C CG  . LYS A 1 57 ? -63.064 4.455   0.343   1.00 86.91  ? 57 LYS M CG  1 
ATOM 425  C CD  . LYS A 1 57 ? -63.166 5.825   -0.325  1.00 86.91  ? 57 LYS M CD  1 
ATOM 426  C CE  . LYS A 1 57 ? -64.336 6.665   0.189   1.00 86.91  ? 57 LYS M CE  1 
ATOM 427  N NZ  . LYS A 1 57 ? -64.410 7.938   -0.562  1.00 86.91  ? 57 LYS M NZ  1 
ATOM 428  N N   . ARG A 1 58 ? -61.810 0.684   -1.141  1.00 96.20  ? 58 ARG M N   1 
ATOM 429  C CA  . ARG A 1 58 ? -61.337 -0.338  -2.029  1.00 96.20  ? 58 ARG M CA  1 
ATOM 430  C C   . ARG A 1 58 ? -60.381 0.186   -3.068  1.00 96.20  ? 58 ARG M C   1 
ATOM 431  O O   . ARG A 1 58 ? -59.306 -0.380  -3.262  1.00 96.20  ? 58 ARG M O   1 
ATOM 432  C CB  . ARG A 1 58 ? -62.505 -1.017  -2.758  1.00 96.20  ? 58 ARG M CB  1 
ATOM 433  C CG  . ARG A 1 58 ? -62.101 -2.122  -3.728  1.00 96.20  ? 58 ARG M CG  1 
ATOM 434  C CD  . ARG A 1 58 ? -63.306 -2.873  -4.293  1.00 96.20  ? 58 ARG M CD  1 
ATOM 435  N NE  . ARG A 1 58 ? -62.801 -3.818  -5.328  1.00 96.20  ? 58 ARG M NE  1 
ATOM 436  C CZ  . ARG A 1 58 ? -62.946 -5.162  -5.151  1.00 96.20  ? 58 ARG M CZ  1 
ATOM 437  N NH1 . ARG A 1 58 ? -63.473 -5.638  -3.985  1.00 96.20  ? 58 ARG M NH1 1 
ATOM 438  N NH2 . ARG A 1 58 ? -62.559 -6.028  -6.132  1.00 96.20  ? 58 ARG M NH2 1 
ATOM 439  N N   . ARG A 1 59 ? -60.738 1.293   -3.755  1.00 149.21 ? 59 ARG M N   1 
ATOM 440  C CA  . ARG A 1 59 ? -59.955 1.803   -4.858  1.00 149.21 ? 59 ARG M CA  1 
ATOM 441  C C   . ARG A 1 59 ? -58.995 2.863   -4.401  1.00 149.21 ? 59 ARG M C   1 
ATOM 442  O O   . ARG A 1 59 ? -58.973 3.228   -3.227  1.00 149.21 ? 59 ARG M O   1 
ATOM 443  C CB  . ARG A 1 59 ? -60.793 2.396   -6.002  1.00 149.21 ? 59 ARG M CB  1 
ATOM 444  C CG  . ARG A 1 59 ? -61.587 1.346   -6.783  1.00 149.21 ? 59 ARG M CG  1 
ATOM 445  C CD  . ARG A 1 59 ? -60.759 0.580   -7.820  1.00 149.21 ? 59 ARG M CD  1 
ATOM 446  N NE  . ARG A 1 59 ? -59.786 -0.282  -7.089  1.00 149.21 ? 59 ARG M NE  1 
ATOM 447  C CZ  . ARG A 1 59 ? -59.158 -1.311  -7.730  1.00 149.21 ? 59 ARG M CZ  1 
ATOM 448  N NH1 . ARG A 1 59 ? -59.424 -1.562  -9.046  1.00 149.21 ? 59 ARG M NH1 1 
ATOM 449  N NH2 . ARG A 1 59 ? -58.261 -2.089  -7.055  1.00 149.21 ? 59 ARG M NH2 1 
ATOM 450  O OXT . ARG A 1 59 ? -58.224 3.373   -5.210  1.00 0.00   ? 59 ARG M OXT 1 
ATOM 451  N N   . SER B 1 1  ? -43.131 15.832  -22.193 1.00 32.33  ? 1  SER N N   1 
ATOM 452  C CA  . SER B 1 1  ? -42.967 14.687  -21.271 1.00 32.33  ? 1  SER N CA  1 
ATOM 453  C C   . SER B 1 1  ? -41.540 14.546  -20.857 1.00 32.33  ? 1  SER N C   1 
ATOM 454  O O   . SER B 1 1  ? -40.650 15.181  -21.424 1.00 32.33  ? 1  SER N O   1 
ATOM 455  C CB  . SER B 1 1  ? -43.401 13.383  -21.960 1.00 32.33  ? 1  SER N CB  1 
ATOM 456  O OG  . SER B 1 1  ? -42.525 13.091  -23.038 1.00 32.33  ? 1  SER N OG  1 
ATOM 457  N N   . LEU B 1 2  ? -41.295 13.721  -19.821 1.00 173.35 ? 2  LEU N N   1 
ATOM 458  C CA  . LEU B 1 2  ? -39.959 13.491  -19.357 1.00 173.35 ? 2  LEU N CA  1 
ATOM 459  C C   . LEU B 1 2  ? -39.387 12.441  -20.249 1.00 173.35 ? 2  LEU N C   1 
ATOM 460  O O   . LEU B 1 2  ? -40.123 11.620  -20.793 1.00 173.35 ? 2  LEU N O   1 
ATOM 461  C CB  . LEU B 1 2  ? -39.896 12.937  -17.921 1.00 173.35 ? 2  LEU N CB  1 
ATOM 462  C CG  . LEU B 1 2  ? -40.616 13.809  -16.869 1.00 173.35 ? 2  LEU N CG  1 
ATOM 463  C CD1 . LEU B 1 2  ? -40.443 13.224  -15.458 1.00 173.35 ? 2  LEU N CD1 1 
ATOM 464  C CD2 . LEU B 1 2  ? -40.216 15.290  -16.967 1.00 173.35 ? 2  LEU N CD2 1 
ATOM 465  N N   . VAL B 1 3  ? -38.053 12.443  -20.440 1.00 117.03 ? 3  VAL N N   1 
ATOM 466  C CA  . VAL B 1 3  ? -37.506 11.429  -21.287 1.00 117.03 ? 3  VAL N CA  1 
ATOM 467  C C   . VAL B 1 3  ? -36.590 10.583  -20.472 1.00 117.03 ? 3  VAL N C   1 
ATOM 468  O O   . VAL B 1 3  ? -35.819 11.083  -19.654 1.00 117.03 ? 3  VAL N O   1 
ATOM 469  C CB  . VAL B 1 3  ? -36.696 11.963  -22.431 1.00 117.03 ? 3  VAL N CB  1 
ATOM 470  C CG1 . VAL B 1 3  ? -35.430 12.642  -21.875 1.00 117.03 ? 3  VAL N CG1 1 
ATOM 471  C CG2 . VAL B 1 3  ? -36.416 10.802  -23.399 1.00 117.03 ? 3  VAL N CG2 1 
ATOM 472  N N   . THR B 1 4  ? -36.672 9.253   -20.672 1.00 214.59 ? 4  THR N N   1 
ATOM 473  C CA  . THR B 1 4  ? -35.796 8.346   -19.993 1.00 214.59 ? 4  THR N CA  1 
ATOM 474  C C   . THR B 1 4  ? -34.548 8.346   -20.805 1.00 214.59 ? 4  THR N C   1 
ATOM 475  O O   . THR B 1 4  ? -34.528 8.913   -21.897 1.00 214.59 ? 4  THR N O   1 
ATOM 476  C CB  . THR B 1 4  ? -36.299 6.930   -19.957 1.00 214.59 ? 4  THR N CB  1 
ATOM 477  O OG1 . THR B 1 4  ? -36.437 6.422   -21.277 1.00 214.59 ? 4  THR N OG1 1 
ATOM 478  C CG2 . THR B 1 4  ? -37.652 6.896   -19.229 1.00 214.59 ? 4  THR N CG2 1 
ATOM 479  N N   . THR B 1 5  ? -33.468 7.723   -20.298 1.00 59.56  ? 5  THR N N   1 
ATOM 480  C CA  . THR B 1 5  ? -32.267 7.715   -21.075 1.00 59.56  ? 5  THR N CA  1 
ATOM 481  C C   . THR B 1 5  ? -32.246 6.422   -21.820 1.00 59.56  ? 5  THR N C   1 
ATOM 482  O O   . THR B 1 5  ? -32.323 5.348   -21.226 1.00 59.56  ? 5  THR N O   1 
ATOM 483  C CB  . THR B 1 5  ? -31.010 7.782   -20.266 1.00 59.56  ? 5  THR N CB  1 
ATOM 484  O OG1 . THR B 1 5  ? -30.995 8.955   -19.465 1.00 59.56  ? 5  THR N OG1 1 
ATOM 485  C CG2 . THR B 1 5  ? -29.825 7.802   -21.242 1.00 59.56  ? 5  THR N CG2 1 
ATOM 486  N N   . MET B 1 6  ? -32.129 6.504   -23.160 1.00 63.57  ? 6  MET N N   1 
ATOM 487  C CA  . MET B 1 6  ? -32.201 5.317   -23.961 1.00 63.57  ? 6  MET N CA  1 
ATOM 488  C C   . MET B 1 6  ? -30.878 5.057   -24.611 1.00 63.57  ? 6  MET N C   1 
ATOM 489  O O   . MET B 1 6  ? -30.145 5.983   -24.956 1.00 63.57  ? 6  MET N O   1 
ATOM 490  C CB  . MET B 1 6  ? -33.218 5.408   -25.114 1.00 63.57  ? 6  MET N CB  1 
ATOM 491  C CG  . MET B 1 6  ? -34.687 5.361   -24.692 1.00 63.57  ? 6  MET N CG  1 
ATOM 492  S SD  . MET B 1 6  ? -35.222 3.756   -24.030 1.00 63.57  ? 6  MET N SD  1 
ATOM 493  C CE  . MET B 1 6  ? -36.969 3.987   -24.469 1.00 63.57  ? 6  MET N CE  1 
ATOM 494  N N   . CYS B 1 7  ? -30.555 3.757   -24.778 1.00 65.35  ? 7  CYS N N   1 
ATOM 495  C CA  . CYS B 1 7  ? -29.364 3.302   -25.439 1.00 65.35  ? 7  CYS N CA  1 
ATOM 496  C C   . CYS B 1 7  ? -29.775 2.397   -26.574 1.00 65.35  ? 7  CYS N C   1 
ATOM 497  O O   . CYS B 1 7  ? -30.933 1.984   -26.651 1.00 65.35  ? 7  CYS N O   1 
ATOM 498  C CB  . CYS B 1 7  ? -28.392 2.547   -24.512 1.00 65.35  ? 7  CYS N CB  1 
ATOM 499  S SG  . CYS B 1 7  ? -27.336 3.663   -23.536 1.00 65.35  ? 7  CYS N SG  1 
ATOM 500  N N   . LEU B 1 8  ? -28.835 2.077   -27.498 1.00 75.14  ? 8  LEU N N   1 
ATOM 501  C CA  . LEU B 1 8  ? -29.183 1.321   -28.682 1.00 75.14  ? 8  LEU N CA  1 
ATOM 502  C C   . LEU B 1 8  ? -28.465 0.000   -28.747 1.00 75.14  ? 8  LEU N C   1 
ATOM 503  O O   . LEU B 1 8  ? -27.300 -0.117  -28.373 1.00 75.14  ? 8  LEU N O   1 
ATOM 504  C CB  . LEU B 1 8  ? -28.815 2.051   -29.986 1.00 75.14  ? 8  LEU N CB  1 
ATOM 505  C CG  . LEU B 1 8  ? -29.498 3.419   -30.146 1.00 75.14  ? 8  LEU N CG  1 
ATOM 506  C CD1 . LEU B 1 8  ? -29.185 4.043   -31.514 1.00 75.14  ? 8  LEU N CD1 1 
ATOM 507  C CD2 . LEU B 1 8  ? -31.003 3.322   -29.860 1.00 75.14  ? 8  LEU N CD2 1 
ATOM 508  N N   . LEU B 1 9  ? -29.183 -1.042  -29.231 1.00 163.13 ? 9  LEU N N   1 
ATOM 509  C CA  . LEU B 1 9  ? -28.616 -2.344  -29.435 1.00 163.13 ? 9  LEU N CA  1 
ATOM 510  C C   . LEU B 1 9  ? -29.307 -2.917  -30.637 1.00 163.13 ? 9  LEU N C   1 
ATOM 511  O O   . LEU B 1 9  ? -30.520 -3.116  -30.628 1.00 163.13 ? 9  LEU N O   1 
ATOM 512  C CB  . LEU B 1 9  ? -28.805 -3.250  -28.197 1.00 163.13 ? 9  LEU N CB  1 
ATOM 513  C CG  . LEU B 1 9  ? -28.229 -4.674  -28.284 1.00 163.13 ? 9  LEU N CG  1 
ATOM 514  C CD1 . LEU B 1 9  ? -28.261 -5.338  -26.900 1.00 163.13 ? 9  LEU N CD1 1 
ATOM 515  C CD2 . LEU B 1 9  ? -28.953 -5.535  -29.328 1.00 163.13 ? 9  LEU N CD2 1 
ATOM 516  N N   . ALA B 1 10 ? -28.553 -3.183  -31.727 1.00 228.39 ? 10 ALA N N   1 
ATOM 517  C CA  . ALA B 1 10 ? -29.241 -3.710  -32.872 1.00 228.39 ? 10 ALA N CA  1 
ATOM 518  C C   . ALA B 1 10 ? -30.163 -2.615  -33.301 1.00 228.39 ? 10 ALA N C   1 
ATOM 519  O O   . ALA B 1 10 ? -29.868 -1.443  -33.088 1.00 228.39 ? 10 ALA N O   1 
ATOM 520  C CB  . ALA B 1 10 ? -30.068 -4.981  -32.589 1.00 228.39 ? 10 ALA N CB  1 
ATOM 521  N N   . ASN B 1 11 ? -31.270 -2.928  -33.997 1.00 156.73 ? 11 ASN N N   1 
ATOM 522  C CA  . ASN B 1 11 ? -32.151 -1.823  -34.229 1.00 156.73 ? 11 ASN N CA  1 
ATOM 523  C C   . ASN B 1 11 ? -33.243 -1.885  -33.194 1.00 156.73 ? 11 ASN N C   1 
ATOM 524  O O   . ASN B 1 11 ? -34.421 -2.058  -33.505 1.00 156.73 ? 11 ASN N O   1 
ATOM 525  C CB  . ASN B 1 11 ? -32.738 -1.751  -35.651 1.00 156.73 ? 11 ASN N CB  1 
ATOM 526  C CG  . ASN B 1 11 ? -33.569 -2.986  -35.936 1.00 156.73 ? 11 ASN N CG  1 
ATOM 527  O OD1 . ASN B 1 11 ? -33.164 -4.109  -35.648 1.00 156.73 ? 11 ASN N OD1 1 
ATOM 528  N ND2 . ASN B 1 11 ? -34.779 -2.763  -36.517 1.00 156.73 ? 11 ASN N ND2 1 
ATOM 529  N N   . VAL B 1 12 ? -32.854 -1.712  -31.912 1.00 56.85  ? 12 VAL N N   1 
ATOM 530  C CA  . VAL B 1 12 ? -33.772 -1.715  -30.806 1.00 56.85  ? 12 VAL N CA  1 
ATOM 531  C C   . VAL B 1 12 ? -33.256 -0.716  -29.815 1.00 56.85  ? 12 VAL N C   1 
ATOM 532  O O   . VAL B 1 12 ? -32.066 -0.400  -29.813 1.00 56.85  ? 12 VAL N O   1 
ATOM 533  C CB  . VAL B 1 12 ? -33.862 -3.043  -30.106 1.00 56.85  ? 12 VAL N CB  1 
ATOM 534  C CG1 . VAL B 1 12 ? -34.835 -2.923  -28.919 1.00 56.85  ? 12 VAL N CG1 1 
ATOM 535  C CG2 . VAL B 1 12 ? -34.265 -4.108  -31.139 1.00 56.85  ? 12 VAL N CG2 1 
ATOM 536  N N   . THR B 1 13 ? -34.155 -0.182  -28.960 1.00 46.25  ? 13 THR N N   1 
ATOM 537  C CA  . THR B 1 13 ? -33.786 0.777   -27.952 1.00 46.25  ? 13 THR N CA  1 
ATOM 538  C C   . THR B 1 13 ? -34.124 0.179   -26.616 1.00 46.25  ? 13 THR N C   1 
ATOM 539  O O   . THR B 1 13 ? -35.069 -0.600  -26.505 1.00 46.25  ? 13 THR N O   1 
ATOM 540  C CB  . THR B 1 13 ? -34.552 2.061   -28.051 1.00 46.25  ? 13 THR N CB  1 
ATOM 541  O OG1 . THR B 1 13 ? -35.939 1.817   -27.869 1.00 46.25  ? 13 THR N OG1 1 
ATOM 542  C CG2 . THR B 1 13 ? -34.301 2.688   -29.432 1.00 46.25  ? 13 THR N CG2 1 
ATOM 543  N N   . PHE B 1 14 ? -33.339 0.526   -25.567 1.00 186.10 ? 14 PHE N N   1 
ATOM 544  C CA  . PHE B 1 14 ? -33.537 -0.009  -24.245 1.00 186.10 ? 14 PHE N CA  1 
ATOM 545  C C   . PHE B 1 14 ? -32.992 0.980   -23.251 1.00 186.10 ? 14 PHE N C   1 
ATOM 546  O O   . PHE B 1 14 ? -32.230 1.875   -23.615 1.00 186.10 ? 14 PHE N O   1 
ATOM 547  C CB  . PHE B 1 14 ? -32.809 -1.356  -24.041 1.00 186.10 ? 14 PHE N CB  1 
ATOM 548  C CG  . PHE B 1 14 ? -31.348 -1.164  -24.293 1.00 186.10 ? 14 PHE N CG  1 
ATOM 549  C CD1 . PHE B 1 14 ? -30.828 -1.318  -25.559 1.00 186.10 ? 14 PHE N CD1 1 
ATOM 550  C CD2 . PHE B 1 14 ? -30.492 -0.829  -23.271 1.00 186.10 ? 14 PHE N CD2 1 
ATOM 551  C CE1 . PHE B 1 14 ? -29.485 -1.139  -25.798 1.00 186.10 ? 14 PHE N CE1 1 
ATOM 552  C CE2 . PHE B 1 14 ? -29.149 -0.652  -23.504 1.00 186.10 ? 14 PHE N CE2 1 
ATOM 553  C CZ  . PHE B 1 14 ? -28.639 -0.808  -24.770 1.00 186.10 ? 14 PHE N CZ  1 
ATOM 554  N N   . PRO B 1 15 ? -33.362 0.871   -21.997 1.00 124.59 ? 15 PRO N N   1 
ATOM 555  C CA  . PRO B 1 15 ? -32.837 1.778   -21.011 1.00 124.59 ? 15 PRO N CA  1 
ATOM 556  C C   . PRO B 1 15 ? -31.372 1.520   -20.837 1.00 124.59 ? 15 PRO N C   1 
ATOM 557  O O   . PRO B 1 15 ? -30.982 0.359   -20.734 1.00 124.59 ? 15 PRO N O   1 
ATOM 558  C CB  . PRO B 1 15 ? -33.669 1.561   -19.753 1.00 124.59 ? 15 PRO N CB  1 
ATOM 559  C CG  . PRO B 1 15 ? -35.025 1.082   -20.305 1.00 124.59 ? 15 PRO N CG  1 
ATOM 560  C CD  . PRO B 1 15 ? -34.685 0.390   -21.639 1.00 124.59 ? 15 PRO N CD  1 
ATOM 561  N N   . CYS B 1 16 ? -30.553 2.587   -20.747 1.00 57.17  ? 16 CYS N N   1 
ATOM 562  C CA  . CYS B 1 16 ? -29.126 2.444   -20.685 1.00 57.17  ? 16 CYS N CA  1 
ATOM 563  C C   . CYS B 1 16 ? -28.729 1.693   -19.453 1.00 57.17  ? 16 CYS N C   1 
ATOM 564  O O   . CYS B 1 16 ? -27.827 0.856   -19.490 1.00 57.17  ? 16 CYS N O   1 
ATOM 565  C CB  . CYS B 1 16 ? -28.397 3.798   -20.704 1.00 57.17  ? 16 CYS N CB  1 
ATOM 566  S SG  . CYS B 1 16 ? -28.603 4.656   -22.294 1.00 57.17  ? 16 CYS N SG  1 
ATOM 567  N N   . ALA B 1 17 ? -29.402 1.979   -18.325 1.00 55.50  ? 17 ALA N N   1 
ATOM 568  C CA  . ALA B 1 17 ? -29.156 1.362   -17.054 1.00 55.50  ? 17 ALA N CA  1 
ATOM 569  C C   . ALA B 1 17 ? -29.465 -0.103  -17.134 1.00 55.50  ? 17 ALA N C   1 
ATOM 570  O O   . ALA B 1 17 ? -28.859 -0.905  -16.424 1.00 55.50  ? 17 ALA N O   1 
ATOM 571  C CB  . ALA B 1 17 ? -30.040 1.945   -15.937 1.00 55.50  ? 17 ALA N CB  1 
ATOM 572  N N   . GLN B 1 18 ? -30.461 -0.509  -17.946 1.00 77.63  ? 18 GLN N N   1 
ATOM 573  C CA  . GLN B 1 18 ? -30.786 -1.908  -17.904 1.00 77.63  ? 18 GLN N CA  1 
ATOM 574  C C   . GLN B 1 18 ? -30.609 -2.563  -19.248 1.00 77.63  ? 18 GLN N C   1 
ATOM 575  O O   . GLN B 1 18 ? -31.547 -2.628  -20.040 1.00 77.63  ? 18 GLN N O   1 
ATOM 576  C CB  . GLN B 1 18 ? -32.239 -2.131  -17.457 1.00 77.63  ? 18 GLN N CB  1 
ATOM 577  C CG  . GLN B 1 18 ? -32.514 -1.620  -16.038 1.00 77.63  ? 18 GLN N CG  1 
ATOM 578  C CD  . GLN B 1 18 ? -34.015 -1.682  -15.798 1.00 77.63  ? 18 GLN N CD  1 
ATOM 579  O OE1 . GLN B 1 18 ? -34.659 -2.681  -16.112 1.00 77.63  ? 18 GLN N OE1 1 
ATOM 580  N NE2 . GLN B 1 18 ? -34.590 -0.582  -15.238 1.00 77.63  ? 18 GLN N NE2 1 
ATOM 581  N N   . PRO B 1 19 ? -29.429 -3.074  -19.517 1.00 98.23  ? 19 PRO N N   1 
ATOM 582  C CA  . PRO B 1 19 ? -29.203 -3.829  -20.726 1.00 98.23  ? 19 PRO N CA  1 
ATOM 583  C C   . PRO B 1 19 ? -29.668 -5.238  -20.494 1.00 98.23  ? 19 PRO N C   1 
ATOM 584  O O   . PRO B 1 19 ? -29.849 -5.622  -19.341 1.00 98.23  ? 19 PRO N O   1 
ATOM 585  C CB  . PRO B 1 19 ? -27.707 -3.719  -21.031 1.00 98.23  ? 19 PRO N CB  1 
ATOM 586  C CG  . PRO B 1 19 ? -27.079 -3.212  -19.723 1.00 98.23  ? 19 PRO N CG  1 
ATOM 587  C CD  . PRO B 1 19 ? -28.216 -2.416  -19.062 1.00 98.23  ? 19 PRO N CD  1 
ATOM 588  N N   . PRO B 1 20 ? -29.894 -5.999  -21.526 1.00 121.43 ? 20 PRO N N   1 
ATOM 589  C CA  . PRO B 1 20 ? -30.324 -7.366  -21.415 1.00 121.43 ? 20 PRO N CA  1 
ATOM 590  C C   . PRO B 1 20 ? -29.318 -8.313  -20.801 1.00 121.43 ? 20 PRO N C   1 
ATOM 591  O O   . PRO B 1 20 ? -29.755 -9.272  -20.164 1.00 121.43 ? 20 PRO N O   1 
ATOM 592  C CB  . PRO B 1 20 ? -30.739 -7.781  -22.830 1.00 121.43 ? 20 PRO N CB  1 
ATOM 593  C CG  . PRO B 1 20 ? -30.042 -6.760  -23.749 1.00 121.43 ? 20 PRO N CG  1 
ATOM 594  C CD  . PRO B 1 20 ? -29.949 -5.492  -22.884 1.00 121.43 ? 20 PRO N CD  1 
ATOM 595  N N   . ILE B 1 21 ? -27.991 -8.091  -20.961 1.00 315.49 ? 21 ILE N N   1 
ATOM 596  C CA  . ILE B 1 21 ? -27.009 -9.061  -20.512 1.00 315.49 ? 21 ILE N CA  1 
ATOM 597  C C   . ILE B 1 21 ? -25.764 -8.359  -20.012 1.00 315.49 ? 21 ILE N C   1 
ATOM 598  O O   . ILE B 1 21 ? -25.770 -7.138  -19.865 1.00 315.49 ? 21 ILE N O   1 
ATOM 599  C CB  . ILE B 1 21 ? -26.544 -9.949  -21.622 1.00 315.49 ? 21 ILE N CB  1 
ATOM 600  C CG1 . ILE B 1 21 ? -25.827 -9.097  -22.687 1.00 315.49 ? 21 ILE N CG1 1 
ATOM 601  C CG2 . ILE B 1 21 ? -27.762 -10.726 -22.152 1.00 315.49 ? 21 ILE N CG2 1 
ATOM 602  C CD1 . ILE B 1 21 ? -25.039 -9.901  -23.722 1.00 315.49 ? 21 ILE N CD1 1 
ATOM 603  N N   . CYS B 1 22 ? -24.679 -9.128  -19.684 1.00 248.80 ? 22 CYS N N   1 
ATOM 604  C CA  . CYS B 1 22 ? -23.415 -8.583  -19.271 1.00 248.80 ? 22 CYS N CA  1 
ATOM 605  C C   . CYS B 1 22 ? -22.257 -9.199  -20.013 1.00 248.80 ? 22 CYS N C   1 
ATOM 606  O O   . CYS B 1 22 ? -22.413 -9.925  -20.995 1.00 248.80 ? 22 CYS N O   1 
ATOM 607  C CB  . CYS B 1 22 ? -23.110 -8.763  -17.777 1.00 248.80 ? 22 CYS N CB  1 
ATOM 608  S SG  . CYS B 1 22 ? -24.264 -7.851  -16.708 1.00 248.80 ? 22 CYS N SG  1 
ATOM 609  N N   . TYR B 1 23 ? -21.041 -8.854  -19.527 1.00 96.84  ? 23 TYR N N   1 
ATOM 610  C CA  . TYR B 1 23 ? -19.725 -9.200  -20.007 1.00 96.84  ? 23 TYR N CA  1 
ATOM 611  C C   . TYR B 1 23 ? -19.470 -10.670 -19.864 1.00 96.84  ? 23 TYR N C   1 
ATOM 612  O O   . TYR B 1 23 ? -18.924 -11.299 -20.768 1.00 96.84  ? 23 TYR N O   1 
ATOM 613  C CB  . TYR B 1 23 ? -18.643 -8.449  -19.197 1.00 96.84  ? 23 TYR N CB  1 
ATOM 614  C CG  . TYR B 1 23 ? -17.261 -8.742  -19.690 1.00 96.84  ? 23 TYR N CG  1 
ATOM 615  C CD1 . TYR B 1 23 ? -16.766 -8.103  -20.805 1.00 96.84  ? 23 TYR N CD1 1 
ATOM 616  C CD2 . TYR B 1 23 ? -16.448 -9.629  -19.019 1.00 96.84  ? 23 TYR N CD2 1 
ATOM 617  C CE1 . TYR B 1 23 ? -15.491 -8.359  -21.258 1.00 96.84  ? 23 TYR N CE1 1 
ATOM 618  C CE2 . TYR B 1 23 ? -15.172 -9.891  -19.465 1.00 96.84  ? 23 TYR N CE2 1 
ATOM 619  C CZ  . TYR B 1 23 ? -14.692 -9.254  -20.584 1.00 96.84  ? 23 TYR N CZ  1 
ATOM 620  O OH  . TYR B 1 23 ? -13.382 -9.521  -21.044 1.00 96.84  ? 23 TYR N OH  1 
ATOM 621  N N   . ASP B 1 24 ? -19.864 -11.265 -18.724 1.00 83.89  ? 24 ASP N N   1 
ATOM 622  C CA  . ASP B 1 24 ? -19.547 -12.639 -18.464 1.00 83.89  ? 24 ASP N CA  1 
ATOM 623  C C   . ASP B 1 24 ? -20.157 -13.530 -19.504 1.00 83.89  ? 24 ASP N C   1 
ATOM 624  O O   . ASP B 1 24 ? -19.503 -14.459 -19.975 1.00 83.89  ? 24 ASP N O   1 
ATOM 625  C CB  . ASP B 1 24 ? -20.062 -13.115 -17.096 1.00 83.89  ? 24 ASP N CB  1 
ATOM 626  C CG  . ASP B 1 24 ? -19.385 -14.443 -16.801 1.00 83.89  ? 24 ASP N CG  1 
ATOM 627  O OD1 . ASP B 1 24 ? -18.432 -14.790 -17.547 1.00 83.89  ? 24 ASP N OD1 1 
ATOM 628  O OD2 . ASP B 1 24 ? -19.811 -15.127 -15.834 1.00 83.89  ? 24 ASP N OD2 1 
ATOM 629  N N   . ARG B 1 25 ? -21.433 -13.299 -19.877 1.00 54.12  ? 25 ARG N N   1 
ATOM 630  C CA  . ARG B 1 25 ? -22.048 -14.179 -20.832 1.00 54.12  ? 25 ARG N CA  1 
ATOM 631  C C   . ARG B 1 25 ? -21.368 -14.071 -22.163 1.00 54.12  ? 25 ARG N C   1 
ATOM 632  O O   . ARG B 1 25 ? -20.925 -15.077 -22.715 1.00 54.12  ? 25 ARG N O   1 
ATOM 633  C CB  . ARG B 1 25 ? -23.543 -13.891 -21.067 1.00 54.12  ? 25 ARG N CB  1 
ATOM 634  C CG  . ARG B 1 25 ? -24.437 -14.216 -19.865 1.00 54.12  ? 25 ARG N CG  1 
ATOM 635  C CD  . ARG B 1 25 ? -25.935 -14.097 -20.167 1.00 54.12  ? 25 ARG N CD  1 
ATOM 636  N NE  . ARG B 1 25 ? -26.680 -14.235 -18.881 1.00 54.12  ? 25 ARG N NE  1 
ATOM 637  C CZ  . ARG B 1 25 ? -27.292 -15.413 -18.552 1.00 54.12  ? 25 ARG N CZ  1 
ATOM 638  N NH1 . ARG B 1 25 ? -27.255 -16.463 -19.423 1.00 54.12  ? 25 ARG N NH1 1 
ATOM 639  N NH2 . ARG B 1 25 ? -27.957 -15.527 -17.367 1.00 54.12  ? 25 ARG N NH2 1 
ATOM 640  N N   . LYS B 1 26 ? -21.246 -12.841 -22.704 1.00 144.25 ? 26 LYS N N   1 
ATOM 641  C CA  . LYS B 1 26 ? -20.616 -12.715 -23.990 1.00 144.25 ? 26 LYS N CA  1 
ATOM 642  C C   . LYS B 1 26 ? -19.845 -11.438 -24.009 1.00 144.25 ? 26 LYS N C   1 
ATOM 643  O O   . LYS B 1 26 ? -20.397 -10.353 -24.198 1.00 144.25 ? 26 LYS N O   1 
ATOM 644  C CB  . LYS B 1 26 ? -21.613 -12.666 -25.161 1.00 144.25 ? 26 LYS N CB  1 
ATOM 645  C CG  . LYS B 1 26 ? -22.478 -13.925 -25.245 1.00 144.25 ? 26 LYS N CG  1 
ATOM 646  C CD  . LYS B 1 26 ? -21.669 -15.219 -25.362 1.00 144.25 ? 26 LYS N CD  1 
ATOM 647  C CE  . LYS B 1 26 ? -22.486 -16.475 -25.050 1.00 144.25 ? 26 LYS N CE  1 
ATOM 648  N NZ  . LYS B 1 26 ? -23.600 -16.611 -26.017 1.00 144.25 ? 26 LYS N NZ  1 
ATOM 649  N N   . PRO B 1 27 ? -18.566 -11.564 -23.808 1.00 74.70  ? 27 PRO N N   1 
ATOM 650  C CA  . PRO B 1 27 ? -17.653 -10.458 -23.778 1.00 74.70  ? 27 PRO N CA  1 
ATOM 651  C C   . PRO B 1 27 ? -17.590 -9.667  -25.049 1.00 74.70  ? 27 PRO N C   1 
ATOM 652  O O   . PRO B 1 27 ? -17.503 -8.442  -24.971 1.00 74.70  ? 27 PRO N O   1 
ATOM 653  C CB  . PRO B 1 27 ? -16.298 -11.059 -23.403 1.00 74.70  ? 27 PRO N CB  1 
ATOM 654  C CG  . PRO B 1 27 ? -16.410 -12.530 -23.847 1.00 74.70  ? 27 PRO N CG  1 
ATOM 655  C CD  . PRO B 1 27 ? -17.905 -12.851 -23.682 1.00 74.70  ? 27 PRO N CD  1 
ATOM 656  N N   . ALA B 1 28 ? -17.601 -10.332 -26.219 1.00 32.07  ? 28 ALA N N   1 
ATOM 657  C CA  . ALA B 1 28 ? -17.472 -9.645  -27.476 1.00 32.07  ? 28 ALA N CA  1 
ATOM 658  C C   . ALA B 1 28 ? -18.671 -8.786  -27.719 1.00 32.07  ? 28 ALA N C   1 
ATOM 659  O O   . ALA B 1 28 ? -18.550 -7.633  -28.135 1.00 32.07  ? 28 ALA N O   1 
ATOM 660  C CB  . ALA B 1 28 ? -17.355 -10.607 -28.669 1.00 32.07  ? 28 ALA N CB  1 
ATOM 661  N N   . GLU B 1 29 ? -19.868 -9.337  -27.449 1.00 35.30  ? 29 GLU N N   1 
ATOM 662  C CA  . GLU B 1 29 ? -21.090 -8.645  -27.733 1.00 35.30  ? 29 GLU N CA  1 
ATOM 663  C C   . GLU B 1 29 ? -21.194 -7.424  -26.877 1.00 35.30  ? 29 GLU N C   1 
ATOM 664  O O   . GLU B 1 29 ? -21.640 -6.379  -27.353 1.00 35.30  ? 29 GLU N O   1 
ATOM 665  C CB  . GLU B 1 29 ? -22.350 -9.493  -27.482 1.00 35.30  ? 29 GLU N CB  1 
ATOM 666  C CG  . GLU B 1 29 ? -22.500 -10.674 -28.445 1.00 35.30  ? 29 GLU N CG  1 
ATOM 667  C CD  . GLU B 1 29 ? -23.779 -11.419 -28.082 1.00 35.30  ? 29 GLU N CD  1 
ATOM 668  O OE1 . GLU B 1 29 ? -24.457 -10.997 -27.107 1.00 35.30  ? 29 GLU N OE1 1 
ATOM 669  O OE2 . GLU B 1 29 ? -24.089 -12.425 -28.776 1.00 35.30  ? 29 GLU N OE2 1 
ATOM 670  N N   . THR B 1 30 ? -20.788 -7.525  -25.596 1.00 134.89 ? 30 THR N N   1 
ATOM 671  C CA  . THR B 1 30 ? -20.918 -6.423  -24.680 1.00 134.89 ? 30 THR N CA  1 
ATOM 672  C C   . THR B 1 30 ? -20.080 -5.259  -25.114 1.00 134.89 ? 30 THR N C   1 
ATOM 673  O O   . THR B 1 30 ? -20.534 -4.115  -25.092 1.00 134.89 ? 30 THR N O   1 
ATOM 674  C CB  . THR B 1 30 ? -20.542 -6.746  -23.255 1.00 134.89 ? 30 THR N CB  1 
ATOM 675  O OG1 . THR B 1 30 ? -19.241 -7.308  -23.193 1.00 134.89 ? 30 THR N OG1 1 
ATOM 676  C CG2 . THR B 1 30 ? -21.579 -7.694  -22.638 1.00 134.89 ? 30 THR N CG2 1 
ATOM 677  N N   . LEU B 1 31 ? -18.825 -5.519  -25.513 1.00 49.87  ? 31 LEU N N   1 
ATOM 678  C CA  . LEU B 1 31 ? -17.942 -4.455  -25.893 1.00 49.87  ? 31 LEU N CA  1 
ATOM 679  C C   . LEU B 1 31 ? -18.466 -3.797  -27.131 1.00 49.87  ? 31 LEU N C   1 
ATOM 680  O O   . LEU B 1 31 ? -18.398 -2.575  -27.267 1.00 49.87  ? 31 LEU N O   1 
ATOM 681  C CB  . LEU B 1 31 ? -16.514 -4.953  -26.169 1.00 49.87  ? 31 LEU N CB  1 
ATOM 682  C CG  . LEU B 1 31 ? -15.872 -5.629  -24.941 1.00 49.87  ? 31 LEU N CG  1 
ATOM 683  C CD1 . LEU B 1 31 ? -14.429 -6.080  -25.220 1.00 49.87  ? 31 LEU N CD1 1 
ATOM 684  C CD2 . LEU B 1 31 ? -15.992 -4.737  -23.698 1.00 49.87  ? 31 LEU N CD2 1 
ATOM 685  N N   . ALA B 1 32 ? -18.996 -4.600  -28.072 1.00 22.50  ? 32 ALA N N   1 
ATOM 686  C CA  . ALA B 1 32 ? -19.501 -4.085  -29.315 1.00 22.50  ? 32 ALA N CA  1 
ATOM 687  C C   . ALA B 1 32 ? -20.649 -3.169  -29.024 1.00 22.50  ? 32 ALA N C   1 
ATOM 688  O O   . ALA B 1 32 ? -20.789 -2.115  -29.645 1.00 22.50  ? 32 ALA N O   1 
ATOM 689  C CB  . ALA B 1 32 ? -20.017 -5.192  -30.249 1.00 22.50  ? 32 ALA N CB  1 
ATOM 690  N N   . MET B 1 33 ? -21.509 -3.561  -28.066 1.00 44.53  ? 33 MET N N   1 
ATOM 691  C CA  . MET B 1 33 ? -22.665 -2.797  -27.692 1.00 44.53  ? 33 MET N CA  1 
ATOM 692  C C   . MET B 1 33 ? -22.244 -1.486  -27.094 1.00 44.53  ? 33 MET N C   1 
ATOM 693  O O   . MET B 1 33 ? -22.864 -0.457  -27.357 1.00 44.53  ? 33 MET N O   1 
ATOM 694  C CB  . MET B 1 33 ? -23.537 -3.535  -26.660 1.00 44.53  ? 33 MET N CB  1 
ATOM 695  C CG  . MET B 1 33 ? -24.779 -2.753  -26.229 1.00 44.53  ? 33 MET N CG  1 
ATOM 696  S SD  . MET B 1 33 ? -25.842 -3.622  -25.037 1.00 44.53  ? 33 MET N SD  1 
ATOM 697  C CE  . MET B 1 33 ? -24.641 -3.598  -23.676 1.00 44.53  ? 33 MET N CE  1 
ATOM 698  N N   . LEU B 1 34 ? -21.186 -1.480  -26.259 1.00 59.76  ? 34 LEU N N   1 
ATOM 699  C CA  . LEU B 1 34 ? -20.707 -0.278  -25.628 1.00 59.76  ? 34 LEU N CA  1 
ATOM 700  C C   . LEU B 1 34 ? -20.206 0.674   -26.671 1.00 59.76  ? 34 LEU N C   1 
ATOM 701  O O   . LEU B 1 34 ? -20.441 1.879   -26.588 1.00 59.76  ? 34 LEU N O   1 
ATOM 702  C CB  . LEU B 1 34 ? -19.532 -0.557  -24.674 1.00 59.76  ? 34 LEU N CB  1 
ATOM 703  C CG  . LEU B 1 34 ? -19.917 -1.324  -23.392 1.00 59.76  ? 34 LEU N CG  1 
ATOM 704  C CD1 . LEU B 1 34 ? -18.677 -1.645  -22.542 1.00 59.76  ? 34 LEU N CD1 1 
ATOM 705  C CD2 . LEU B 1 34 ? -20.974 -0.560  -22.578 1.00 59.76  ? 34 LEU N CD2 1 
ATOM 706  N N   . SER B 1 35 ? -19.489 0.147   -27.686 1.00 72.07  ? 35 SER N N   1 
ATOM 707  C CA  . SER B 1 35 ? -18.913 0.969   -28.718 1.00 72.07  ? 35 SER N CA  1 
ATOM 708  C C   . SER B 1 35 ? -20.004 1.644   -29.495 1.00 72.07  ? 35 SER N C   1 
ATOM 709  O O   . SER B 1 35 ? -19.835 2.772   -29.957 1.00 72.07  ? 35 SER N O   1 
ATOM 710  C CB  . SER B 1 35 ? -18.062 0.172   -29.725 1.00 72.07  ? 35 SER N CB  1 
ATOM 711  O OG  . SER B 1 35 ? -16.933 -0.394  -29.080 1.00 72.07  ? 35 SER N OG  1 
ATOM 712  N N   . VAL B 1 36 ? -21.154 0.966   -29.663 1.00 115.25 ? 36 VAL N N   1 
ATOM 713  C CA  . VAL B 1 36 ? -22.241 1.501   -30.434 1.00 115.25 ? 36 VAL N CA  1 
ATOM 714  C C   . VAL B 1 36 ? -22.853 2.679   -29.733 1.00 115.25 ? 36 VAL N C   1 
ATOM 715  O O   . VAL B 1 36 ? -23.469 3.517   -30.387 1.00 115.25 ? 36 VAL N O   1 
ATOM 716  C CB  . VAL B 1 36 ? -23.348 0.530   -30.743 1.00 115.25 ? 36 VAL N CB  1 
ATOM 717  C CG1 . VAL B 1 36 ? -24.278 0.404   -29.530 1.00 115.25 ? 36 VAL N CG1 1 
ATOM 718  C CG2 . VAL B 1 36 ? -24.074 1.026   -32.006 1.00 115.25 ? 36 VAL N CG2 1 
ATOM 719  N N   . ASN B 1 37 ? -22.737 2.722   -28.410 1.00 186.45 ? 37 ASN N N   1 
ATOM 720  C CA  . ASN B 1 37 ? -23.367 3.774   -27.625 1.00 186.45 ? 37 ASN N CA  1 
ATOM 721  C C   . ASN B 1 37 ? -22.348 4.753   -27.067 1.00 186.45 ? 37 ASN N C   1 
ATOM 722  O O   . ASN B 1 37 ? -22.496 5.251   -25.951 1.00 186.45 ? 37 ASN N O   1 
ATOM 723  C CB  . ASN B 1 37 ? -24.195 3.172   -26.489 1.00 186.45 ? 37 ASN N CB  1 
ATOM 724  C CG  . ASN B 1 37 ? -25.533 2.639   -26.961 1.00 186.45 ? 37 ASN N CG  1 
ATOM 725  O OD1 . ASN B 1 37 ? -26.454 3.404   -27.246 1.00 186.45 ? 37 ASN N OD1 1 
ATOM 726  N ND2 . ASN B 1 37 ? -25.647 1.319   -27.048 1.00 186.45 ? 37 ASN N ND2 1 
ATOM 727  N N   . VAL B 1 38 ? -21.310 5.028   -27.849 1.00 58.60  ? 38 VAL N N   1 
ATOM 728  C CA  . VAL B 1 38 ? -20.278 5.933   -27.419 1.00 58.60  ? 38 VAL N CA  1 
ATOM 729  C C   . VAL B 1 38 ? -20.802 7.343   -27.416 1.00 58.60  ? 38 VAL N C   1 
ATOM 730  O O   . VAL B 1 38 ? -20.466 8.134   -26.536 1.00 58.60  ? 38 VAL N O   1 
ATOM 731  C CB  . VAL B 1 38 ? -19.106 5.943   -28.356 1.00 58.60  ? 38 VAL N CB  1 
ATOM 732  C CG1 . VAL B 1 38 ? -18.165 7.077   -27.930 1.00 58.60  ? 38 VAL N CG1 1 
ATOM 733  C CG2 . VAL B 1 38 ? -18.459 4.548   -28.367 1.00 58.60  ? 38 VAL N CG2 1 
ATOM 734  N N   . ASP B 1 39 ? -21.603 7.699   -28.440 1.00 47.06  ? 39 ASP N N   1 
ATOM 735  C CA  . ASP B 1 39 ? -22.139 9.021   -28.642 1.00 47.06  ? 39 ASP N CA  1 
ATOM 736  C C   . ASP B 1 39 ? -23.154 9.379   -27.596 1.00 47.06  ? 39 ASP N C   1 
ATOM 737  O O   . ASP B 1 39 ? -23.227 10.535  -27.181 1.00 47.06  ? 39 ASP N O   1 
ATOM 738  C CB  . ASP B 1 39 ? -22.865 9.168   -29.991 1.00 47.06  ? 39 ASP N CB  1 
ATOM 739  C CG  . ASP B 1 39 ? -21.835 9.080   -31.109 1.00 47.06  ? 39 ASP N CG  1 
ATOM 740  O OD1 . ASP B 1 39 ? -20.700 9.589   -30.908 1.00 47.06  ? 39 ASP N OD1 1 
ATOM 741  O OD2 . ASP B 1 39 ? -22.167 8.498   -32.176 1.00 47.06  ? 39 ASP N OD2 1 
ATOM 742  N N   . ASN B 1 40 ? -23.962 8.395   -27.151 1.00 49.04  ? 40 ASN N N   1 
ATOM 743  C CA  . ASN B 1 40 ? -25.088 8.640   -26.285 1.00 49.04  ? 40 ASN N CA  1 
ATOM 744  C C   . ASN B 1 40 ? -24.674 9.165   -24.939 1.00 49.04  ? 40 ASN N C   1 
ATOM 745  O O   . ASN B 1 40 ? -23.645 8.797   -24.380 1.00 49.04  ? 40 ASN N O   1 
ATOM 746  C CB  . ASN B 1 40 ? -25.951 7.394   -26.050 1.00 49.04  ? 40 ASN N CB  1 
ATOM 747  C CG  . ASN B 1 40 ? -26.673 7.080   -27.351 1.00 49.04  ? 40 ASN N CG  1 
ATOM 748  O OD1 . ASN B 1 40 ? -26.675 7.887   -28.279 1.00 49.04  ? 40 ASN N OD1 1 
ATOM 749  N ND2 . ASN B 1 40 ? -27.316 5.884   -27.414 1.00 49.04  ? 40 ASN N ND2 1 
ATOM 750  N N   . PRO B 1 41 ? -25.498 10.050  -24.418 1.00 78.57  ? 41 PRO N N   1 
ATOM 751  C CA  . PRO B 1 41 ? -25.238 10.652  -23.132 1.00 78.57  ? 41 PRO N CA  1 
ATOM 752  C C   . PRO B 1 41 ? -25.331 9.679   -21.992 1.00 78.57  ? 41 PRO N C   1 
ATOM 753  O O   . PRO B 1 41 ? -24.727 9.925   -20.949 1.00 78.57  ? 41 PRO N O   1 
ATOM 754  C CB  . PRO B 1 41 ? -26.196 11.836  -23.024 1.00 78.57  ? 41 PRO N CB  1 
ATOM 755  C CG  . PRO B 1 41 ? -26.434 12.239  -24.492 1.00 78.57  ? 41 PRO N CG  1 
ATOM 756  C CD  . PRO B 1 41 ? -26.279 10.926  -25.278 1.00 78.57  ? 41 PRO N CD  1 
ATOM 757  N N   . GLY B 1 42 ? -26.125 8.612   -22.182 1.00 83.08  ? 42 GLY N N   1 
ATOM 758  C CA  . GLY B 1 42 ? -26.447 7.489   -21.341 1.00 83.08  ? 42 GLY N CA  1 
ATOM 759  C C   . GLY B 1 42 ? -25.317 6.499   -21.228 1.00 83.08  ? 42 GLY N C   1 
ATOM 760  O O   . GLY B 1 42 ? -25.478 5.468   -20.579 1.00 83.08  ? 42 GLY N O   1 
ATOM 761  N N   . TYR B 1 43 ? -24.212 6.710   -21.971 1.00 84.77  ? 43 TYR N N   1 
ATOM 762  C CA  . TYR B 1 43 ? -23.126 5.771   -22.133 1.00 84.77  ? 43 TYR N CA  1 
ATOM 763  C C   . TYR B 1 43 ? -22.564 5.303   -20.812 1.00 84.77  ? 43 TYR N C   1 
ATOM 764  O O   . TYR B 1 43 ? -22.338 4.105   -20.635 1.00 84.77  ? 43 TYR N O   1 
ATOM 765  C CB  . TYR B 1 43 ? -21.996 6.414   -22.962 1.00 84.77  ? 43 TYR N CB  1 
ATOM 766  C CG  . TYR B 1 43 ? -20.870 5.461   -23.161 1.00 84.77  ? 43 TYR N CG  1 
ATOM 767  C CD1 . TYR B 1 43 ? -20.947 4.494   -24.135 1.00 84.77  ? 43 TYR N CD1 1 
ATOM 768  C CD2 . TYR B 1 43 ? -19.732 5.545   -22.391 1.00 84.77  ? 43 TYR N CD2 1 
ATOM 769  C CE1 . TYR B 1 43 ? -19.908 3.614   -24.336 1.00 84.77  ? 43 TYR N CE1 1 
ATOM 770  C CE2 . TYR B 1 43 ? -18.691 4.669   -22.586 1.00 84.77  ? 43 TYR N CE2 1 
ATOM 771  C CZ  . TYR B 1 43 ? -18.777 3.701   -23.559 1.00 84.77  ? 43 TYR N CZ  1 
ATOM 772  O OH  . TYR B 1 43 ? -17.703 2.806   -23.756 1.00 84.77  ? 43 TYR N OH  1 
ATOM 773  N N   . ASP B 1 44 ? -22.326 6.207   -19.845 1.00 50.98  ? 44 ASP N N   1 
ATOM 774  C CA  . ASP B 1 44 ? -21.733 5.855   -18.581 1.00 50.98  ? 44 ASP N CA  1 
ATOM 775  C C   . ASP B 1 44 ? -22.649 4.939   -17.824 1.00 50.98  ? 44 ASP N C   1 
ATOM 776  O O   . ASP B 1 44 ? -22.183 4.064   -17.092 1.00 50.98  ? 44 ASP N O   1 
ATOM 777  C CB  . ASP B 1 44 ? -21.512 7.094   -17.696 1.00 50.98  ? 44 ASP N CB  1 
ATOM 778  C CG  . ASP B 1 44 ? -20.613 8.064   -18.448 1.00 50.98  ? 44 ASP N CG  1 
ATOM 779  O OD1 . ASP B 1 44 ? -20.048 7.651   -19.496 1.00 50.98  ? 44 ASP N OD1 1 
ATOM 780  O OD2 . ASP B 1 44 ? -20.493 9.235   -17.994 1.00 50.98  ? 44 ASP N OD2 1 
ATOM 781  N N   . GLU B 1 45 ? -23.977 5.147   -17.945 1.00 41.51  ? 45 GLU N N   1 
ATOM 782  C CA  . GLU B 1 45 ? -24.950 4.333   -17.264 1.00 41.51  ? 45 GLU N CA  1 
ATOM 783  C C   . GLU B 1 45 ? -24.830 2.938   -17.788 1.00 41.51  ? 45 GLU N C   1 
ATOM 784  O O   . GLU B 1 45 ? -24.930 1.969   -17.039 1.00 41.51  ? 45 GLU N O   1 
ATOM 785  C CB  . GLU B 1 45 ? -26.405 4.749   -17.541 1.00 41.51  ? 45 GLU N CB  1 
ATOM 786  C CG  . GLU B 1 45 ? -26.798 6.114   -16.982 1.00 41.51  ? 45 GLU N CG  1 
ATOM 787  C CD  . GLU B 1 45 ? -28.261 6.333   -17.342 1.00 41.51  ? 45 GLU N CD  1 
ATOM 788  O OE1 . GLU B 1 45 ? -29.131 5.679   -16.707 1.00 41.51  ? 45 GLU N OE1 1 
ATOM 789  O OE2 . GLU B 1 45 ? -28.530 7.147   -18.265 1.00 41.51  ? 45 GLU N OE2 1 
ATOM 790  N N   . LEU B 1 46 ? -24.646 2.815   -19.113 1.00 67.15  ? 46 LEU N N   1 
ATOM 791  C CA  . LEU B 1 46 ? -24.538 1.557   -19.787 1.00 67.15  ? 46 LEU N CA  1 
ATOM 792  C C   . LEU B 1 46 ? -23.269 0.858   -19.378 1.00 67.15  ? 46 LEU N C   1 
ATOM 793  O O   . LEU B 1 46 ? -23.269 -0.352  -19.163 1.00 67.15  ? 46 LEU N O   1 
ATOM 794  C CB  . LEU B 1 46 ? -24.549 1.731   -21.320 1.00 67.15  ? 46 LEU N CB  1 
ATOM 795  C CG  . LEU B 1 46 ? -24.441 0.427   -22.135 1.00 67.15  ? 46 LEU N CG  1 
ATOM 796  C CD1 . LEU B 1 46 ? -25.650 -0.490  -21.885 1.00 67.15  ? 46 LEU N CD1 1 
ATOM 797  C CD2 . LEU B 1 46 ? -24.231 0.728   -23.630 1.00 67.15  ? 46 LEU N CD2 1 
ATOM 798  N N   . LEU B 1 47 ? -22.147 1.597   -19.254 1.00 168.28 ? 47 LEU N N   1 
ATOM 799  C CA  . LEU B 1 47 ? -20.898 0.992   -18.879 1.00 168.28 ? 47 LEU N CA  1 
ATOM 800  C C   . LEU B 1 47 ? -20.990 0.392   -17.516 1.00 168.28 ? 47 LEU N C   1 
ATOM 801  O O   . LEU B 1 47 ? -20.515 -0.720  -17.290 1.00 168.28 ? 47 LEU N O   1 
ATOM 802  C CB  . LEU B 1 47 ? -19.704 1.955   -18.833 1.00 168.28 ? 47 LEU N CB  1 
ATOM 803  C CG  . LEU B 1 47 ? -19.058 2.171   -20.199 1.00 168.28 ? 47 LEU N CG  1 
ATOM 804  C CD1 . LEU B 1 47 ? -17.849 3.112   -20.120 1.00 168.28 ? 47 LEU N CD1 1 
ATOM 805  C CD2 . LEU B 1 47 ? -18.693 0.811   -20.813 1.00 168.28 ? 47 LEU N CD2 1 
ATOM 806  N N   . GLU B 1 48 ? -21.604 1.118   -16.568 1.00 76.74  ? 48 GLU N N   1 
ATOM 807  C CA  . GLU B 1 48 ? -21.665 0.650   -15.217 1.00 76.74  ? 48 GLU N CA  1 
ATOM 808  C C   . GLU B 1 48 ? -22.446 -0.628  -15.153 1.00 76.74  ? 48 GLU N C   1 
ATOM 809  O O   . GLU B 1 48 ? -22.022 -1.589  -14.515 1.00 76.74  ? 48 GLU N O   1 
ATOM 810  C CB  . GLU B 1 48 ? -22.339 1.659   -14.274 1.00 76.74  ? 48 GLU N CB  1 
ATOM 811  C CG  . GLU B 1 48 ? -21.493 2.913   -14.035 1.00 76.74  ? 48 GLU N CG  1 
ATOM 812  C CD  . GLU B 1 48 ? -22.287 3.885   -13.174 1.00 76.74  ? 48 GLU N CD  1 
ATOM 813  O OE1 . GLU B 1 48 ? -23.532 3.712   -13.078 1.00 76.74  ? 48 GLU N OE1 1 
ATOM 814  O OE2 . GLU B 1 48 ? -21.660 4.815   -12.601 1.00 76.74  ? 48 GLU N OE2 1 
ATOM 815  N N   . ALA B 1 49 ? -23.617 -0.668  -15.813 1.00 57.84  ? 49 ALA N N   1 
ATOM 816  C CA  . ALA B 1 49 ? -24.484 -1.815  -15.778 1.00 57.84  ? 49 ALA N CA  1 
ATOM 817  C C   . ALA B 1 49 ? -23.867 -3.014  -16.455 1.00 57.84  ? 49 ALA N C   1 
ATOM 818  O O   . ALA B 1 49 ? -23.977 -4.135  -15.964 1.00 57.84  ? 49 ALA N O   1 
ATOM 819  C CB  . ALA B 1 49 ? -25.837 -1.552  -16.462 1.00 57.84  ? 49 ALA N CB  1 
ATOM 820  N N   . ALA B 1 50 ? -23.213 -2.819  -17.618 1.00 66.02  ? 50 ALA N N   1 
ATOM 821  C CA  . ALA B 1 50 ? -22.663 -3.897  -18.406 1.00 66.02  ? 50 ALA N CA  1 
ATOM 822  C C   . ALA B 1 50 ? -21.556 -4.601  -17.678 1.00 66.02  ? 50 ALA N C   1 
ATOM 823  O O   . ALA B 1 50 ? -21.383 -5.811  -17.807 1.00 66.02  ? 50 ALA N O   1 
ATOM 824  C CB  . ALA B 1 50 ? -22.086 -3.418  -19.749 1.00 66.02  ? 50 ALA N CB  1 
ATOM 825  N N   . VAL B 1 51 ? -20.746 -3.809  -16.960 1.00 107.39 ? 51 VAL N N   1 
ATOM 826  C CA  . VAL B 1 51 ? -19.578 -4.156  -16.199 1.00 107.39 ? 51 VAL N CA  1 
ATOM 827  C C   . VAL B 1 51 ? -19.886 -4.886  -14.900 1.00 107.39 ? 51 VAL N C   1 
ATOM 828  O O   . VAL B 1 51 ? -18.982 -5.487  -14.323 1.00 107.39 ? 51 VAL N O   1 
ATOM 829  C CB  . VAL B 1 51 ? -18.762 -2.927  -15.913 1.00 107.39 ? 51 VAL N CB  1 
ATOM 830  C CG1 . VAL B 1 51 ? -17.592 -3.234  -14.968 1.00 107.39 ? 51 VAL N CG1 1 
ATOM 831  C CG2 . VAL B 1 51 ? -18.310 -2.352  -17.266 1.00 107.39 ? 51 VAL N CG2 1 
ATOM 832  N N   . LYS B 1 52 ? -21.117 -4.818  -14.334 1.00 205.40 ? 52 LYS N N   1 
ATOM 833  C CA  . LYS B 1 52 ? -21.299 -5.450  -13.038 1.00 205.40 ? 52 LYS N CA  1 
ATOM 834  C C   . LYS B 1 52 ? -21.684 -6.914  -13.148 1.00 205.40 ? 52 LYS N C   1 
ATOM 835  O O   . LYS B 1 52 ? -22.242 -7.349  -14.152 1.00 205.40 ? 52 LYS N O   1 
ATOM 836  C CB  . LYS B 1 52 ? -22.320 -4.783  -12.092 1.00 205.40 ? 52 LYS N CB  1 
ATOM 837  C CG  . LYS B 1 52 ? -23.751 -5.327  -12.146 1.00 205.40 ? 52 LYS N CG  1 
ATOM 838  C CD  . LYS B 1 52 ? -24.498 -5.089  -13.454 1.00 205.40 ? 52 LYS N CD  1 
ATOM 839  C CE  . LYS B 1 52 ? -25.918 -5.667  -13.455 1.00 205.40 ? 52 LYS N CE  1 
ATOM 840  N NZ  . LYS B 1 52 ? -26.789 -4.924  -12.516 1.00 205.40 ? 52 LYS N NZ  1 
ATOM 841  N N   . CYS B 1 53 ? -21.411 -7.692  -12.063 1.00 140.02 ? 53 CYS N N   1 
ATOM 842  C CA  . CYS B 1 53 ? -21.523 -9.140  -11.940 1.00 140.02 ? 53 CYS N CA  1 
ATOM 843  C C   . CYS B 1 53 ? -22.922 -9.674  -11.650 1.00 140.02 ? 53 CYS N C   1 
ATOM 844  O O   . CYS B 1 53 ? -23.793 -8.937  -11.190 1.00 140.02 ? 53 CYS N O   1 
ATOM 845  C CB  . CYS B 1 53 ? -20.556 -9.668  -10.866 1.00 140.02 ? 53 CYS N CB  1 
ATOM 846  S SG  . CYS B 1 53 ? -18.827 -9.466  -11.383 1.00 140.02 ? 53 CYS N SG  1 
ATOM 847  N N   . PRO B 1 54 ? -23.061 -10.998 -11.896 1.00 136.90 ? 54 PRO N N   1 
ATOM 848  C CA  . PRO B 1 54 ? -24.288 -11.802 -11.930 1.00 136.90 ? 54 PRO N CA  1 
ATOM 849  C C   . PRO B 1 54 ? -25.105 -12.184 -10.725 1.00 136.90 ? 54 PRO N C   1 
ATOM 850  O O   . PRO B 1 54 ? -24.645 -12.103 -9.587  1.00 136.90 ? 54 PRO N O   1 
ATOM 851  C CB  . PRO B 1 54 ? -23.950 -13.055 -12.746 1.00 136.90 ? 54 PRO N CB  1 
ATOM 852  C CG  . PRO B 1 54 ? -22.419 -13.143 -12.715 1.00 136.90 ? 54 PRO N CG  1 
ATOM 853  C CD  . PRO B 1 54 ? -21.980 -11.679 -12.596 1.00 136.90 ? 54 PRO N CD  1 
ATOM 854  N N   . GLY B 1 55 ? -26.346 -12.631 -11.039 1.00 57.27  ? 55 GLY N N   1 
ATOM 855  C CA  . GLY B 1 55 ? -27.444 -13.035 -10.202 1.00 57.27  ? 55 GLY N CA  1 
ATOM 856  C C   . GLY B 1 55 ? -27.212 -14.275 -9.391  1.00 57.27  ? 55 GLY N C   1 
ATOM 857  O O   . GLY B 1 55 ? -27.696 -14.355 -8.263  1.00 57.27  ? 55 GLY N O   1 
ATOM 858  N N   . ARG B 1 56 ? -26.513 -15.302 -9.910  1.00 136.58 ? 56 ARG N N   1 
ATOM 859  C CA  . ARG B 1 56 ? -26.507 -16.484 -9.093  1.00 136.58 ? 56 ARG N CA  1 
ATOM 860  C C   . ARG B 1 56 ? -25.531 -16.323 -7.978  1.00 136.58 ? 56 ARG N C   1 
ATOM 861  O O   . ARG B 1 56 ? -24.363 -16.682 -8.108  1.00 136.58 ? 56 ARG N O   1 
ATOM 862  C CB  . ARG B 1 56 ? -26.135 -17.778 -9.839  1.00 136.58 ? 56 ARG N CB  1 
ATOM 863  C CG  . ARG B 1 56 ? -26.334 -19.027 -8.975  1.00 136.58 ? 56 ARG N CG  1 
ATOM 864  C CD  . ARG B 1 56 ? -25.918 -20.334 -9.651  1.00 136.58 ? 56 ARG N CD  1 
ATOM 865  N NE  . ARG B 1 56 ? -24.481 -20.565 -9.328  1.00 136.58 ? 56 ARG N NE  1 
ATOM 866  C CZ  . ARG B 1 56 ? -24.000 -21.837 -9.212  1.00 136.58 ? 56 ARG N CZ  1 
ATOM 867  N NH1 . ARG B 1 56 ? -24.842 -22.899 -9.383  1.00 136.58 ? 56 ARG N NH1 1 
ATOM 868  N NH2 . ARG B 1 56 ? -22.683 -22.045 -8.909  1.00 136.58 ? 56 ARG N NH2 1 
ATOM 869  N N   . LYS B 1 57 ? -26.018 -15.782 -6.844  1.00 86.91  ? 57 LYS N N   1 
ATOM 870  C CA  . LYS B 1 57 ? -25.255 -15.645 -5.640  1.00 86.91  ? 57 LYS N CA  1 
ATOM 871  C C   . LYS B 1 57 ? -26.183 -15.153 -4.580  1.00 86.91  ? 57 LYS N C   1 
ATOM 872  O O   . LYS B 1 57 ? -27.244 -14.598 -4.868  1.00 86.91  ? 57 LYS N O   1 
ATOM 873  C CB  . LYS B 1 57 ? -24.053 -14.688 -5.716  1.00 86.91  ? 57 LYS N CB  1 
ATOM 874  C CG  . LYS B 1 57 ? -22.803 -15.351 -6.299  1.00 86.91  ? 57 LYS N CG  1 
ATOM 875  C CD  . LYS B 1 57 ? -21.647 -14.386 -6.549  1.00 86.91  ? 57 LYS N CD  1 
ATOM 876  C CE  . LYS B 1 57 ? -20.401 -15.066 -7.114  1.00 86.91  ? 57 LYS N CE  1 
ATOM 877  N NZ  . LYS B 1 57 ? -19.307 -14.079 -7.252  1.00 86.91  ? 57 LYS N NZ  1 
ATOM 878  N N   . ARG B 1 58 ? -25.819 -15.426 -3.315  1.00 96.20  ? 58 ARG N N   1 
ATOM 879  C CA  . ARG B 1 58 ? -26.604 -15.074 -2.167  1.00 96.20  ? 58 ARG N CA  1 
ATOM 880  C C   . ARG B 1 58 ? -26.656 -13.588 -1.925  1.00 96.20  ? 58 ARG N C   1 
ATOM 881  O O   . ARG B 1 58 ? -27.735 -13.028 -1.739  1.00 96.20  ? 58 ARG N O   1 
ATOM 882  C CB  . ARG B 1 58 ? -26.053 -15.740 -0.899  1.00 96.20  ? 58 ARG N CB  1 
ATOM 883  C CG  . ARG B 1 58 ? -26.825 -15.425 0.377   1.00 96.20  ? 58 ARG N CG  1 
ATOM 884  C CD  . ARG B 1 58 ? -26.339 -16.247 1.572   1.00 96.20  ? 58 ARG N CD  1 
ATOM 885  N NE  . ARG B 1 58 ? -27.058 -15.753 2.780   1.00 96.20  ? 58 ARG N NE  1 
ATOM 886  C CZ  . ARG B 1 58 ? -27.900 -16.583 3.459   1.00 96.20  ? 58 ARG N CZ  1 
ATOM 887  N NH1 . ARG B 1 58 ? -28.148 -17.838 2.977   1.00 96.20  ? 58 ARG N NH1 1 
ATOM 888  N NH2 . ARG B 1 58 ? -28.496 -16.161 4.610   1.00 96.20  ? 58 ARG N NH2 1 
ATOM 889  N N   . ARG B 1 59 ? -25.491 -12.904 -1.941  1.00 149.21 ? 59 ARG N N   1 
ATOM 890  C CA  . ARG B 1 59 ? -25.416 -11.502 -1.597  1.00 149.21 ? 59 ARG N CA  1 
ATOM 891  C C   . ARG B 1 59 ? -25.496 -10.634 -2.820  1.00 149.21 ? 59 ARG N C   1 
ATOM 892  O O   . ARG B 1 59 ? -25.569 -11.133 -3.941  1.00 149.21 ? 59 ARG N O   1 
ATOM 893  C CB  . ARG B 1 59 ? -24.140 -11.111 -0.831  1.00 149.21 ? 59 ARG N CB  1 
ATOM 894  C CG  . ARG B 1 59 ? -24.087 -11.674 0.591   1.00 149.21 ? 59 ARG N CG  1 
ATOM 895  C CD  . ARG B 1 59 ? -24.911 -10.880 1.610   1.00 149.21 ? 59 ARG N CD  1 
ATOM 896  N NE  . ARG B 1 59 ? -26.354 -11.067 1.282   1.00 149.21 ? 59 ARG N NE  1 
ATOM 897  C CZ  . ARG B 1 59 ? -27.316 -10.760 2.201   1.00 149.21 ? 59 ARG N CZ  1 
ATOM 898  N NH1 . ARG B 1 59 ? -26.960 -10.286 3.432   1.00 149.21 ? 59 ARG N NH1 1 
ATOM 899  N NH2 . ARG B 1 59 ? -28.635 -10.925 1.889   1.00 149.21 ? 59 ARG N NH2 1 
ATOM 900  O OXT . ARG B 1 59 ? -25.489 -9.411  -2.698  1.00 0.00   ? 59 ARG N OXT 1 
ATOM 901  N N   . SER C 1 1  ? 59.944  -23.042 -47.887 1.00 32.33  ? 1  SER O N   1 
ATOM 902  C CA  . SER C 1 1  ? 58.994  -24.004 -47.287 1.00 32.33  ? 1  SER O CA  1 
ATOM 903  C C   . SER C 1 1  ? 58.014  -23.298 -46.411 1.00 32.33  ? 1  SER O C   1 
ATOM 904  O O   . SER C 1 1  ? 58.179  -22.120 -46.099 1.00 32.33  ? 1  SER O O   1 
ATOM 905  C CB  . SER C 1 1  ? 59.749  -25.036 -46.433 1.00 32.33  ? 1  SER O CB  1 
ATOM 906  O OG  . SER C 1 1  ? 60.346  -24.395 -45.317 1.00 32.33  ? 1  SER O OG  1 
ATOM 907  N N   . LEU C 1 2  ? 56.938  -24.009 -46.020 1.00 173.35 ? 2  LEU O N   1 
ATOM 908  C CA  . LEU C 1 2  ? 55.947  -23.438 -45.158 1.00 173.35 ? 2  LEU O CA  1 
ATOM 909  C C   . LEU C 1 2  ? 56.474  -23.586 -43.768 1.00 173.35 ? 2  LEU O C   1 
ATOM 910  O O   . LEU C 1 2  ? 57.243  -24.503 -43.491 1.00 173.35 ? 2  LEU O O   1 
ATOM 911  C CB  . LEU C 1 2  ? 54.597  -24.177 -45.202 1.00 173.35 ? 2  LEU O CB  1 
ATOM 912  C CG  . LEU C 1 2  ? 53.981  -24.297 -46.612 1.00 173.35 ? 2  LEU O CG  1 
ATOM 913  C CD1 . LEU C 1 2  ? 52.605  -24.981 -46.556 1.00 173.35 ? 2  LEU O CD1 1 
ATOM 914  C CD2 . LEU C 1 2  ? 53.960  -22.950 -47.353 1.00 173.35 ? 2  LEU O CD2 1 
ATOM 915  N N   . VAL C 1 3  ? 56.087  -22.675 -42.854 1.00 117.03 ? 3  VAL O N   1 
ATOM 916  C CA  . VAL C 1 3  ? 56.585  -22.824 -41.522 1.00 117.03 ? 3  VAL O CA  1 
ATOM 917  C C   . VAL C 1 3  ? 55.427  -23.061 -40.614 1.00 117.03 ? 3  VAL O C   1 
ATOM 918  O O   . VAL C 1 3  ? 54.382  -22.424 -40.735 1.00 117.03 ? 3  VAL O O   1 
ATOM 919  C CB  . VAL C 1 3  ? 57.302  -21.616 -41.000 1.00 117.03 ? 3  VAL O CB  1 
ATOM 920  C CG1 . VAL C 1 3  ? 56.294  -20.462 -40.844 1.00 117.03 ? 3  VAL O CG1 1 
ATOM 921  C CG2 . VAL C 1 3  ? 58.018  -22.010 -39.697 1.00 117.03 ? 3  VAL O CG2 1 
ATOM 922  N N   . THR C 1 4  ? 55.592  -24.014 -39.676 1.00 214.59 ? 4  THR O N   1 
ATOM 923  C CA  . THR C 1 4  ? 54.571  -24.282 -38.707 1.00 214.59 ? 4  THR O CA  1 
ATOM 924  C C   . THR C 1 4  ? 54.784  -23.263 -37.644 1.00 214.59 ? 4  THR O C   1 
ATOM 925  O O   . THR C 1 4  ? 55.787  -22.552 -37.667 1.00 214.59 ? 4  THR O O   1 
ATOM 926  C CB  . THR C 1 4  ? 54.694  -25.631 -38.056 1.00 214.59 ? 4  THR O CB  1 
ATOM 927  O OG1 . THR C 1 4  ? 55.928  -25.733 -37.359 1.00 214.59 ? 4  THR O OG1 1 
ATOM 928  C CG2 . THR C 1 4  ? 54.601  -26.721 -39.137 1.00 214.59 ? 4  THR O CG2 1 
ATOM 929  N N   . THR C 1 5  ? 53.845  -23.150 -36.685 1.00 59.56  ? 5  THR O N   1 
ATOM 930  C CA  . THR C 1 5  ? 54.045  -22.175 -35.656 1.00 59.56  ? 5  THR O CA  1 
ATOM 931  C C   . THR C 1 5  ? 54.660  -22.891 -34.499 1.00 59.56  ? 5  THR O C   1 
ATOM 932  O O   . THR C 1 5  ? 54.112  -23.871 -33.997 1.00 59.56  ? 5  THR O O   1 
ATOM 933  C CB  . THR C 1 5  ? 52.786  -21.536 -35.163 1.00 59.56  ? 5  THR O CB  1 
ATOM 934  O OG1 . THR C 1 5  ? 52.100  -20.897 -36.229 1.00 59.56  ? 5  THR O OG1 1 
ATOM 935  C CG2 . THR C 1 5  ? 53.174  -20.498 -34.098 1.00 59.56  ? 5  THR O CG2 1 
ATOM 936  N N   . MET C 1 6  ? 55.829  -22.400 -34.043 1.00 63.57  ? 6  MET O N   1 
ATOM 937  C CA  . MET C 1 6  ? 56.539  -23.085 -33.003 1.00 63.57  ? 6  MET O CA  1 
ATOM 938  C C   . MET C 1 6  ? 56.562  -22.247 -31.763 1.00 63.57  ? 6  MET O C   1 
ATOM 939  O O   . MET C 1 6  ? 56.604  -21.020 -31.824 1.00 63.57  ? 6  MET O O   1 
ATOM 940  C CB  . MET C 1 6  ? 58.014  -23.367 -33.339 1.00 63.57  ? 6  MET O CB  1 
ATOM 941  C CG  . MET C 1 6  ? 58.248  -24.457 -34.385 1.00 63.57  ? 6  MET O CG  1 
ATOM 942  S SD  . MET C 1 6  ? 57.807  -26.131 -33.829 1.00 63.57  ? 6  MET O SD  1 
ATOM 943  C CE  . MET C 1 6  ? 58.949  -26.971 -34.962 1.00 63.57  ? 6  MET O CE  1 
ATOM 944  N N   . CYS C 1 7  ? 56.525  -22.927 -30.597 1.00 65.35  ? 7  CYS O N   1 
ATOM 945  C CA  . CYS C 1 7  ? 56.608  -22.311 -29.303 1.00 65.35  ? 7  CYS O CA  1 
ATOM 946  C C   . CYS C 1 7  ? 57.772  -22.922 -28.565 1.00 65.35  ? 7  CYS O C   1 
ATOM 947  O O   . CYS C 1 7  ? 58.312  -23.943 -28.994 1.00 65.35  ? 7  CYS O O   1 
ATOM 948  C CB  . CYS C 1 7  ? 55.329  -22.475 -28.459 1.00 65.35  ? 7  CYS O CB  1 
ATOM 949  S SG  . CYS C 1 7  ? 54.044  -21.255 -28.878 1.00 65.35  ? 7  CYS O SG  1 
ATOM 950  N N   . LEU C 1 8  ? 58.203  -22.301 -27.439 1.00 75.14  ? 8  LEU O N   1 
ATOM 951  C CA  . LEU C 1 8  ? 59.392  -22.751 -26.750 1.00 75.14  ? 8  LEU O CA  1 
ATOM 952  C C   . LEU C 1 8  ? 59.097  -23.220 -25.350 1.00 75.14  ? 8  LEU O C   1 
ATOM 953  O O   . LEU C 1 8  ? 58.264  -22.654 -24.645 1.00 75.14  ? 8  LEU O O   1 
ATOM 954  C CB  . LEU C 1 8  ? 60.449  -21.643 -26.594 1.00 75.14  ? 8  LEU O CB  1 
ATOM 955  C CG  . LEU C 1 8  ? 60.935  -21.058 -27.931 1.00 75.14  ? 8  LEU O CG  1 
ATOM 956  C CD1 . LEU C 1 8  ? 62.069  -20.045 -27.717 1.00 75.14  ? 8  LEU O CD1 1 
ATOM 957  C CD2 . LEU C 1 8  ? 61.305  -22.172 -28.920 1.00 75.14  ? 8  LEU O CD2 1 
ATOM 958  N N   . LEU C 1 9  ? 59.796  -24.301 -24.927 1.00 163.13 ? 9  LEU O N   1 
ATOM 959  C CA  . LEU C 1 9  ? 59.692  -24.817 -23.591 1.00 163.13 ? 9  LEU O CA  1 
ATOM 960  C C   . LEU C 1 9  ? 61.049  -25.351 -23.242 1.00 163.13 ? 9  LEU O C   1 
ATOM 961  O O   . LEU C 1 9  ? 61.543  -26.278 -23.883 1.00 163.13 ? 9  LEU O O   1 
ATOM 962  C CB  . LEU C 1 9  ? 58.613  -25.918 -23.488 1.00 163.13 ? 9  LEU O CB  1 
ATOM 963  C CG  . LEU C 1 9  ? 58.391  -26.546 -22.100 1.00 163.13 ? 9  LEU O CG  1 
ATOM 964  C CD1 . LEU C 1 9  ? 57.125  -27.413 -22.111 1.00 163.13 ? 9  LEU O CD1 1 
ATOM 965  C CD2 . LEU C 1 9  ? 59.610  -27.351 -21.624 1.00 163.13 ? 9  LEU O CD2 1 
ATOM 966  N N   . ALA C 1 10 ? 61.709  -24.767 -22.218 1.00 228.39 ? 10 ALA O N   1 
ATOM 967  C CA  . ALA C 1 10 ? 63.016  -25.282 -21.917 1.00 228.39 ? 10 ALA O CA  1 
ATOM 968  C C   . ALA C 1 10 ? 63.836  -24.974 -23.129 1.00 228.39 ? 10 ALA O C   1 
ATOM 969  O O   . ALA C 1 10 ? 63.565  -24.001 -23.825 1.00 228.39 ? 10 ALA O O   1 
ATOM 970  C CB  . ALA C 1 10 ? 63.056  -26.801 -21.655 1.00 228.39 ? 10 ALA O CB  1 
ATOM 971  N N   . ASN C 1 11 ? 64.919  -25.727 -23.391 1.00 156.73 ? 11 ASN O N   1 
ATOM 972  C CA  . ASN C 1 11 ? 65.543  -25.437 -24.649 1.00 156.73 ? 11 ASN O CA  1 
ATOM 973  C C   . ASN C 1 11 ? 65.061  -26.461 -25.643 1.00 156.73 ? 11 ASN O C   1 
ATOM 974  O O   . ASN C 1 11 ? 65.831  -27.260 -26.174 1.00 156.73 ? 11 ASN O O   1 
ATOM 975  C CB  . ASN C 1 11 ? 67.081  -25.385 -24.610 1.00 156.73 ? 11 ASN O CB  1 
ATOM 976  C CG  . ASN C 1 11 ? 67.641  -26.729 -24.189 1.00 156.73 ? 11 ASN O CG  1 
ATOM 977  O OD1 . ASN C 1 11 ? 67.165  -27.352 -23.243 1.00 156.73 ? 11 ASN O OD1 1 
ATOM 978  N ND2 . ASN C 1 11 ? 68.684  -27.193 -24.930 1.00 156.73 ? 11 ASN O ND2 1 
ATOM 979  N N   . VAL C 1 12 ? 63.743  -26.428 -25.933 1.00 56.85  ? 12 VAL O N   1 
ATOM 980  C CA  . VAL C 1 12 ? 63.125  -27.316 -26.880 1.00 56.85  ? 12 VAL O CA  1 
ATOM 981  C C   . VAL C 1 12 ? 62.050  -26.531 -27.569 1.00 56.85  ? 12 VAL O C   1 
ATOM 982  O O   . VAL C 1 12 ? 61.560  -25.539 -27.028 1.00 56.85  ? 12 VAL O O   1 
ATOM 983  C CB  . VAL C 1 12 ? 62.475  -28.514 -26.244 1.00 56.85  ? 12 VAL O CB  1 
ATOM 984  C CG1 . VAL C 1 12 ? 61.813  -29.370 -27.338 1.00 56.85  ? 12 VAL O CG1 1 
ATOM 985  C CG2 . VAL C 1 12 ? 63.538  -29.261 -25.423 1.00 56.85  ? 12 VAL O CG2 1 
ATOM 986  N N   . THR C 1 13 ? 61.673  -26.955 -28.796 1.00 46.25  ? 13 THR O N   1 
ATOM 987  C CA  . THR C 1 13 ? 60.642  -26.299 -29.555 1.00 46.25  ? 13 THR O CA  1 
ATOM 988  C C   . THR C 1 13 ? 59.549  -27.301 -29.792 1.00 46.25  ? 13 THR O C   1 
ATOM 989  O O   . THR C 1 13 ? 59.815  -28.498 -29.892 1.00 46.25  ? 13 THR O O   1 
ATOM 990  C CB  . THR C 1 13 ? 61.104  -25.843 -30.907 1.00 46.25  ? 13 THR O CB  1 
ATOM 991  O OG1 . THR C 1 13 ? 61.513  -26.959 -31.684 1.00 46.25  ? 13 THR O OG1 1 
ATOM 992  C CG2 . THR C 1 13 ? 62.276  -24.863 -30.729 1.00 46.25  ? 13 THR O CG2 1 
ATOM 993  N N   . PHE C 1 14 ? 58.282  -26.827 -29.874 1.00 186.10 ? 14 PHE O N   1 
ATOM 994  C CA  . PHE C 1 14 ? 57.145  -27.690 -30.061 1.00 186.10 ? 14 PHE O CA  1 
ATOM 995  C C   . PHE C 1 14 ? 56.055  -26.896 -30.725 1.00 186.10 ? 14 PHE O C   1 
ATOM 996  O O   . PHE C 1 14 ? 56.100  -25.666 -30.740 1.00 186.10 ? 14 PHE O O   1 
ATOM 997  C CB  . PHE C 1 14 ? 56.601  -28.244 -28.725 1.00 186.10 ? 14 PHE O CB  1 
ATOM 998  C CG  . PHE C 1 14 ? 56.223  -27.098 -27.842 1.00 186.10 ? 14 PHE O CG  1 
ATOM 999  C CD1 . PHE C 1 14 ? 57.147  -26.536 -26.988 1.00 186.10 ? 14 PHE O CD1 1 
ATOM 1000 C CD2 . PHE C 1 14 ? 54.951  -26.580 -27.862 1.00 186.10 ? 14 PHE O CD2 1 
ATOM 1001 C CE1 . PHE C 1 14 ? 56.806  -25.480 -26.174 1.00 186.10 ? 14 PHE O CE1 1 
ATOM 1002 C CE2 . PHE C 1 14 ? 54.604  -25.526 -27.049 1.00 186.10 ? 14 PHE O CE2 1 
ATOM 1003 C CZ  . PHE C 1 14 ? 55.532  -24.972 -26.200 1.00 186.10 ? 14 PHE O CZ  1 
ATOM 1004 N N   . PRO C 1 15 ? 55.068  -27.546 -31.296 1.00 124.59 ? 15 PRO O N   1 
ATOM 1005 C CA  . PRO C 1 15 ? 53.991  -26.820 -31.913 1.00 124.59 ? 15 PRO O CA  1 
ATOM 1006 C C   . PRO C 1 15 ? 53.207  -26.109 -30.853 1.00 124.59 ? 15 PRO O C   1 
ATOM 1007 O O   . PRO C 1 15 ? 52.904  -26.720 -29.830 1.00 124.59 ? 15 PRO O O   1 
ATOM 1008 C CB  . PRO C 1 15 ? 53.191  -27.847 -32.706 1.00 124.59 ? 15 PRO O CB  1 
ATOM 1009 C CG  . PRO C 1 15 ? 54.242  -28.916 -33.061 1.00 124.59 ? 15 PRO O CG  1 
ATOM 1010 C CD  . PRO C 1 15 ? 55.281  -28.838 -31.926 1.00 124.59 ? 15 PRO O CD  1 
ATOM 1011 N N   . CYS C 1 16 ? 52.824  -24.841 -31.101 1.00 57.17  ? 16 CYS O N   1 
ATOM 1012 C CA  . CYS C 1 16 ? 52.163  -24.041 -30.108 1.00 57.17  ? 16 CYS O CA  1 
ATOM 1013 C C   . CYS C 1 16 ? 50.849  -24.653 -29.734 1.00 57.17  ? 16 CYS O C   1 
ATOM 1014 O O   . CYS C 1 16 ? 50.472  -24.664 -28.564 1.00 57.17  ? 16 CYS O O   1 
ATOM 1015 C CB  . CYS C 1 16 ? 51.927  -22.597 -30.576 1.00 57.17  ? 16 CYS O CB  1 
ATOM 1016 S SG  . CYS C 1 16 ? 53.490  -21.687 -30.785 1.00 57.17  ? 16 CYS O SG  1 
ATOM 1017 N N   . ALA C 1 17 ? 50.121  -25.182 -30.733 1.00 55.50  ? 17 ALA O N   1 
ATOM 1018 C CA  . ALA C 1 17 ? 48.841  -25.806 -30.563 1.00 55.50  ? 17 ALA O CA  1 
ATOM 1019 C C   . ALA C 1 17 ? 48.984  -27.034 -29.715 1.00 55.50  ? 17 ALA O C   1 
ATOM 1020 O O   . ALA C 1 17 ? 48.054  -27.409 -29.001 1.00 55.50  ? 17 ALA O O   1 
ATOM 1021 C CB  . ALA C 1 17 ? 48.221  -26.253 -31.898 1.00 55.50  ? 17 ALA O CB  1 
ATOM 1022 N N   . GLN C 1 18 ? 50.123  -27.749 -29.805 1.00 77.63  ? 18 GLN O N   1 
ATOM 1023 C CA  . GLN C 1 18 ? 50.166  -28.973 -29.054 1.00 77.63  ? 18 GLN O CA  1 
ATOM 1024 C C   . GLN C 1 18 ? 51.284  -28.972 -28.046 1.00 77.63  ? 18 GLN O C   1 
ATOM 1025 O O   . GLN C 1 18 ? 52.393  -29.411 -28.342 1.00 77.63  ? 18 GLN O O   1 
ATOM 1026 C CB  . GLN C 1 18 ? 50.362  -30.189 -29.975 1.00 77.63  ? 18 GLN O CB  1 
ATOM 1027 C CG  . GLN C 1 18 ? 49.211  -30.377 -30.970 1.00 77.63  ? 18 GLN O CG  1 
ATOM 1028 C CD  . GLN C 1 18 ? 49.621  -31.451 -31.966 1.00 77.63  ? 18 GLN O CD  1 
ATOM 1029 O OE1 . GLN C 1 18 ? 50.137  -32.498 -31.580 1.00 77.63  ? 18 GLN O OE1 1 
ATOM 1030 N NE2 . GLN C 1 18 ? 49.399  -31.181 -33.281 1.00 77.63  ? 18 GLN O NE2 1 
ATOM 1031 N N   . PRO C 1 19 ? 51.012  -28.507 -26.847 1.00 98.23  ? 19 PRO O N   1 
ATOM 1032 C CA  . PRO C 1 19 ? 51.983  -28.582 -25.782 1.00 98.23  ? 19 PRO O CA  1 
ATOM 1033 C C   . PRO C 1 19 ? 51.912  -29.953 -25.175 1.00 98.23  ? 19 PRO O C   1 
ATOM 1034 O O   . PRO C 1 19 ? 50.928  -30.653 -25.401 1.00 98.23  ? 19 PRO O O   1 
ATOM 1035 C CB  . PRO C 1 19 ? 51.636  -27.459 -24.802 1.00 98.23  ? 19 PRO O CB  1 
ATOM 1036 C CG  . PRO C 1 19 ? 50.206  -27.040 -25.179 1.00 98.23  ? 19 PRO O CG  1 
ATOM 1037 C CD  . PRO C 1 19 ? 50.116  -27.376 -26.677 1.00 98.23  ? 19 PRO O CD  1 
ATOM 1038 N N   . PRO C 1 20 ? 52.912  -30.370 -24.453 1.00 121.43 ? 20 PRO O N   1 
ATOM 1039 C CA  . PRO C 1 20 ? 52.938  -31.657 -23.815 1.00 121.43 ? 20 PRO O CA  1 
ATOM 1040 C C   . PRO C 1 20 ? 51.920  -31.853 -22.713 1.00 121.43 ? 20 PRO O C   1 
ATOM 1041 O O   . PRO C 1 20 ? 51.490  -32.992 -22.534 1.00 121.43 ? 20 PRO O O   1 
ATOM 1042 C CB  . PRO C 1 20 ? 54.379  -31.845 -23.329 1.00 121.43 ? 20 PRO O CB  1 
ATOM 1043 C CG  . PRO C 1 20 ? 54.961  -30.419 -23.293 1.00 121.43 ? 20 PRO O CG  1 
ATOM 1044 C CD  . PRO C 1 20 ? 54.187  -29.680 -24.397 1.00 121.43 ? 20 PRO O CD  1 
ATOM 1045 N N   . ILE C 1 21 ? 51.517  -30.797 -21.966 1.00 315.49 ? 21 ILE O N   1 
ATOM 1046 C CA  . ILE C 1 21 ? 50.660  -30.980 -20.810 1.00 315.49 ? 21 ILE O CA  1 
ATOM 1047 C C   . ILE C 1 21 ? 49.712  -29.809 -20.665 1.00 315.49 ? 21 ILE O C   1 
ATOM 1048 O O   . ILE C 1 21 ? 49.629  -28.977 -21.566 1.00 315.49 ? 21 ILE O O   1 
ATOM 1049 C CB  . ILE C 1 21 ? 51.436  -31.023 -19.532 1.00 315.49 ? 21 ILE O CB  1 
ATOM 1050 C CG1 . ILE C 1 21 ? 52.134  -29.667 -19.318 1.00 315.49 ? 21 ILE O CG1 1 
ATOM 1051 C CG2 . ILE C 1 21 ? 52.396  -32.223 -19.598 1.00 315.49 ? 21 ILE O CG2 1 
ATOM 1052 C CD1 . ILE C 1 21 ? 52.709  -29.460 -17.915 1.00 315.49 ? 21 ILE O CD1 1 
ATOM 1053 N N   . CYS C 1 22 ? 48.928  -29.751 -19.542 1.00 248.80 ? 22 CYS O N   1 
ATOM 1054 C CA  . CYS C 1 22 ? 48.045  -28.657 -19.248 1.00 248.80 ? 22 CYS O CA  1 
ATOM 1055 C C   . CYS C 1 22 ? 48.207  -28.156 -17.835 1.00 248.80 ? 22 CYS O C   1 
ATOM 1056 O O   . CYS C 1 22 ? 49.133  -28.516 -17.110 1.00 248.80 ? 22 CYS O O   1 
ATOM 1057 C CB  . CYS C 1 22 ? 46.554  -28.988 -19.416 1.00 248.80 ? 22 CYS O CB  1 
ATOM 1058 S SG  . CYS C 1 22 ? 46.106  -29.362 -21.138 1.00 248.80 ? 22 CYS O SG  1 
ATOM 1059 N N   . TYR C 1 23 ? 47.269  -27.256 -17.457 1.00 96.84  ? 23 TYR O N   1 
ATOM 1060 C CA  . TYR C 1 23 ? 47.137  -26.529 -16.217 1.00 96.84  ? 23 TYR O CA  1 
ATOM 1061 C C   . TYR C 1 23 ? 46.843  -27.459 -15.079 1.00 96.84  ? 23 TYR O C   1 
ATOM 1062 O O   . TYR C 1 23 ? 47.407  -27.317 -13.996 1.00 96.84  ? 23 TYR O O   1 
ATOM 1063 C CB  . TYR C 1 23 ? 45.978  -25.509 -16.311 1.00 96.84  ? 23 TYR O CB  1 
ATOM 1064 C CG  . TYR C 1 23 ? 45.832  -24.699 -15.061 1.00 96.84  ? 23 TYR O CG  1 
ATOM 1065 C CD1 . TYR C 1 23 ? 46.662  -23.625 -14.825 1.00 96.84  ? 23 TYR O CD1 1 
ATOM 1066 C CD2 . TYR C 1 23 ? 44.848  -24.992 -14.143 1.00 96.84  ? 23 TYR O CD2 1 
ATOM 1067 C CE1 . TYR C 1 23 ? 46.525  -22.868 -13.682 1.00 96.84  ? 23 TYR O CE1 1 
ATOM 1068 C CE2 . TYR C 1 23 ? 44.705  -24.241 -12.999 1.00 96.84  ? 23 TYR O CE2 1 
ATOM 1069 C CZ  . TYR C 1 23 ? 45.544  -23.176 -12.768 1.00 96.84  ? 23 TYR O CZ  1 
ATOM 1070 O OH  . TYR C 1 23 ? 45.400  -22.402 -11.595 1.00 96.84  ? 23 TYR O OH  1 
ATOM 1071 N N   . ASP C 1 24 ? 45.951  -28.442 -15.289 1.00 83.89  ? 24 ASP O N   1 
ATOM 1072 C CA  . ASP C 1 24 ? 45.526  -29.293 -14.216 1.00 83.89  ? 24 ASP O CA  1 
ATOM 1073 C C   . ASP C 1 24 ? 46.690  -30.049 -13.647 1.00 83.89  ? 24 ASP O C   1 
ATOM 1074 O O   . ASP C 1 24 ? 46.805  -30.169 -12.429 1.00 83.89  ? 24 ASP O O   1 
ATOM 1075 C CB  . ASP C 1 24 ? 44.484  -30.332 -14.661 1.00 83.89  ? 24 ASP O CB  1 
ATOM 1076 C CG  . ASP C 1 24 ? 43.879  -30.928 -13.402 1.00 83.89  ? 24 ASP O CG  1 
ATOM 1077 O OD1 . ASP C 1 24 ? 44.142  -30.364 -12.307 1.00 83.89  ? 24 ASP O OD1 1 
ATOM 1078 O OD2 . ASP C 1 24 ? 43.154  -31.951 -13.514 1.00 83.89  ? 24 ASP O OD2 1 
ATOM 1079 N N   . ARG C 1 25 ? 47.574  -30.604 -14.503 1.00 54.12  ? 25 ARG O N   1 
ATOM 1080 C CA  . ARG C 1 25 ? 48.662  -31.377 -13.971 1.00 54.12  ? 25 ARG O CA  1 
ATOM 1081 C C   . ARG C 1 25 ? 49.588  -30.508 -13.176 1.00 54.12  ? 25 ARG O C   1 
ATOM 1082 O O   . ARG C 1 25 ? 49.864  -30.797 -12.012 1.00 54.12  ? 25 ARG O O   1 
ATOM 1083 C CB  . ARG C 1 25 ? 49.515  -32.070 -15.053 1.00 54.12  ? 25 ARG O CB  1 
ATOM 1084 C CG  . ARG C 1 25 ? 48.789  -33.198 -15.792 1.00 54.12  ? 25 ARG O CG  1 
ATOM 1085 C CD  . ARG C 1 25 ? 49.695  -33.998 -16.734 1.00 54.12  ? 25 ARG O CD  1 
ATOM 1086 N NE  . ARG C 1 25 ? 48.838  -34.918 -17.535 1.00 54.12  ? 25 ARG O NE  1 
ATOM 1087 C CZ  . ARG C 1 25 ? 48.750  -36.244 -17.215 1.00 54.12  ? 25 ARG O CZ  1 
ATOM 1088 N NH1 . ARG C 1 25 ? 49.482  -36.742 -16.177 1.00 54.12  ? 25 ARG O NH1 1 
ATOM 1089 N NH2 . ARG C 1 25 ? 47.950  -37.070 -17.949 1.00 54.12  ? 25 ARG O NH2 1 
ATOM 1090 N N   . LYS C 1 26 ? 50.076  -29.401 -13.777 1.00 144.25 ? 26 LYS O N   1 
ATOM 1091 C CA  . LYS C 1 26 ? 50.982  -28.563 -13.040 1.00 144.25 ? 26 LYS O CA  1 
ATOM 1092 C C   . LYS C 1 26 ? 50.727  -27.146 -13.429 1.00 144.25 ? 26 LYS O C   1 
ATOM 1093 O O   . LYS C 1 26 ? 51.173  -26.671 -14.474 1.00 144.25 ? 26 LYS O O   1 
ATOM 1094 C CB  . LYS C 1 26 ? 52.465  -28.857 -13.329 1.00 144.25 ? 26 LYS O CB  1 
ATOM 1095 C CG  . LYS C 1 26 ? 52.855  -30.295 -12.980 1.00 144.25 ? 26 LYS O CG  1 
ATOM 1096 C CD  . LYS C 1 26 ? 52.569  -30.671 -11.524 1.00 144.25 ? 26 LYS O CD  1 
ATOM 1097 C CE  . LYS C 1 26 ? 52.581  -32.180 -11.276 1.00 144.25 ? 26 LYS O CE  1 
ATOM 1098 N NZ  . LYS C 1 26 ? 53.919  -32.738 -11.578 1.00 144.25 ? 26 LYS O NZ  1 
ATOM 1099 N N   . PRO C 1 27 ? 50.003  -26.467 -12.589 1.00 74.70  ? 27 PRO O N   1 
ATOM 1100 C CA  . PRO C 1 27 ? 49.635  -25.093 -12.783 1.00 74.70  ? 27 PRO O CA  1 
ATOM 1101 C C   . PRO C 1 27 ? 50.793  -24.146 -12.877 1.00 74.70  ? 27 PRO O C   1 
ATOM 1102 O O   . PRO C 1 27 ? 50.734  -23.232 -13.699 1.00 74.70  ? 27 PRO O O   1 
ATOM 1103 C CB  . PRO C 1 27 ? 48.703  -24.753 -11.619 1.00 74.70  ? 27 PRO O CB  1 
ATOM 1104 C CG  . PRO C 1 27 ? 49.093  -25.763 -10.524 1.00 74.70  ? 27 PRO O CG  1 
ATOM 1105 C CD  . PRO C 1 27 ? 49.559  -26.998 -11.312 1.00 74.70  ? 27 PRO O CD  1 
ATOM 1106 N N   . ALA C 1 28 ? 51.832  -24.319 -12.038 1.00 32.07  ? 28 ALA O N   1 
ATOM 1107 C CA  . ALA C 1 28 ? 52.945  -23.409 -12.023 1.00 32.07  ? 28 ALA O CA  1 
ATOM 1108 C C   . ALA C 1 28 ? 53.702  -23.497 -13.308 1.00 32.07  ? 28 ALA O C   1 
ATOM 1109 O O   . ALA C 1 28 ? 54.074  -22.482 -13.896 1.00 32.07  ? 28 ALA O O   1 
ATOM 1110 C CB  . ALA C 1 28 ? 53.940  -23.705 -10.889 1.00 32.07  ? 28 ALA O CB  1 
ATOM 1111 N N   . GLU C 1 29 ? 53.939  -24.736 -13.779 1.00 35.30  ? 29 GLU O N   1 
ATOM 1112 C CA  . GLU C 1 29 ? 54.736  -24.949 -14.949 1.00 35.30  ? 29 GLU O CA  1 
ATOM 1113 C C   . GLU C 1 29 ? 54.054  -24.368 -16.145 1.00 35.30  ? 29 GLU O C   1 
ATOM 1114 O O   . GLU C 1 29 ? 54.712  -23.779 -17.001 1.00 35.30  ? 29 GLU O O   1 
ATOM 1115 C CB  . GLU C 1 29 ? 55.005  -26.436 -15.248 1.00 35.30  ? 29 GLU O CB  1 
ATOM 1116 C CG  . GLU C 1 29 ? 55.895  -27.123 -14.209 1.00 35.30  ? 29 GLU O CG  1 
ATOM 1117 C CD  . GLU C 1 29 ? 56.073  -28.577 -14.628 1.00 35.30  ? 29 GLU O CD  1 
ATOM 1118 O OE1 . GLU C 1 29 ? 55.491  -28.970 -15.674 1.00 35.30  ? 29 GLU O OE1 1 
ATOM 1119 O OE2 . GLU C 1 29 ? 56.792  -29.313 -13.900 1.00 35.30  ? 29 GLU O OE2 1 
ATOM 1120 N N   . THR C 1 30 ? 52.716  -24.521 -16.234 1.00 134.89 ? 30 THR O N   1 
ATOM 1121 C CA  . THR C 1 30 ? 51.985  -24.057 -17.384 1.00 134.89 ? 30 THR O CA  1 
ATOM 1122 C C   . THR C 1 30 ? 52.072  -22.567 -17.514 1.00 134.89 ? 30 THR O C   1 
ATOM 1123 O O   . THR C 1 30 ? 52.289  -22.045 -18.607 1.00 134.89 ? 30 THR O O   1 
ATOM 1124 C CB  . THR C 1 30 ? 50.522  -24.429 -17.384 1.00 134.89 ? 30 THR O CB  1 
ATOM 1125 O OG1 . THR C 1 30 ? 49.897  -24.011 -16.181 1.00 134.89 ? 30 THR O OG1 1 
ATOM 1126 C CG2 . THR C 1 30 ? 50.361  -25.940 -17.589 1.00 134.89 ? 30 THR O CG2 1 
ATOM 1127 N N   . LEU C 1 31 ? 51.896  -21.840 -16.400 1.00 49.87  ? 31 LEU O N   1 
ATOM 1128 C CA  . LEU C 1 31 ? 51.913  -20.408 -16.451 1.00 49.87  ? 31 LEU O CA  1 
ATOM 1129 C C   . LEU C 1 31 ? 53.281  -19.942 -16.838 1.00 49.87  ? 31 LEU O C   1 
ATOM 1130 O O   . LEU C 1 31 ? 53.426  -18.985 -17.599 1.00 49.87  ? 31 LEU O O   1 
ATOM 1131 C CB  . LEU C 1 31 ? 51.544  -19.773 -15.100 1.00 49.87  ? 31 LEU O CB  1 
ATOM 1132 C CG  . LEU C 1 31 ? 50.133  -20.172 -14.620 1.00 49.87  ? 31 LEU O CG  1 
ATOM 1133 C CD1 . LEU C 1 31 ? 49.763  -19.492 -13.292 1.00 49.87  ? 31 LEU O CD1 1 
ATOM 1134 C CD2 . LEU C 1 31 ? 49.093  -19.941 -15.724 1.00 49.87  ? 31 LEU O CD2 1 
ATOM 1135 N N   . ALA C 1 32 ? 54.326  -20.609 -16.311 1.00 22.50  ? 32 ALA O N   1 
ATOM 1136 C CA  . ALA C 1 32 ? 55.684  -20.233 -16.586 1.00 22.50  ? 32 ALA O CA  1 
ATOM 1137 C C   . ALA C 1 32 ? 55.940  -20.392 -18.054 1.00 22.50  ? 32 ALA O C   1 
ATOM 1138 O O   . ALA C 1 32 ? 56.604  -19.560 -18.673 1.00 22.50  ? 32 ALA O O   1 
ATOM 1139 C CB  . ALA C 1 32 ? 56.704  -21.111 -15.841 1.00 22.50  ? 32 ALA O CB  1 
ATOM 1140 N N   . MET C 1 33 ? 55.417  -21.482 -18.645 1.00 44.53  ? 33 MET O N   1 
ATOM 1141 C CA  . MET C 1 33 ? 55.594  -21.777 -20.038 1.00 44.53  ? 33 MET O CA  1 
ATOM 1142 C C   . MET C 1 33 ? 54.926  -20.724 -20.875 1.00 44.53  ? 33 MET O C   1 
ATOM 1143 O O   . MET C 1 33 ? 55.466  -20.315 -21.902 1.00 44.53  ? 33 MET O O   1 
ATOM 1144 C CB  . MET C 1 33 ? 54.995  -23.142 -20.421 1.00 44.53  ? 33 MET O CB  1 
ATOM 1145 C CG  . MET C 1 33 ? 55.156  -23.496 -21.899 1.00 44.53  ? 33 MET O CG  1 
ATOM 1146 S SD  . MET C 1 33 ? 54.488  -25.121 -22.366 1.00 44.53  ? 33 MET O SD  1 
ATOM 1147 C CE  . MET C 1 33 ? 52.750  -24.694 -22.057 1.00 44.53  ? 33 MET O CE  1 
ATOM 1148 N N   . LEU C 1 34 ? 53.725  -20.262 -20.476 1.00 59.76  ? 34 LEU O N   1 
ATOM 1149 C CA  . LEU C 1 34 ? 52.999  -19.260 -21.212 1.00 59.76  ? 34 LEU O CA  1 
ATOM 1150 C C   . LEU C 1 34 ? 53.773  -17.977 -21.210 1.00 59.76  ? 34 LEU O C   1 
ATOM 1151 O O   . LEU C 1 34 ? 53.845  -17.285 -22.226 1.00 59.76  ? 34 LEU O O   1 
ATOM 1152 C CB  . LEU C 1 34 ? 51.630  -18.959 -20.576 1.00 59.76  ? 34 LEU O CB  1 
ATOM 1153 C CG  . LEU C 1 34 ? 50.599  -20.099 -20.708 1.00 59.76  ? 34 LEU O CG  1 
ATOM 1154 C CD1 . LEU C 1 34 ? 49.296  -19.758 -19.970 1.00 59.76  ? 34 LEU O CD1 1 
ATOM 1155 C CD2 . LEU C 1 34 ? 50.335  -20.448 -22.183 1.00 59.76  ? 34 LEU O CD2 1 
ATOM 1156 N N   . SER C 1 35 ? 54.371  -17.622 -20.054 1.00 72.07  ? 35 SER O N   1 
ATOM 1157 C CA  . SER C 1 35 ? 55.097  -16.387 -19.919 1.00 72.07  ? 35 SER O CA  1 
ATOM 1158 C C   . SER C 1 35 ? 56.287  -16.398 -20.833 1.00 72.07  ? 35 SER O C   1 
ATOM 1159 O O   . SER C 1 35 ? 56.680  -15.356 -21.358 1.00 72.07  ? 35 SER O O   1 
ATOM 1160 C CB  . SER C 1 35 ? 55.621  -16.143 -18.492 1.00 72.07  ? 35 SER O CB  1 
ATOM 1161 O OG  . SER C 1 35 ? 54.539  -15.994 -17.585 1.00 72.07  ? 35 SER O OG  1 
ATOM 1162 N N   . VAL C 1 36 ? 56.896  -17.580 -21.042 1.00 115.25 ? 36 VAL O N   1 
ATOM 1163 C CA  . VAL C 1 36 ? 58.073  -17.688 -21.858 1.00 115.25 ? 36 VAL O CA  1 
ATOM 1164 C C   . VAL C 1 36 ? 57.740  -17.425 -23.297 1.00 115.25 ? 36 VAL O C   1 
ATOM 1165 O O   . VAL C 1 36 ? 58.626  -17.044 -24.061 1.00 115.25 ? 36 VAL O O   1 
ATOM 1166 C CB  . VAL C 1 36 ? 58.779  -19.016 -21.791 1.00 115.25 ? 36 VAL O CB  1 
ATOM 1167 C CG1 . VAL C 1 36 ? 58.064  -20.029 -22.695 1.00 115.25 ? 36 VAL O CG1 1 
ATOM 1168 C CG2 . VAL C 1 36 ? 60.248  -18.790 -22.186 1.00 115.25 ? 36 VAL O CG2 1 
ATOM 1169 N N   . ASN C 1 37 ? 56.494  -17.672 -23.685 1.00 186.45 ? 37 ASN O N   1 
ATOM 1170 C CA  . ASN C 1 37 ? 56.088  -17.531 -25.077 1.00 186.45 ? 37 ASN O CA  1 
ATOM 1171 C C   . ASN C 1 37 ? 55.191  -16.322 -25.287 1.00 186.45 ? 37 ASN O C   1 
ATOM 1172 O O   . ASN C 1 37 ? 54.258  -16.360 -26.089 1.00 186.45 ? 37 ASN O O   1 
ATOM 1173 C CB  . ASN C 1 37 ? 55.382  -18.799 -25.560 1.00 186.45 ? 37 ASN O CB  1 
ATOM 1174 C CG  . ASN C 1 37 ? 56.353  -19.916 -25.891 1.00 186.45 ? 37 ASN O CG  1 
ATOM 1175 O OD1 . ASN C 1 37 ? 57.028  -19.883 -26.919 1.00 186.45 ? 37 ASN O OD1 1 
ATOM 1176 N ND2 . ASN C 1 37 ? 56.427  -20.913 -25.016 1.00 186.45 ? 37 ASN O ND2 1 
ATOM 1177 N N   . VAL C 1 38 ? 55.477  -15.248 -24.560 1.00 58.60  ? 38 VAL O N   1 
ATOM 1178 C CA  . VAL C 1 38 ? 54.690  -14.049 -24.668 1.00 58.60  ? 38 VAL O CA  1 
ATOM 1179 C C   . VAL C 1 38 ? 54.963  -13.375 -25.986 1.00 58.60  ? 38 VAL O C   1 
ATOM 1180 O O   . VAL C 1 38 ? 54.056  -12.826 -26.608 1.00 58.60  ? 38 VAL O O   1 
ATOM 1181 C CB  . VAL C 1 38 ? 55.048  -13.039 -23.620 1.00 58.60  ? 38 VAL O CB  1 
ATOM 1182 C CG1 . VAL C 1 38 ? 54.311  -11.732 -23.945 1.00 58.60  ? 38 VAL O CG1 1 
ATOM 1183 C CG2 . VAL C 1 38 ? 54.730  -13.620 -22.232 1.00 58.60  ? 38 VAL O CG2 1 
ATOM 1184 N N   . ASP C 1 39 ? 56.243  -13.363 -26.411 1.00 47.06  ? 39 ASP O N   1 
ATOM 1185 C CA  . ASP C 1 39 ? 56.703  -12.705 -27.607 1.00 47.06  ? 39 ASP O CA  1 
ATOM 1186 C C   . ASP C 1 39 ? 56.195  -13.379 -28.849 1.00 47.06  ? 39 ASP O C   1 
ATOM 1187 O O   . ASP C 1 39 ? 55.896  -12.709 -29.834 1.00 47.06  ? 39 ASP O O   1 
ATOM 1188 C CB  . ASP C 1 39 ? 58.237  -12.708 -27.733 1.00 47.06  ? 39 ASP O CB  1 
ATOM 1189 C CG  . ASP C 1 39 ? 58.814  -11.808 -26.648 1.00 47.06  ? 39 ASP O CG  1 
ATOM 1190 O OD1 . ASP C 1 39 ? 58.176  -10.767 -26.340 1.00 47.06  ? 39 ASP O OD1 1 
ATOM 1191 O OD2 . ASP C 1 39 ? 59.897  -12.155 -26.106 1.00 47.06  ? 39 ASP O OD2 1 
ATOM 1192 N N   . ASN C 1 40 ? 56.092  -14.725 -28.827 1.00 49.04  ? 40 ASN O N   1 
ATOM 1193 C CA  . ASN C 1 40 ? 55.789  -15.504 -30.002 1.00 49.04  ? 40 ASN O CA  1 
ATOM 1194 C C   . ASN C 1 40 ? 54.416  -15.220 -30.541 1.00 49.04  ? 40 ASN O C   1 
ATOM 1195 O O   . ASN C 1 40 ? 53.463  -14.970 -29.809 1.00 49.04  ? 40 ASN O O   1 
ATOM 1196 C CB  . ASN C 1 40 ? 55.890  -17.017 -29.763 1.00 49.04  ? 40 ASN O CB  1 
ATOM 1197 C CG  . ASN C 1 40 ? 57.360  -17.359 -29.581 1.00 49.04  ? 40 ASN O CG  1 
ATOM 1198 O OD1 . ASN C 1 40 ? 58.235  -16.533 -29.840 1.00 49.04  ? 40 ASN O OD1 1 
ATOM 1199 N ND2 . ASN C 1 40 ? 57.640  -18.614 -29.141 1.00 49.04  ? 40 ASN O ND2 1 
ATOM 1200 N N   . PRO C 1 41 ? 54.325  -15.254 -31.854 1.00 78.57  ? 41 PRO O N   1 
ATOM 1201 C CA  . PRO C 1 41 ? 53.074  -14.998 -32.526 1.00 78.57  ? 41 PRO O CA  1 
ATOM 1202 C C   . PRO C 1 41 ? 52.041  -16.059 -32.283 1.00 78.57  ? 41 PRO O C   1 
ATOM 1203 O O   . PRO C 1 41 ? 50.852  -15.772 -32.408 1.00 78.57  ? 41 PRO O O   1 
ATOM 1204 C CB  . PRO C 1 41 ? 53.426  -14.792 -33.998 1.00 78.57  ? 41 PRO O CB  1 
ATOM 1205 C CG  . PRO C 1 41 ? 54.872  -14.265 -33.950 1.00 78.57  ? 41 PRO O CG  1 
ATOM 1206 C CD  . PRO C 1 41 ? 55.468  -14.897 -32.682 1.00 78.57  ? 41 PRO O CD  1 
ATOM 1207 N N   . GLY C 1 42 ? 52.504  -17.285 -31.987 1.00 83.08  ? 42 GLY O N   1 
ATOM 1208 C CA  . GLY C 1 42 ? 51.833  -18.522 -31.687 1.00 83.08  ? 42 GLY O CA  1 
ATOM 1209 C C   . GLY C 1 42 ? 51.217  -18.535 -30.312 1.00 83.08  ? 42 GLY O C   1 
ATOM 1210 O O   . GLY C 1 42 ? 50.654  -19.552 -29.911 1.00 83.08  ? 42 GLY O O   1 
ATOM 1211 N N   . TYR C 1 43 ? 51.434  -17.476 -29.508 1.00 84.77  ? 43 TYR O N   1 
ATOM 1212 C CA  . TYR C 1 43 ? 51.087  -17.408 -28.108 1.00 84.77  ? 43 TYR O CA  1 
ATOM 1213 C C   . TYR C 1 43 ? 49.635  -17.734 -27.853 1.00 84.77  ? 43 TYR O C   1 
ATOM 1214 O O   . TYR C 1 43 ? 49.331  -18.496 -26.935 1.00 84.77  ? 43 TYR O O   1 
ATOM 1215 C CB  . TYR C 1 43 ? 51.390  -15.998 -27.560 1.00 84.77  ? 43 TYR O CB  1 
ATOM 1216 C CG  . TYR C 1 43 ? 51.059  -15.904 -26.112 1.00 84.77  ? 43 TYR O CG  1 
ATOM 1217 C CD1 . TYR C 1 43 ? 51.936  -16.388 -25.169 1.00 84.77  ? 43 TYR O CD1 1 
ATOM 1218 C CD2 . TYR C 1 43 ? 49.887  -15.317 -25.694 1.00 84.77  ? 43 TYR O CD2 1 
ATOM 1219 C CE1 . TYR C 1 43 ? 51.647  -16.297 -23.828 1.00 84.77  ? 43 TYR O CE1 1 
ATOM 1220 C CE2 . TYR C 1 43 ? 49.592  -15.224 -24.355 1.00 84.77  ? 43 TYR O CE2 1 
ATOM 1221 C CZ  . TYR C 1 43 ? 50.471  -15.714 -23.419 1.00 84.77  ? 43 TYR O CZ  1 
ATOM 1222 O OH  . TYR C 1 43 ? 50.163  -15.614 -22.045 1.00 84.77  ? 43 TYR O OH  1 
ATOM 1223 N N   . ASP C 1 44 ? 48.694  -17.189 -28.647 1.00 50.98  ? 44 ASP O N   1 
ATOM 1224 C CA  . ASP C 1 44 ? 47.285  -17.398 -28.435 1.00 50.98  ? 44 ASP O CA  1 
ATOM 1225 C C   . ASP C 1 44 ? 46.947  -18.846 -28.633 1.00 50.98  ? 44 ASP O C   1 
ATOM 1226 O O   . ASP C 1 44 ? 46.053  -19.369 -27.965 1.00 50.98  ? 44 ASP O O   1 
ATOM 1227 C CB  . ASP C 1 44 ? 46.439  -16.603 -29.446 1.00 50.98  ? 44 ASP O CB  1 
ATOM 1228 C CG  . ASP C 1 44 ? 46.782  -15.127 -29.298 1.00 50.98  ? 44 ASP O CG  1 
ATOM 1229 O OD1 . ASP C 1 44 ? 47.478  -14.781 -28.307 1.00 50.98  ? 44 ASP O OD1 1 
ATOM 1230 O OD2 . ASP C 1 44 ? 46.366  -14.332 -30.184 1.00 50.98  ? 44 ASP O OD2 1 
ATOM 1231 N N   . GLU C 1 45 ? 47.623  -19.520 -29.588 1.00 41.51  ? 45 GLU O N   1 
ATOM 1232 C CA  . GLU C 1 45 ? 47.382  -20.911 -29.866 1.00 41.51  ? 45 GLU O CA  1 
ATOM 1233 C C   . GLU C 1 45 ? 47.752  -21.695 -28.650 1.00 41.51  ? 45 GLU O C   1 
ATOM 1234 O O   . GLU C 1 45 ? 47.076  -22.655 -28.284 1.00 41.51  ? 45 GLU O O   1 
ATOM 1235 C CB  . GLU C 1 45 ? 48.260  -21.475 -30.997 1.00 41.51  ? 45 GLU O CB  1 
ATOM 1236 C CG  . GLU C 1 45 ? 47.973  -20.896 -32.381 1.00 41.51  ? 45 GLU O CG  1 
ATOM 1237 C CD  . GLU C 1 45 ? 48.923  -21.586 -33.352 1.00 41.51  ? 45 GLU O CD  1 
ATOM 1238 O OE1 . GLU C 1 45 ? 48.687  -22.785 -33.661 1.00 41.51  ? 45 GLU O OE1 1 
ATOM 1239 O OE2 . GLU C 1 45 ? 49.906  -20.929 -33.789 1.00 41.51  ? 45 GLU O OE2 1 
ATOM 1240 N N   . LEU C 1 46 ? 48.870  -21.311 -28.012 1.00 67.15  ? 46 LEU O N   1 
ATOM 1241 C CA  . LEU C 1 46 ? 49.387  -21.965 -26.848 1.00 67.15  ? 46 LEU O CA  1 
ATOM 1242 C C   . LEU C 1 46 ? 48.454  -21.759 -25.684 1.00 67.15  ? 46 LEU O C   1 
ATOM 1243 O O   . LEU C 1 46 ? 48.211  -22.685 -24.912 1.00 67.15  ? 46 LEU O O   1 
ATOM 1244 C CB  . LEU C 1 46 ? 50.788  -21.439 -26.475 1.00 67.15  ? 46 LEU O CB  1 
ATOM 1245 C CG  . LEU C 1 46 ? 51.429  -22.088 -25.233 1.00 67.15  ? 46 LEU O CG  1 
ATOM 1246 C CD1 . LEU C 1 46 ? 51.674  -23.590 -25.450 1.00 67.15  ? 46 LEU O CD1 1 
ATOM 1247 C CD2 . LEU C 1 46 ? 52.708  -21.338 -24.819 1.00 67.15  ? 46 LEU O CD2 1 
ATOM 1248 N N   . LEU C 1 47 ? 47.901  -20.540 -25.520 1.00 168.28 ? 47 LEU O N   1 
ATOM 1249 C CA  . LEU C 1 47 ? 47.012  -20.272 -24.423 1.00 168.28 ? 47 LEU O CA  1 
ATOM 1250 C C   . LEU C 1 47 ? 45.790  -21.124 -24.511 1.00 168.28 ? 47 LEU O C   1 
ATOM 1251 O O   . LEU C 1 47 ? 45.342  -21.677 -23.507 1.00 168.28 ? 47 LEU O O   1 
ATOM 1252 C CB  . LEU C 1 47 ? 46.507  -18.824 -24.344 1.00 168.28 ? 47 LEU O CB  1 
ATOM 1253 C CG  . LEU C 1 47 ? 47.483  -17.889 -23.633 1.00 168.28 ? 47 LEU O CG  1 
ATOM 1254 C CD1 . LEU C 1 47 ? 46.940  -16.458 -23.540 1.00 168.28 ? 47 LEU O CD1 1 
ATOM 1255 C CD2 . LEU C 1 47 ? 47.831  -18.467 -22.253 1.00 168.28 ? 47 LEU O CD2 1 
ATOM 1256 N N   . GLU C 1 48 ? 45.218  -21.250 -25.718 1.00 76.74  ? 48 GLU O N   1 
ATOM 1257 C CA  . GLU C 1 48 ? 44.000  -21.986 -25.873 1.00 76.74  ? 48 GLU O CA  1 
ATOM 1258 C C   . GLU C 1 48 ? 44.219  -23.423 -25.505 1.00 76.74  ? 48 GLU O C   1 
ATOM 1259 O O   . GLU C 1 48 ? 43.425  -24.010 -24.774 1.00 76.74  ? 48 GLU O O   1 
ATOM 1260 C CB  . GLU C 1 48 ? 43.468  -21.947 -27.314 1.00 76.74  ? 48 GLU O CB  1 
ATOM 1261 C CG  . GLU C 1 48 ? 42.946  -20.566 -27.723 1.00 76.74  ? 48 GLU O CG  1 
ATOM 1262 C CD  . GLU C 1 48 ? 42.538  -20.611 -29.189 1.00 76.74  ? 48 GLU O CD  1 
ATOM 1263 O OE1 . GLU C 1 48 ? 42.966  -21.560 -29.897 1.00 76.74  ? 48 GLU O OE1 1 
ATOM 1264 O OE2 . GLU C 1 48 ? 41.790  -19.692 -29.622 1.00 76.74  ? 48 GLU O OE2 1 
ATOM 1265 N N   . ALA C 1 49 ? 45.308  -24.029 -26.011 1.00 57.84  ? 49 ALA O N   1 
ATOM 1266 C CA  . ALA C 1 49 ? 45.595  -25.420 -25.780 1.00 57.84  ? 49 ALA O CA  1 
ATOM 1267 C C   . ALA C 1 49 ? 45.902  -25.703 -24.330 1.00 57.84  ? 49 ALA O C   1 
ATOM 1268 O O   . ALA C 1 49 ? 45.459  -26.708 -23.783 1.00 57.84  ? 49 ALA O O   1 
ATOM 1269 C CB  . ALA C 1 49 ? 46.794  -25.919 -26.605 1.00 57.84  ? 49 ALA O CB  1 
ATOM 1270 N N   . ALA C 1 50 ? 46.689  -24.832 -23.667 1.00 66.02  ? 50 ALA O N   1 
ATOM 1271 C CA  . ALA C 1 50 ? 47.129  -25.042 -22.307 1.00 66.02  ? 50 ALA O CA  1 
ATOM 1272 C C   . ALA C 1 50 ? 45.977  -25.028 -21.348 1.00 66.02  ? 50 ALA O C   1 
ATOM 1273 O O   . ALA C 1 50 ? 45.973  -25.752 -20.354 1.00 66.02  ? 50 ALA O O   1 
ATOM 1274 C CB  . ALA C 1 50 ? 48.124  -23.967 -21.833 1.00 66.02  ? 50 ALA O CB  1 
ATOM 1275 N N   . VAL C 1 51 ? 45.017  -24.130 -21.615 1.00 107.39 ? 51 VAL O N   1 
ATOM 1276 C CA  . VAL C 1 51 ? 43.824  -23.830 -20.875 1.00 107.39 ? 51 VAL O CA  1 
ATOM 1277 C C   . VAL C 1 51 ? 42.745  -24.900 -20.990 1.00 107.39 ? 51 VAL O C   1 
ATOM 1278 O O   . VAL C 1 51 ? 41.820  -24.902 -20.181 1.00 107.39 ? 51 VAL O O   1 
ATOM 1279 C CB  . VAL C 1 51 ? 43.269  -22.500 -21.301 1.00 107.39 ? 51 VAL O CB  1 
ATOM 1280 C CG1 . VAL C 1 51 ? 41.909  -22.220 -20.647 1.00 107.39 ? 51 VAL O CG1 1 
ATOM 1281 C CG2 . VAL C 1 51 ? 44.329  -21.436 -20.969 1.00 107.39 ? 51 VAL O CG2 1 
ATOM 1282 N N   . LYS C 1 52 ? 42.752  -25.793 -22.009 1.00 205.40 ? 52 LYS O N   1 
ATOM 1283 C CA  . LYS C 1 52 ? 41.629  -26.710 -22.110 1.00 205.40 ? 52 LYS O CA  1 
ATOM 1284 C C   . LYS C 1 52 ? 41.832  -27.978 -21.302 1.00 205.40 ? 52 LYS O C   1 
ATOM 1285 O O   . LYS C 1 52 ? 42.959  -28.382 -21.029 1.00 205.40 ? 52 LYS O O   1 
ATOM 1286 C CB  . LYS C 1 52 ? 41.226  -27.139 -23.538 1.00 205.40 ? 52 LYS O CB  1 
ATOM 1287 C CG  . LYS C 1 52 ? 41.856  -28.436 -24.056 1.00 205.40 ? 52 LYS O CG  1 
ATOM 1288 C CD  . LYS C 1 52 ? 43.363  -28.397 -24.273 1.00 205.40 ? 52 LYS O CD  1 
ATOM 1289 C CE  . LYS C 1 52 ? 43.937  -29.725 -24.779 1.00 205.40 ? 52 LYS O CE  1 
ATOM 1290 N NZ  . LYS C 1 52 ? 43.482  -30.003 -26.161 1.00 205.40 ? 52 LYS O NZ  1 
ATOM 1291 N N   . CYS C 1 53 ? 40.703  -28.650 -20.941 1.00 140.02 ? 53 CYS O N   1 
ATOM 1292 C CA  . CYS C 1 53 ? 40.580  -29.793 -20.046 1.00 140.02 ? 53 CYS O CA  1 
ATOM 1293 C C   . CYS C 1 53 ? 40.884  -31.155 -20.665 1.00 140.02 ? 53 CYS O C   1 
ATOM 1294 O O   . CYS C 1 53 ? 40.862  -31.309 -21.885 1.00 140.02 ? 53 CYS O O   1 
ATOM 1295 C CB  . CYS C 1 53 ? 39.179  -29.838 -19.412 1.00 140.02 ? 53 CYS O CB  1 
ATOM 1296 S SG  . CYS C 1 53 ? 38.929  -28.441 -18.277 1.00 140.02 ? 53 CYS O SG  1 
ATOM 1297 N N   . PRO C 1 54 ? 41.113  -32.129 -19.753 1.00 136.90 ? 54 PRO O N   1 
ATOM 1298 C CA  . PRO C 1 54 ? 41.627  -33.487 -19.968 1.00 136.90 ? 54 PRO O CA  1 
ATOM 1299 C C   . PRO C 1 54 ? 40.862  -34.606 -20.620 1.00 136.90 ? 54 PRO O C   1 
ATOM 1300 O O   . PRO C 1 54 ? 39.641  -34.557 -20.753 1.00 136.90 ? 54 PRO O O   1 
ATOM 1301 C CB  . PRO C 1 54 ? 42.175  -33.950 -18.614 1.00 136.90 ? 54 PRO O CB  1 
ATOM 1302 C CG  . PRO C 1 54 ? 41.500  -33.036 -17.584 1.00 136.90 ? 54 PRO O CG  1 
ATOM 1303 C CD  . PRO C 1 54 ? 41.267  -31.735 -18.359 1.00 136.90 ? 54 PRO O CD  1 
ATOM 1304 N N   . GLY C 1 55 ? 41.651  -35.642 -21.000 1.00 57.27  ? 55 GLY O N   1 
ATOM 1305 C CA  . GLY C 1 55 ? 41.337  -36.863 -21.697 1.00 57.27  ? 55 GLY O CA  1 
ATOM 1306 C C   . GLY C 1 55 ? 40.454  -37.818 -20.951 1.00 57.27  ? 55 GLY O C   1 
ATOM 1307 O O   . GLY C 1 55 ? 39.633  -38.488 -21.573 1.00 57.27  ? 55 GLY O O   1 
ATOM 1308 N N   . ARG C 1 56 ? 40.591  -37.967 -19.620 1.00 136.58 ? 56 ARG O N   1 
ATOM 1309 C CA  . ARG C 1 56 ? 39.802  -39.031 -19.060 1.00 136.58 ? 56 ARG O CA  1 
ATOM 1310 C C   . ARG C 1 56 ? 38.387  -38.584 -18.912 1.00 136.58 ? 56 ARG O C   1 
ATOM 1311 O O   . ARG C 1 56 ? 38.000  -38.055 -17.873 1.00 136.58 ? 56 ARG O O   1 
ATOM 1312 C CB  . ARG C 1 56 ? 40.270  -39.520 -17.679 1.00 136.58 ? 56 ARG O CB  1 
ATOM 1313 C CG  . ARG C 1 56 ? 39.520  -40.775 -17.221 1.00 136.58 ? 56 ARG O CG  1 
ATOM 1314 C CD  . ARG C 1 56 ? 39.906  -41.266 -15.824 1.00 136.58 ? 56 ARG O CD  1 
ATOM 1315 N NE  . ARG C 1 56 ? 39.001  -40.593 -14.849 1.00 136.58 ? 56 ARG O NE  1 
ATOM 1316 C CZ  . ARG C 1 56 ? 38.643  -41.227 -13.695 1.00 136.58 ? 56 ARG O CZ  1 
ATOM 1317 N NH1 . ARG C 1 56 ? 39.110  -42.484 -13.440 1.00 136.58 ? 56 ARG O NH1 1 
ATOM 1318 N NH2 . ARG C 1 56 ? 37.806  -40.610 -12.807 1.00 136.58 ? 56 ARG O NH2 1 
ATOM 1319 N N   . LYS C 1 57 ? 37.584  -38.811 -19.971 1.00 86.91  ? 57 LYS O N   1 
ATOM 1320 C CA  . LYS C 1 57 ? 36.179  -38.544 -19.972 1.00 86.91  ? 57 LYS O CA  1 
ATOM 1321 C C   . LYS C 1 57 ? 35.626  -39.069 -21.254 1.00 86.91  ? 57 LYS O C   1 
ATOM 1322 O O   . LYS C 1 57 ? 36.356  -39.278 -22.224 1.00 86.91  ? 57 LYS O O   1 
ATOM 1323 C CB  . LYS C 1 57 ? 35.780  -37.063 -19.842 1.00 86.91  ? 57 LYS O CB  1 
ATOM 1324 C CG  . LYS C 1 57 ? 35.758  -36.580 -18.392 1.00 86.91  ? 57 LYS O CG  1 
ATOM 1325 C CD  . LYS C 1 57 ? 35.536  -35.075 -18.242 1.00 86.91  ? 57 LYS O CD  1 
ATOM 1326 C CE  . LYS C 1 57 ? 35.499  -34.611 -16.786 1.00 86.91  ? 57 LYS O CE  1 
ATOM 1327 N NZ  . LYS C 1 57 ? 35.203  -33.162 -16.726 1.00 86.91  ? 57 LYS O NZ  1 
ATOM 1328 N N   . ARG C 1 58 ? 34.315  -39.368 -21.246 1.00 96.20  ? 58 ARG O N   1 
ATOM 1329 C CA  . ARG C 1 58 ? 33.619  -39.928 -22.367 1.00 96.20  ? 58 ARG O CA  1 
ATOM 1330 C C   . ARG C 1 58 ? 33.481  -38.960 -23.514 1.00 96.20  ? 58 ARG O C   1 
ATOM 1331 O O   . ARG C 1 58 ? 33.787  -39.302 -24.654 1.00 96.20  ? 58 ARG O O   1 
ATOM 1332 C CB  . ARG C 1 58 ? 32.211  -40.390 -21.965 1.00 96.20  ? 58 ARG O CB  1 
ATOM 1333 C CG  . ARG C 1 58 ? 31.390  -41.000 -23.097 1.00 96.20  ? 58 ARG O CG  1 
ATOM 1334 C CD  . ARG C 1 58 ? 30.072  -41.596 -22.605 1.00 96.20  ? 58 ARG O CD  1 
ATOM 1335 N NE  . ARG C 1 58 ? 29.298  -42.025 -23.803 1.00 96.20  ? 58 ARG O NE  1 
ATOM 1336 C CZ  . ARG C 1 58 ? 29.002  -43.344 -23.987 1.00 96.20  ? 58 ARG O CZ  1 
ATOM 1337 N NH1 . ARG C 1 58 ? 29.493  -44.275 -23.116 1.00 96.20  ? 58 ARG O NH1 1 
ATOM 1338 N NH2 . ARG C 1 58 ? 28.225  -43.732 -25.039 1.00 96.20  ? 58 ARG O NH2 1 
ATOM 1339 N N   . ARG C 1 59 ? 33.033  -37.715 -23.239 1.00 149.21 ? 59 ARG O N   1 
ATOM 1340 C CA  . ARG C 1 59 ? 32.745  -36.752 -24.278 1.00 149.21 ? 59 ARG O CA  1 
ATOM 1341 C C   . ARG C 1 59 ? 33.921  -35.855 -24.533 1.00 149.21 ? 59 ARG O C   1 
ATOM 1342 O O   . ARG C 1 59 ? 34.949  -35.961 -23.865 1.00 149.21 ? 59 ARG O O   1 
ATOM 1343 C CB  . ARG C 1 59 ? 31.530  -35.854 -23.984 1.00 149.21 ? 59 ARG O CB  1 
ATOM 1344 C CG  . ARG C 1 59 ? 30.196  -36.603 -24.022 1.00 149.21 ? 59 ARG O CG  1 
ATOM 1345 C CD  . ARG C 1 59 ? 29.650  -36.836 -25.436 1.00 149.21 ? 59 ARG O CD  1 
ATOM 1346 N NE  . ARG C 1 59 ? 30.546  -37.811 -26.121 1.00 149.21 ? 59 ARG O NE  1 
ATOM 1347 C CZ  . ARG C 1 59 ? 30.128  -38.454 -27.251 1.00 149.21 ? 59 ARG O CZ  1 
ATOM 1348 N NH1 . ARG C 1 59 ? 28.882  -38.214 -27.755 1.00 149.21 ? 59 ARG O NH1 1 
ATOM 1349 N NH2 . ARG C 1 59 ? 30.960  -39.339 -27.879 1.00 149.21 ? 59 ARG O NH2 1 
ATOM 1350 O OXT . ARG C 1 59 ? 33.856  -35.005 -25.419 1.00 0.00   ? 59 ARG O OXT 1 
ATOM 1351 N N   . SER D 1 1  ? 40.119  22.343  52.706  1.00 32.33  ? 1  SER P N   1 
ATOM 1352 C CA  . SER D 1 1  ? 39.942  20.880  52.575  1.00 32.33  ? 1  SER P CA  1 
ATOM 1353 C C   . SER D 1 1  ? 39.541  20.523  51.182  1.00 32.33  ? 1  SER P C   1 
ATOM 1354 O O   . SER D 1 1  ? 39.199  21.389  50.380  1.00 32.33  ? 1  SER P O   1 
ATOM 1355 C CB  . SER D 1 1  ? 38.848  20.388  53.536  1.00 32.33  ? 1  SER P CB  1 
ATOM 1356 O OG  . SER D 1 1  ? 37.591  20.925  53.152  1.00 32.33  ? 1  SER P OG  1 
ATOM 1357 N N   . LEU D 1 2  ? 39.609  19.217  50.857  1.00 173.35 ? 2  LEU P N   1 
ATOM 1358 C CA  . LEU D 1 2  ? 39.222  18.757  49.556  1.00 173.35 ? 2  LEU P CA  1 
ATOM 1359 C C   . LEU D 1 2  ? 37.738  18.608  49.595  1.00 173.35 ? 2  LEU P C   1 
ATOM 1360 O O   . LEU D 1 2  ? 37.166  18.364  50.656  1.00 173.35 ? 2  LEU P O   1 
ATOM 1361 C CB  . LEU D 1 2  ? 39.799  17.376  49.197  1.00 173.35 ? 2  LEU P CB  1 
ATOM 1362 C CG  . LEU D 1 2  ? 41.337  17.282  49.292  1.00 173.35 ? 2  LEU P CG  1 
ATOM 1363 C CD1 . LEU D 1 2  ? 41.833  15.895  48.848  1.00 173.35 ? 2  LEU P CD1 1 
ATOM 1364 C CD2 . LEU D 1 2  ? 42.036  18.439  48.560  1.00 173.35 ? 2  LEU P CD2 1 
ATOM 1365 N N   . VAL D 1 3  ? 37.064  18.766  48.439  1.00 117.03 ? 3  VAL P N   1 
ATOM 1366 C CA  . VAL D 1 3  ? 35.643  18.612  48.476  1.00 117.03 ? 3  VAL P CA  1 
ATOM 1367 C C   . VAL D 1 3  ? 35.274  17.454  47.613  1.00 117.03 ? 3  VAL P C   1 
ATOM 1368 O O   . VAL D 1 3  ? 35.812  17.277  46.522  1.00 117.03 ? 3  VAL P O   1 
ATOM 1369 C CB  . VAL D 1 3  ? 34.887  19.797  47.953  1.00 117.03 ? 3  VAL P CB  1 
ATOM 1370 C CG1 . VAL D 1 3  ? 35.159  19.939  46.444  1.00 117.03 ? 3  VAL P CG1 1 
ATOM 1371 C CG2 . VAL D 1 3  ? 33.404  19.613  48.312  1.00 117.03 ? 3  VAL P CG2 1 
ATOM 1372 N N   . THR D 1 4  ? 34.342  16.617  48.107  1.00 214.59 ? 4  THR P N   1 
ATOM 1373 C CA  . THR D 1 4  ? 33.862  15.507  47.340  1.00 214.59 ? 4  THR P CA  1 
ATOM 1374 C C   . THR D 1 4  ? 32.811  16.084  46.457  1.00 214.59 ? 4  THR P C   1 
ATOM 1375 O O   . THR D 1 4  ? 32.437  17.243  46.627  1.00 214.59 ? 4  THR P O   1 
ATOM 1376 C CB  . THR D 1 4  ? 33.205  14.437  48.166  1.00 214.59 ? 4  THR P CB  1 
ATOM 1377 O OG1 . THR D 1 4  ? 32.070  14.963  48.841  1.00 214.59 ? 4  THR P OG1 1 
ATOM 1378 C CG2 . THR D 1 4  ? 34.221  13.889  49.180  1.00 214.59 ? 4  THR P CG2 1 
ATOM 1379 N N   . THR D 1 5  ? 32.313  15.303  45.481  1.00 59.56  ? 5  THR P N   1 
ATOM 1380 C CA  . THR D 1 5  ? 31.299  15.851  44.631  1.00 59.56  ? 5  THR P CA  1 
ATOM 1381 C C   . THR D 1 5  ? 29.986  15.412  45.191  1.00 59.56  ? 5  THR P C   1 
ATOM 1382 O O   . THR D 1 5  ? 29.738  14.220  45.364  1.00 59.56  ? 5  THR P O   1 
ATOM 1383 C CB  . THR D 1 5  ? 31.359  15.371  43.215  1.00 59.56  ? 5  THR P CB  1 
ATOM 1384 O OG1 . THR D 1 5  ? 32.618  15.684  42.636  1.00 59.56  ? 5  THR P OG1 1 
ATOM 1385 C CG2 . THR D 1 5  ? 30.237  16.073  42.434  1.00 59.56  ? 5  THR P CG2 1 
ATOM 1386 N N   . MET D 1 6  ? 29.103  16.387  45.483  1.00 63.57  ? 6  MET P N   1 
ATOM 1387 C CA  . MET D 1 6  ? 27.859  16.064  46.116  1.00 63.57  ? 6  MET P CA  1 
ATOM 1388 C C   . MET D 1 6  ? 26.722  16.341  45.184  1.00 63.57  ? 6  MET P C   1 
ATOM 1389 O O   . MET D 1 6  ? 26.772  17.268  44.376  1.00 63.57  ? 6  MET P O   1 
ATOM 1390 C CB  . MET D 1 6  ? 27.572  16.896  47.379  1.00 63.57  ? 6  MET P CB  1 
ATOM 1391 C CG  . MET D 1 6  ? 28.426  16.548  48.599  1.00 63.57  ? 6  MET P CG  1 
ATOM 1392 S SD  . MET D 1 6  ? 28.078  14.911  49.309  1.00 63.57  ? 6  MET P SD  1 
ATOM 1393 C CE  . MET D 1 6  ? 28.650  15.346  50.976  1.00 63.57  ? 6  MET P CE  1 
ATOM 1394 N N   . CYS D 1 7  ? 25.662  15.511  45.289  1.00 65.35  ? 7  CYS P N   1 
ATOM 1395 C CA  . CYS D 1 7  ? 24.451  15.652  44.534  1.00 65.35  ? 7  CYS P CA  1 
ATOM 1396 C C   . CYS D 1 7  ? 23.302  15.756  45.505  1.00 65.35  ? 7  CYS P C   1 
ATOM 1397 O O   . CYS D 1 7  ? 23.468  15.484  46.695  1.00 65.35  ? 7  CYS P O   1 
ATOM 1398 C CB  . CYS D 1 7  ? 24.190  14.486  43.561  1.00 65.35  ? 7  CYS P CB  1 
ATOM 1399 S SG  . CYS D 1 7  ? 25.102  14.657  41.993  1.00 65.35  ? 7  CYS P SG  1 
ATOM 1400 N N   . LEU D 1 8  ? 22.102  16.169  45.024  1.00 75.14  ? 8  LEU P N   1 
ATOM 1401 C CA  . LEU D 1 8  ? 20.989  16.417  45.913  1.00 75.14  ? 8  LEU P CA  1 
ATOM 1402 C C   . LEU D 1 8  ? 19.823  15.507  45.633  1.00 75.14  ? 8  LEU P C   1 
ATOM 1403 O O   . LEU D 1 8  ? 19.517  15.189  44.486  1.00 75.14  ? 8  LEU P O   1 
ATOM 1404 C CB  . LEU D 1 8  ? 20.432  17.846  45.789  1.00 75.14  ? 8  LEU P CB  1 
ATOM 1405 C CG  . LEU D 1 8  ? 21.466  18.943  46.096  1.00 75.14  ? 8  LEU P CG  1 
ATOM 1406 C CD1 . LEU D 1 8  ? 20.823  20.338  46.072  1.00 75.14  ? 8  LEU P CD1 1 
ATOM 1407 C CD2 . LEU D 1 8  ? 22.212  18.649  47.405  1.00 75.14  ? 8  LEU P CD2 1 
ATOM 1408 N N   . LEU D 1 9  ? 19.144  15.062  46.718  1.00 163.13 ? 9  LEU P N   1 
ATOM 1409 C CA  . LEU D 1 9  ? 17.959  14.259  46.614  1.00 163.13 ? 9  LEU P CA  1 
ATOM 1410 C C   . LEU D 1 9  ? 17.089  14.647  47.773  1.00 163.13 ? 9  LEU P C   1 
ATOM 1411 O O   . LEU D 1 9  ? 17.469  14.472  48.930  1.00 163.13 ? 9  LEU P O   1 
ATOM 1412 C CB  . LEU D 1 9  ? 18.288  12.750  46.643  1.00 163.13 ? 9  LEU P CB  1 
ATOM 1413 C CG  . LEU D 1 9  ? 17.101  11.777  46.525  1.00 163.13 ? 9  LEU P CG  1 
ATOM 1414 C CD1 . LEU D 1 9  ? 17.612  10.348  46.300  1.00 163.13 ? 9  LEU P CD1 1 
ATOM 1415 C CD2 . LEU D 1 9  ? 16.168  11.846  47.743  1.00 163.13 ? 9  LEU P CD2 1 
ATOM 1416 N N   . ALA D 1 10 ? 15.891  15.208  47.498  1.00 228.39 ? 10 ALA P N   1 
ATOM 1417 C CA  . ALA D 1 10 ? 15.086  15.591  48.625  1.00 228.39 ? 10 ALA P CA  1 
ATOM 1418 C C   . ALA D 1 10 ? 15.868  16.667  49.306  1.00 228.39 ? 10 ALA P C   1 
ATOM 1419 O O   . ALA D 1 10 ? 16.623  17.384  48.656  1.00 228.39 ? 10 ALA P O   1 
ATOM 1420 C CB  . ALA D 1 10 ? 14.816  14.454  49.629  1.00 228.39 ? 10 ALA P CB  1 
ATOM 1421 N N   . ASN D 1 11 ? 15.666  16.891  50.616  1.00 156.73 ? 11 ASN P N   1 
ATOM 1422 C CA  . ASN D 1 11 ? 16.569  17.842  51.195  1.00 156.73 ? 11 ASN P CA  1 
ATOM 1423 C C   . ASN D 1 11 ? 17.664  17.069  51.883  1.00 156.73 ? 11 ASN P C   1 
ATOM 1424 O O   . ASN D 1 11 ? 17.834  17.133  53.100  1.00 156.73 ? 11 ASN P O   1 
ATOM 1425 C CB  . ASN D 1 11 ? 15.915  18.852  52.155  1.00 156.73 ? 11 ASN P CB  1 
ATOM 1426 C CG  . ASN D 1 11 ? 15.294  18.128  53.333  1.00 156.73 ? 11 ASN P CG  1 
ATOM 1427 O OD1 . ASN D 1 11 ? 14.613  17.117  53.174  1.00 156.73 ? 11 ASN P OD1 1 
ATOM 1428 N ND2 . ASN D 1 11 ? 15.548  18.664  54.557  1.00 156.73 ? 11 ASN P ND2 1 
ATOM 1429 N N   . VAL D 1 12 ? 18.460  16.330  51.080  1.00 56.85  ? 12 VAL P N   1 
ATOM 1430 C CA  . VAL D 1 12 ? 19.568  15.556  51.572  1.00 56.85  ? 12 VAL P CA  1 
ATOM 1431 C C   . VAL D 1 12 ? 20.637  15.621  50.525  1.00 56.85  ? 12 VAL P C   1 
ATOM 1432 O O   . VAL D 1 12 ? 20.348  15.874  49.354  1.00 56.85  ? 12 VAL P O   1 
ATOM 1433 C CB  . VAL D 1 12 ? 19.236  14.106  51.791  1.00 56.85  ? 12 VAL P CB  1 
ATOM 1434 C CG1 . VAL D 1 12 ? 20.496  13.366  52.275  1.00 56.85  ? 12 VAL P CG1 1 
ATOM 1435 C CG2 . VAL D 1 12 ? 18.050  14.024  52.766  1.00 56.85  ? 12 VAL P CG2 1 
ATOM 1436 N N   . THR D 1 13 ? 21.908  15.412  50.933  1.00 46.25  ? 13 THR P N   1 
ATOM 1437 C CA  . THR D 1 13 ? 23.024  15.433  50.025  1.00 46.25  ? 13 THR P CA  1 
ATOM 1438 C C   . THR D 1 13 ? 23.672  14.079  50.075  1.00 46.25  ? 13 THR P C   1 
ATOM 1439 O O   . THR D 1 13 ? 23.645  13.416  51.111  1.00 46.25  ? 13 THR P O   1 
ATOM 1440 C CB  . THR D 1 13 ? 24.080  16.426  50.410  1.00 46.25  ? 13 THR P CB  1 
ATOM 1441 O OG1 . THR D 1 13 ? 24.617  16.097  51.682  1.00 46.25  ? 13 THR P OG1 1 
ATOM 1442 C CG2 . THR D 1 13 ? 23.456  17.830  50.445  1.00 46.25  ? 13 THR P CG2 1 
ATOM 1443 N N   . PHE D 1 14 ? 24.260  13.633  48.939  1.00 186.10 ? 14 PHE P N   1 
ATOM 1444 C CA  . PHE D 1 14 ? 24.881  12.336  48.849  1.00 186.10 ? 14 PHE P CA  1 
ATOM 1445 C C   . PHE D 1 14 ? 25.935  12.393  47.777  1.00 186.10 ? 14 PHE P C   1 
ATOM 1446 O O   . PHE D 1 14 ? 25.940  13.309  46.957  1.00 186.10 ? 14 PHE P O   1 
ATOM 1447 C CB  . PHE D 1 14 ? 23.872  11.226  48.483  1.00 186.10 ? 14 PHE P CB  1 
ATOM 1448 C CG  . PHE D 1 14 ? 23.224  11.566  47.179  1.00 186.10 ? 14 PHE P CG  1 
ATOM 1449 C CD1 . PHE D 1 14 ? 22.077  12.326  47.142  1.00 186.10 ? 14 PHE P CD1 1 
ATOM 1450 C CD2 . PHE D 1 14 ? 23.759  11.130  45.990  1.00 186.10 ? 14 PHE P CD2 1 
ATOM 1451 C CE1 . PHE D 1 14 ? 21.477  12.645  45.945  1.00 186.10 ? 14 PHE P CE1 1 
ATOM 1452 C CE2 . PHE D 1 14 ? 23.163  11.445  44.791  1.00 186.10 ? 14 PHE P CE2 1 
ATOM 1453 C CZ  . PHE D 1 14 ? 22.018  12.203  44.763  1.00 186.10 ? 14 PHE P CZ  1 
ATOM 1454 N N   . PRO D 1 15 ? 26.848  11.450  47.751  1.00 124.59 ? 15 PRO P N   1 
ATOM 1455 C CA  . PRO D 1 15 ? 27.852  11.453  46.721  1.00 124.59 ? 15 PRO P CA  1 
ATOM 1456 C C   . PRO D 1 15 ? 27.203  11.172  45.401  1.00 124.59 ? 15 PRO P C   1 
ATOM 1457 O O   . PRO D 1 15 ? 26.382  10.260  45.325  1.00 124.59 ? 15 PRO P O   1 
ATOM 1458 C CB  . PRO D 1 15 ? 28.891  10.421  47.144  1.00 124.59 ? 15 PRO P CB  1 
ATOM 1459 C CG  . PRO D 1 15 ? 28.783  10.421  48.680  1.00 124.59 ? 15 PRO P CG  1 
ATOM 1460 C CD  . PRO D 1 15 ? 27.328  10.830  48.974  1.00 124.59 ? 15 PRO P CD  1 
ATOM 1461 N N   . CYS D 1 16 ? 27.595  11.908  44.341  1.00 57.17  ? 16 CYS P N   1 
ATOM 1462 C CA  . CYS D 1 16 ? 26.959  11.788  43.059  1.00 57.17  ? 16 CYS P CA  1 
ATOM 1463 C C   . CYS D 1 16 ? 27.139  10.406  42.512  1.00 57.17  ? 16 CYS P C   1 
ATOM 1464 O O   . CYS D 1 16 ? 26.220  9.838   41.928  1.00 57.17  ? 16 CYS P O   1 
ATOM 1465 C CB  . CYS D 1 16 ? 27.495  12.804  42.038  1.00 57.17  ? 16 CYS P CB  1 
ATOM 1466 S SG  . CYS D 1 16 ? 27.066  14.513  42.492  1.00 57.17  ? 16 CYS P SG  1 
ATOM 1467 N N   . ALA D 1 17 ? 28.342  9.834   42.697  1.00 55.50  ? 17 ALA P N   1 
ATOM 1468 C CA  . ALA D 1 17 ? 28.695  8.521   42.241  1.00 55.50  ? 17 ALA P CA  1 
ATOM 1469 C C   . ALA D 1 17 ? 27.851  7.498   42.939  1.00 55.50  ? 17 ALA P C   1 
ATOM 1470 O O   . ALA D 1 17 ? 27.567  6.439   42.379  1.00 55.50  ? 17 ALA P O   1 
ATOM 1471 C CB  . ALA D 1 17 ? 30.162  8.169   42.540  1.00 55.50  ? 17 ALA P CB  1 
ATOM 1472 N N   . GLN D 1 18 ? 27.468  7.736   44.210  1.00 77.63  ? 18 GLN P N   1 
ATOM 1473 C CA  . GLN D 1 18 ? 26.753  6.678   44.867  1.00 77.63  ? 18 GLN P CA  1 
ATOM 1474 C C   . GLN D 1 18 ? 25.380  7.118   45.302  1.00 77.63  ? 18 GLN P C   1 
ATOM 1475 O O   . GLN D 1 18 ? 25.201  7.592   46.421  1.00 77.63  ? 18 GLN P O   1 
ATOM 1476 C CB  . GLN D 1 18 ? 27.506  6.182   46.112  1.00 77.63  ? 18 GLN P CB  1 
ATOM 1477 C CG  . GLN D 1 18 ? 28.878  5.584   45.781  1.00 77.63  ? 18 GLN P CG  1 
ATOM 1478 C CD  . GLN D 1 18 ? 29.616  5.346   47.090  1.00 77.63  ? 18 GLN P CD  1 
ATOM 1479 O OE1 . GLN D 1 18 ? 29.046  4.817   48.043  1.00 77.63  ? 18 GLN P OE1 1 
ATOM 1480 N NE2 . GLN D 1 18 ? 30.912  5.758   47.144  1.00 77.63  ? 18 GLN P NE2 1 
ATOM 1481 N N   . PRO D 1 19 ? 24.397  6.950   44.447  1.00 98.23  ? 19 PRO P N   1 
ATOM 1482 C CA  . PRO D 1 19 ? 23.030  7.226   44.823  1.00 98.23  ? 19 PRO P CA  1 
ATOM 1483 C C   . PRO D 1 19 ? 22.491  6.028   45.550  1.00 98.23  ? 19 PRO P C   1 
ATOM 1484 O O   . PRO D 1 19 ? 23.088  4.958   45.458  1.00 98.23  ? 19 PRO P O   1 
ATOM 1485 C CB  . PRO D 1 19 ? 22.282  7.542   43.525  1.00 98.23  ? 19 PRO P CB  1 
ATOM 1486 C CG  . PRO D 1 19 ? 23.206  7.034   42.408  1.00 98.23  ? 19 PRO P CG  1 
ATOM 1487 C CD  . PRO D 1 19 ? 24.611  7.144   43.024  1.00 98.23  ? 19 PRO P CD  1 
ATOM 1488 N N   . PRO D 1 20 ? 21.425  6.171   46.283  1.00 121.43 ? 20 PRO P N   1 
ATOM 1489 C CA  . PRO D 1 20 ? 20.817  5.088   47.007  1.00 121.43 ? 20 PRO P CA  1 
ATOM 1490 C C   . PRO D 1 20 ? 20.216  3.995   46.151  1.00 121.43 ? 20 PRO P C   1 
ATOM 1491 O O   . PRO D 1 20 ? 20.215  2.851   46.608  1.00 121.43 ? 20 PRO P O   1 
ATOM 1492 C CB  . PRO D 1 20 ? 19.792  5.740   47.938  1.00 121.43 ? 20 PRO P CB  1 
ATOM 1493 C CG  . PRO D 1 20 ? 19.538  7.127   47.318  1.00 121.43 ? 20 PRO P CG  1 
ATOM 1494 C CD  . PRO D 1 20 ? 20.866  7.466   46.623  1.00 121.43 ? 20 PRO P CD  1 
ATOM 1495 N N   . ILE D 1 21 ? 19.703  4.292   44.932  1.00 315.49 ? 21 ILE P N   1 
ATOM 1496 C CA  . ILE D 1 21 ? 18.988  3.295   44.158  1.00 315.49 ? 21 ILE P CA  1 
ATOM 1497 C C   . ILE D 1 21 ? 19.246  3.492   42.678  1.00 315.49 ? 21 ILE P C   1 
ATOM 1498 O O   . ILE D 1 21 ? 20.112  4.284   42.311  1.00 315.49 ? 21 ILE P O   1 
ATOM 1499 C CB  . ILE D 1 21 ? 17.506  3.411   44.319  1.00 315.49 ? 21 ILE P CB  1 
ATOM 1500 C CG1 . ILE D 1 21 ? 17.041  4.774   43.771  1.00 315.49 ? 21 ILE P CG1 1 
ATOM 1501 C CG2 . ILE D 1 21 ? 17.170  3.180   45.802  1.00 315.49 ? 21 ILE P CG2 1 
ATOM 1502 C CD1 . ILE D 1 21 ? 15.528  4.906   43.591  1.00 315.49 ? 21 ILE P CD1 1 
ATOM 1503 N N   . CYS D 1 22 ? 18.535  2.726   41.793  1.00 248.80 ? 22 CYS P N   1 
ATOM 1504 C CA  . CYS D 1 22 ? 18.630  2.866   40.367  1.00 248.80 ? 22 CYS P CA  1 
ATOM 1505 C C   . CYS D 1 22 ? 17.276  2.944   39.708  1.00 248.80 ? 22 CYS P C   1 
ATOM 1506 O O   . CYS D 1 22 ? 16.236  3.079   40.352  1.00 248.80 ? 22 CYS P O   1 
ATOM 1507 C CB  . CYS D 1 22 ? 19.381  1.723   39.669  1.00 248.80 ? 22 CYS P CB  1 
ATOM 1508 S SG  . CYS D 1 22 ? 21.134  1.638   40.142  1.00 248.80 ? 22 CYS P SG  1 
ATOM 1509 N N   . TYR D 1 23 ? 17.314  2.889   38.356  1.00 96.84  ? 23 TYR P N   1 
ATOM 1510 C CA  . TYR D 1 23 ? 16.239  2.988   37.399  1.00 96.84  ? 23 TYR P CA  1 
ATOM 1511 C C   . TYR D 1 23 ? 15.307  1.819   37.517  1.00 96.84  ? 23 TYR P C   1 
ATOM 1512 O O   . TYR D 1 23 ? 14.089  1.986   37.469  1.00 96.84  ? 23 TYR P O   1 
ATOM 1513 C CB  . TYR D 1 23 ? 16.800  3.005   35.958  1.00 96.84  ? 23 TYR P CB  1 
ATOM 1514 C CG  . TYR D 1 23 ? 15.721  3.152   34.931  1.00 96.84  ? 23 TYR P CG  1 
ATOM 1515 C CD1 . TYR D 1 23 ? 15.181  4.390   34.659  1.00 96.84  ? 23 TYR P CD1 1 
ATOM 1516 C CD2 . TYR D 1 23 ? 15.274  2.062   34.219  1.00 96.84  ? 23 TYR P CD2 1 
ATOM 1517 C CE1 . TYR D 1 23 ? 14.197  4.535   33.707  1.00 96.84  ? 23 TYR P CE1 1 
ATOM 1518 C CE2 . TYR D 1 23 ? 14.290  2.198   33.265  1.00 96.84  ? 23 TYR P CE2 1 
ATOM 1519 C CZ  . TYR D 1 23 ? 13.751  3.436   33.008  1.00 96.84  ? 23 TYR P CZ  1 
ATOM 1520 O OH  . TYR D 1 23 ? 12.742  3.580   32.029  1.00 96.84  ? 23 TYR P OH  1 
ATOM 1521 N N   . ASP D 1 24 ? 15.849  0.599   37.678  1.00 83.89  ? 24 ASP P N   1 
ATOM 1522 C CA  . ASP D 1 24 ? 15.030  -0.577  37.675  1.00 83.89  ? 24 ASP P CA  1 
ATOM 1523 C C   . ASP D 1 24 ? 14.034  -0.532  38.795  1.00 83.89  ? 24 ASP P C   1 
ATOM 1524 O O   . ASP D 1 24 ? 12.871  -0.877  38.595  1.00 83.89  ? 24 ASP P O   1 
ATOM 1525 C CB  . ASP D 1 24 ? 15.848  -1.867  37.844  1.00 83.89  ? 24 ASP P CB  1 
ATOM 1526 C CG  . ASP D 1 24 ? 14.931  -3.026  37.491  1.00 83.89  ? 24 ASP P CG  1 
ATOM 1527 O OD1 . ASP D 1 24 ? 13.829  -2.753  36.948  1.00 83.89  ? 24 ASP P OD1 1 
ATOM 1528 O OD2 . ASP D 1 24 ? 15.318  -4.195  37.760  1.00 83.89  ? 24 ASP P OD2 1 
ATOM 1529 N N   . ARG D 1 25 ? 14.458  -0.132  40.013  1.00 54.12  ? 25 ARG P N   1 
ATOM 1530 C CA  . ARG D 1 25 ? 13.526  -0.137  41.108  1.00 54.12  ? 25 ARG P CA  1 
ATOM 1531 C C   . ARG D 1 25 ? 12.434  0.862   40.876  1.00 54.12  ? 25 ARG P C   1 
ATOM 1532 O O   . ARG D 1 25 ? 11.255  0.511   40.915  1.00 54.12  ? 25 ARG P O   1 
ATOM 1533 C CB  . ARG D 1 25 ? 14.167  0.205   42.467  1.00 54.12  ? 25 ARG P CB  1 
ATOM 1534 C CG  . ARG D 1 25 ? 15.126  -0.868  42.992  1.00 54.12  ? 25 ARG P CG  1 
ATOM 1535 C CD  . ARG D 1 25 ? 15.617  -0.605  44.420  1.00 54.12  ? 25 ARG P CD  1 
ATOM 1536 N NE  . ARG D 1 25 ? 16.687  -1.596  44.734  1.00 54.12  ? 25 ARG P NE  1 
ATOM 1537 C CZ  . ARG D 1 25 ? 16.418  -2.693  45.505  1.00 54.12  ? 25 ARG P CZ  1 
ATOM 1538 N NH1 . ARG D 1 25 ? 15.169  -2.867  46.023  1.00 54.12  ? 25 ARG P NH1 1 
ATOM 1539 N NH2 . ARG D 1 25 ? 17.404  -3.597  45.770  1.00 54.12  ? 25 ARG P NH2 1 
ATOM 1540 N N   . LYS D 1 26 ? 12.797  2.133   40.604  1.00 144.25 ? 26 LYS P N   1 
ATOM 1541 C CA  . LYS D 1 26 ? 11.766  3.114   40.398  1.00 144.25 ? 26 LYS P CA  1 
ATOM 1542 C C   . LYS D 1 26 ? 12.238  4.075   39.361  1.00 144.25 ? 26 LYS P C   1 
ATOM 1543 O O   . LYS D 1 26 ? 13.019  4.988   39.631  1.00 144.25 ? 26 LYS P O   1 
ATOM 1544 C CB  . LYS D 1 26 ? 11.432  3.928   41.660  1.00 144.25 ? 26 LYS P CB  1 
ATOM 1545 C CG  . LYS D 1 26 ? 10.943  3.049   42.812  1.00 144.25 ? 26 LYS P CG  1 
ATOM 1546 C CD  . LYS D 1 26 ? 9.722   2.198   42.458  1.00 144.25 ? 26 LYS P CD  1 
ATOM 1547 C CE  . LYS D 1 26 ? 9.476   1.051   43.441  1.00 144.25 ? 26 LYS P CE  1 
ATOM 1548 N NZ  . LYS D 1 26 ? 9.210   1.589   44.795  1.00 144.25 ? 26 LYS P NZ  1 
ATOM 1549 N N   . PRO D 1 27 ? 11.765  3.871   38.166  1.00 74.70  ? 27 PRO P N   1 
ATOM 1550 C CA  . PRO D 1 27 ? 12.103  4.677   37.028  1.00 74.70  ? 27 PRO P CA  1 
ATOM 1551 C C   . PRO D 1 27 ? 11.732  6.123   37.156  1.00 74.70  ? 27 PRO P C   1 
ATOM 1552 O O   . PRO D 1 27 ? 12.516  6.967   36.724  1.00 74.70  ? 27 PRO P O   1 
ATOM 1553 C CB  . PRO D 1 27 ? 11.416  4.006   35.836  1.00 74.70  ? 27 PRO P CB  1 
ATOM 1554 C CG  . PRO D 1 27 ? 10.247  3.231   36.472  1.00 74.70  ? 27 PRO P CG  1 
ATOM 1555 C CD  . PRO D 1 27 ? 10.769  2.856   37.869  1.00 74.70  ? 27 PRO P CD  1 
ATOM 1556 N N   . ALA D 1 28 ? 10.546  6.433   37.710  1.00 32.07  ? 28 ALA P N   1 
ATOM 1557 C CA  . ALA D 1 28 ? 10.092  7.795   37.803  1.00 32.07  ? 28 ALA P CA  1 
ATOM 1558 C C   . ALA D 1 28 ? 10.963  8.567   38.740  1.00 32.07  ? 28 ALA P C   1 
ATOM 1559 O O   . ALA D 1 28 ? 11.361  9.695   38.451  1.00 32.07  ? 28 ALA P O   1 
ATOM 1560 C CB  . ALA D 1 28 ? 8.651   7.907   38.327  1.00 32.07  ? 28 ALA P CB  1 
ATOM 1561 N N   . GLU D 1 29 ? 11.289  7.957   39.895  1.00 35.30  ? 29 GLU P N   1 
ATOM 1562 C CA  . GLU D 1 29 ? 12.038  8.633   40.911  1.00 35.30  ? 29 GLU P CA  1 
ATOM 1563 C C   . GLU D 1 29 ? 13.412  8.942   40.411  1.00 35.30  ? 29 GLU P C   1 
ATOM 1564 O O   . GLU D 1 29 ? 13.936  10.020  40.686  1.00 35.30  ? 29 GLU P O   1 
ATOM 1565 C CB  . GLU D 1 29 ? 12.189  7.818   42.208  1.00 35.30  ? 29 GLU P CB  1 
ATOM 1566 C CG  . GLU D 1 29 ? 10.874  7.608   42.963  1.00 35.30  ? 29 GLU P CG  1 
ATOM 1567 C CD  . GLU D 1 29 ? 11.174  6.791   44.214  1.00 35.30  ? 29 GLU P CD  1 
ATOM 1568 O OE1 . GLU D 1 29 ? 12.362  6.422   44.413  1.00 35.30  ? 29 GLU P OE1 1 
ATOM 1569 O OE2 . GLU D 1 29 ? 10.211  6.522   44.983  1.00 35.30  ? 29 GLU P OE2 1 
ATOM 1570 N N   . THR D 1 30 ? 14.029  8.002   39.666  1.00 134.89 ? 30 THR P N   1 
ATOM 1571 C CA  . THR D 1 30 ? 15.380  8.182   39.204  1.00 134.89 ? 30 THR P CA  1 
ATOM 1572 C C   . THR D 1 30 ? 15.477  9.344   38.265  1.00 134.89 ? 30 THR P C   1 
ATOM 1573 O O   . THR D 1 30 ? 16.396  10.157  38.365  1.00 134.89 ? 30 THR P O   1 
ATOM 1574 C CB  . THR D 1 30 ? 15.966  6.980   38.502  1.00 134.89 ? 30 THR P CB  1 
ATOM 1575 O OG1 . THR D 1 30 ? 15.118  6.552   37.448  1.00 134.89 ? 30 THR P OG1 1 
ATOM 1576 C CG2 . THR D 1 30 ? 16.205  5.847   39.508  1.00 134.89 ? 30 THR P CG2 1 
ATOM 1577 N N   . LEU D 1 31 ? 14.535  9.450   37.315  1.00 49.87  ? 31 LEU P N   1 
ATOM 1578 C CA  . LEU D 1 31 ? 14.588  10.504  36.345  1.00 49.87  ? 31 LEU P CA  1 
ATOM 1579 C C   . LEU D 1 31 ? 14.396  11.819  37.033  1.00 49.87  ? 31 LEU P C   1 
ATOM 1580 O O   . LEU D 1 31 ? 15.044  12.807  36.686  1.00 49.87  ? 31 LEU P O   1 
ATOM 1581 C CB  . LEU D 1 31 ? 13.505  10.355  35.263  1.00 49.87  ? 31 LEU P CB  1 
ATOM 1582 C CG  . LEU D 1 31 ? 13.629  9.036   34.474  1.00 49.87  ? 31 LEU P CG  1 
ATOM 1583 C CD1 . LEU D 1 31 ? 12.568  8.924   33.368  1.00 49.87  ? 31 LEU P CD1 1 
ATOM 1584 C CD2 . LEU D 1 31 ? 15.060  8.838   33.956  1.00 49.87  ? 31 LEU P CD2 1 
ATOM 1585 N N   . ALA D 1 32 ? 13.488  11.863  38.026  1.00 22.50  ? 32 ALA P N   1 
ATOM 1586 C CA  . ALA D 1 32 ? 13.197  13.077  38.736  1.00 22.50  ? 32 ALA P CA  1 
ATOM 1587 C C   . ALA D 1 32 ? 14.436  13.528  39.447  1.00 22.50  ? 32 ALA P C   1 
ATOM 1588 O O   . ALA D 1 32 ? 14.744  14.719  39.486  1.00 22.50  ? 32 ALA P O   1 
ATOM 1589 C CB  . ALA D 1 32 ? 12.097  12.894  39.796  1.00 22.50  ? 32 ALA P CB  1 
ATOM 1590 N N   . MET D 1 33 ? 15.178  12.571  40.035  1.00 44.53  ? 33 MET P N   1 
ATOM 1591 C CA  . MET D 1 33 ? 16.380  12.853  40.768  1.00 44.53  ? 33 MET P CA  1 
ATOM 1592 C C   . MET D 1 33 ? 17.424  13.412  39.844  1.00 44.53  ? 33 MET P C   1 
ATOM 1593 O O   . MET D 1 33 ? 18.150  14.332  40.217  1.00 44.53  ? 33 MET P O   1 
ATOM 1594 C CB  . MET D 1 33 ? 16.959  11.593  41.437  1.00 44.53  ? 33 MET P CB  1 
ATOM 1595 C CG  . MET D 1 33 ? 18.245  11.848  42.224  1.00 44.53  ? 33 MET P CG  1 
ATOM 1596 S SD  . MET D 1 33 ? 18.927  10.380  43.052  1.00 44.53  ? 33 MET P SD  1 
ATOM 1597 C CE  . MET D 1 33 ? 19.346  9.492   41.526  1.00 44.53  ? 33 MET P CE  1 
ATOM 1598 N N   . LEU D 1 34 ? 17.545  12.868  38.619  1.00 59.76  ? 34 LEU P N   1 
ATOM 1599 C CA  . LEU D 1 34 ? 18.520  13.325  37.662  1.00 59.76  ? 34 LEU P CA  1 
ATOM 1600 C C   . LEU D 1 34 ? 18.219  14.742  37.276  1.00 59.76  ? 34 LEU P C   1 
ATOM 1601 O O   . LEU D 1 34 ? 19.126  15.563  37.143  1.00 59.76  ? 34 LEU P O   1 
ATOM 1602 C CB  . LEU D 1 34 ? 18.492  12.493  36.368  1.00 59.76  ? 34 LEU P CB  1 
ATOM 1603 C CG  . LEU D 1 34 ? 19.017  11.051  36.523  1.00 59.76  ? 34 LEU P CG  1 
ATOM 1604 C CD1 . LEU D 1 34 ? 18.867  10.261  35.213  1.00 59.76  ? 34 LEU P CD1 1 
ATOM 1605 C CD2 . LEU D 1 34 ? 20.470  11.036  37.027  1.00 59.76  ? 34 LEU P CD2 1 
ATOM 1606 N N   . SER D 1 35 ? 16.923  15.062  37.082  1.00 72.07  ? 35 SER P N   1 
ATOM 1607 C CA  . SER D 1 35 ? 16.519  16.378  36.660  1.00 72.07  ? 35 SER P CA  1 
ATOM 1608 C C   . SER D 1 35 ? 16.877  17.381  37.717  1.00 72.07  ? 35 SER P C   1 
ATOM 1609 O O   . SER D 1 35 ? 17.210  18.524  37.405  1.00 72.07  ? 35 SER P O   1 
ATOM 1610 C CB  . SER D 1 35 ? 15.003  16.498  36.414  1.00 72.07  ? 35 SER P CB  1 
ATOM 1611 O OG  . SER D 1 35 ? 14.610  15.665  35.334  1.00 72.07  ? 35 SER P OG  1 
ATOM 1612 N N   . VAL D 1 36 ? 16.814  16.977  38.999  1.00 115.25 ? 36 VAL P N   1 
ATOM 1613 C CA  . VAL D 1 36 ? 17.087  17.874  40.087  1.00 115.25 ? 36 VAL P CA  1 
ATOM 1614 C C   . VAL D 1 36 ? 18.541  18.245  40.110  1.00 115.25 ? 36 VAL P C   1 
ATOM 1615 O O   . VAL D 1 36 ? 18.887  19.294  40.652  1.00 115.25 ? 36 VAL P O   1 
ATOM 1616 C CB  . VAL D 1 36 ? 16.729  17.353  41.453  1.00 115.25 ? 36 VAL P CB  1 
ATOM 1617 C CG1 . VAL D 1 36 ? 17.835  16.416  41.955  1.00 115.25 ? 36 VAL P CG1 1 
ATOM 1618 C CG2 . VAL D 1 36 ? 16.503  18.563  42.377  1.00 115.25 ? 36 VAL P CG2 1 
ATOM 1619 N N   . ASN D 1 37 ? 19.396  17.377  39.579  1.00 186.45 ? 37 ASN P N   1 
ATOM 1620 C CA  . ASN D 1 37 ? 20.833  17.602  39.626  1.00 186.45 ? 37 ASN P CA  1 
ATOM 1621 C C   . ASN D 1 37 ? 21.397  17.957  38.260  1.00 186.45 ? 37 ASN P C   1 
ATOM 1622 O O   . ASN D 1 37 ? 22.509  17.557  37.913  1.00 186.45 ? 37 ASN P O   1 
ATOM 1623 C CB  . ASN D 1 37 ? 21.550  16.373  40.187  1.00 186.45 ? 37 ASN P CB  1 
ATOM 1624 C CG  . ASN D 1 37 ? 21.450  16.278  41.697  1.00 186.45 ? 37 ASN P CG  1 
ATOM 1625 O OD1 . ASN D 1 37 ? 22.120  17.015  42.422  1.00 186.45 ? 37 ASN P OD1 1 
ATOM 1626 N ND2 . ASN D 1 37 ? 20.612  15.370  42.180  1.00 186.45 ? 37 ASN P ND2 1 
ATOM 1627 N N   . VAL D 1 38 ? 20.624  18.709  37.485  1.00 58.60  ? 38 VAL P N   1 
ATOM 1628 C CA  . VAL D 1 38 ? 21.051  19.098  36.168  1.00 58.60  ? 38 VAL P CA  1 
ATOM 1629 C C   . VAL D 1 38 ? 22.154  20.117  36.267  1.00 58.60  ? 38 VAL P C   1 
ATOM 1630 O O   . VAL D 1 38 ? 23.094  20.102  35.473  1.00 58.60  ? 38 VAL P O   1 
ATOM 1631 C CB  . VAL D 1 38 ? 19.956  19.766  35.391  1.00 58.60  ? 38 VAL P CB  1 
ATOM 1632 C CG1 . VAL D 1 38 ? 20.563  20.324  34.095  1.00 58.60  ? 38 VAL P CG1 1 
ATOM 1633 C CG2 . VAL D 1 38 ? 18.809  18.765  35.179  1.00 58.60  ? 38 VAL P CG2 1 
ATOM 1634 N N   . ASP D 1 39 ? 22.029  21.060  37.222  1.00 47.06  ? 39 ASP P N   1 
ATOM 1635 C CA  . ASP D 1 39 ? 22.945  22.155  37.419  1.00 47.06  ? 39 ASP P CA  1 
ATOM 1636 C C   . ASP D 1 39 ? 24.280  21.685  37.920  1.00 47.06  ? 39 ASP P C   1 
ATOM 1637 O O   . ASP D 1 39 ? 25.309  22.245  37.548  1.00 47.06  ? 39 ASP P O   1 
ATOM 1638 C CB  . ASP D 1 39 ? 22.443  23.168  38.464  1.00 47.06  ? 39 ASP P CB  1 
ATOM 1639 C CG  . ASP D 1 39 ? 21.226  23.886  37.898  1.00 47.06  ? 39 ASP P CG  1 
ATOM 1640 O OD1 . ASP D 1 39 ? 21.210  24.142  36.665  1.00 47.06  ? 39 ASP P OD1 1 
ATOM 1641 O OD2 . ASP D 1 39 ? 20.292  24.180  38.690  1.00 47.06  ? 39 ASP P OD2 1 
ATOM 1642 N N   . ASN D 1 40 ? 24.289  20.646  38.782  1.00 49.04  ? 40 ASN P N   1 
ATOM 1643 C CA  . ASN D 1 40 ? 25.480  20.214  39.472  1.00 49.04  ? 40 ASN P CA  1 
ATOM 1644 C C   . ASN D 1 40 ? 26.529  19.689  38.533  1.00 49.04  ? 40 ASN P C   1 
ATOM 1645 O O   . ASN D 1 40 ? 26.244  19.057  37.518  1.00 49.04  ? 40 ASN P O   1 
ATOM 1646 C CB  . ASN D 1 40 ? 25.208  19.126  40.518  1.00 49.04  ? 40 ASN P CB  1 
ATOM 1647 C CG  . ASN D 1 40 ? 24.447  19.769  41.667  1.00 49.04  ? 40 ASN P CG  1 
ATOM 1648 O OD1 . ASN D 1 40 ? 24.340  20.992  41.743  1.00 49.04  ? 40 ASN P OD1 1 
ATOM 1649 N ND2 . ASN D 1 40 ? 23.919  18.926  42.593  1.00 49.04  ? 40 ASN P ND2 1 
ATOM 1650 N N   . PRO D 1 41 ? 27.767  19.965  38.884  1.00 78.57  ? 41 PRO P N   1 
ATOM 1651 C CA  . PRO D 1 41 ? 28.887  19.533  38.082  1.00 78.57  ? 41 PRO P CA  1 
ATOM 1652 C C   . PRO D 1 41 ? 29.071  18.043  38.071  1.00 78.57  ? 41 PRO P C   1 
ATOM 1653 O O   . PRO D 1 41 ? 29.666  17.523  37.129  1.00 78.57  ? 41 PRO P O   1 
ATOM 1654 C CB  . PRO D 1 41 ? 30.096  20.308  38.604  1.00 78.57  ? 41 PRO P CB  1 
ATOM 1655 C CG  . PRO D 1 41 ? 29.475  21.599  39.172  1.00 78.57  ? 41 PRO P CG  1 
ATOM 1656 C CD  . PRO D 1 41 ? 28.068  21.178  39.628  1.00 78.57  ? 41 PRO P CD  1 
ATOM 1657 N N   . GLY D 1 42 ? 28.602  17.377  39.140  1.00 83.08  ? 42 GLY P N   1 
ATOM 1658 C CA  . GLY D 1 42 ? 28.587  15.977  39.471  1.00 83.08  ? 42 GLY P CA  1 
ATOM 1659 C C   . GLY D 1 42 ? 27.575  15.197  38.670  1.00 83.08  ? 42 GLY P C   1 
ATOM 1660 O O   . GLY D 1 42 ? 27.425  13.997  38.891  1.00 83.08  ? 42 GLY P O   1 
ATOM 1661 N N   . TYR D 1 43 ? 26.762  15.878  37.840  1.00 84.77  ? 43 TYR P N   1 
ATOM 1662 C CA  . TYR D 1 43 ? 25.620  15.322  37.154  1.00 84.77  ? 43 TYR P CA  1 
ATOM 1663 C C   . TYR D 1 43 ? 25.968  14.089  36.353  1.00 84.77  ? 43 TYR P C   1 
ATOM 1664 O O   . TYR D 1 43 ? 25.241  13.096  36.413  1.00 84.77  ? 43 TYR P O   1 
ATOM 1665 C CB  . TYR D 1 43 ? 25.008  16.379  36.211  1.00 84.77  ? 43 TYR P CB  1 
ATOM 1666 C CG  . TYR D 1 43 ? 23.817  15.838  35.501  1.00 84.77  ? 43 TYR P CG  1 
ATOM 1667 C CD1 . TYR D 1 43 ? 22.597  15.794  36.136  1.00 84.77  ? 43 TYR P CD1 1 
ATOM 1668 C CD2 . TYR D 1 43 ? 23.910  15.398  34.202  1.00 84.77  ? 43 TYR P CD2 1 
ATOM 1669 C CE1 . TYR D 1 43 ? 21.486  15.307  35.488  1.00 84.77  ? 43 TYR P CE1 1 
ATOM 1670 C CE2 . TYR D 1 43 ? 22.803  14.909  33.549  1.00 84.77  ? 43 TYR P CE2 1 
ATOM 1671 C CZ  . TYR D 1 43 ? 21.589  14.863  34.190  1.00 84.77  ? 43 TYR P CZ  1 
ATOM 1672 O OH  . TYR D 1 43 ? 20.456  14.361  33.514  1.00 84.77  ? 43 TYR P OH  1 
ATOM 1673 N N   . ASP D 1 44 ? 27.077  14.097  35.591  1.00 50.98  ? 44 ASP P N   1 
ATOM 1674 C CA  . ASP D 1 44 ? 27.448  12.988  34.749  1.00 50.98  ? 44 ASP P CA  1 
ATOM 1675 C C   . ASP D 1 44 ? 27.751  11.786  35.594  1.00 50.98  ? 44 ASP P C   1 
ATOM 1676 O O   . ASP D 1 44 ? 27.495  10.656  35.174  1.00 50.98  ? 44 ASP P O   1 
ATOM 1677 C CB  . ASP D 1 44 ? 28.720  13.297  33.940  1.00 50.98  ? 44 ASP P CB  1 
ATOM 1678 C CG  . ASP D 1 44 ? 28.460  14.536  33.095  1.00 50.98  ? 44 ASP P CG  1 
ATOM 1679 O OD1 . ASP D 1 44 ? 27.276  14.959  33.019  1.00 50.98  ? 44 ASP P OD1 1 
ATOM 1680 O OD2 . ASP D 1 44 ? 29.446  15.084  32.531  1.00 50.98  ? 44 ASP P OD2 1 
ATOM 1681 N N   . GLU D 1 45 ? 28.348  11.995  36.787  1.00 41.51  ? 45 GLU P N   1 
ATOM 1682 C CA  . GLU D 1 45 ? 28.688  10.917  37.676  1.00 41.51  ? 45 GLU P CA  1 
ATOM 1683 C C   . GLU D 1 45 ? 27.418  10.256  38.106  1.00 41.51  ? 45 GLU P C   1 
ATOM 1684 O O   . GLU D 1 45 ? 27.346  9.035   38.223  1.00 41.51  ? 45 GLU P O   1 
ATOM 1685 C CB  . GLU D 1 45 ? 29.365  11.382  38.978  1.00 41.51  ? 45 GLU P CB  1 
ATOM 1686 C CG  . GLU D 1 45 ? 30.752  11.993  38.795  1.00 41.51  ? 45 GLU P CG  1 
ATOM 1687 C CD  . GLU D 1 45 ? 31.253  12.371  40.183  1.00 41.51  ? 45 GLU P CD  1 
ATOM 1688 O OE1 . GLU D 1 45 ? 31.621  11.442  40.952  1.00 41.51  ? 45 GLU P OE1 1 
ATOM 1689 O OE2 . GLU D 1 45 ? 31.264  13.590  40.499  1.00 41.51  ? 45 GLU P OE2 1 
ATOM 1690 N N   . LEU D 1 46 ? 26.388  11.073  38.385  1.00 67.15  ? 46 LEU P N   1 
ATOM 1691 C CA  . LEU D 1 46 ? 25.109  10.614  38.834  1.00 67.15  ? 46 LEU P CA  1 
ATOM 1692 C C   . LEU D 1 46 ? 24.420  9.848   37.737  1.00 67.15  ? 46 LEU P C   1 
ATOM 1693 O O   . LEU D 1 46 ? 23.803  8.816   37.995  1.00 67.15  ? 46 LEU P O   1 
ATOM 1694 C CB  . LEU D 1 46 ? 24.209  11.786  39.277  1.00 67.15  ? 46 LEU P CB  1 
ATOM 1695 C CG  . LEU D 1 46 ? 22.809  11.390  39.783  1.00 67.15  ? 46 LEU P CG  1 
ATOM 1696 C CD1 . LEU D 1 46 ? 22.895  10.526  41.052  1.00 67.15  ? 46 LEU P CD1 1 
ATOM 1697 C CD2 . LEU D 1 46 ? 21.922  12.632  39.979  1.00 67.15  ? 46 LEU P CD2 1 
ATOM 1698 N N   . LEU D 1 47 ? 24.503  10.326  36.479  1.00 168.28 ? 47 LEU P N   1 
ATOM 1699 C CA  . LEU D 1 47 ? 23.858  9.651   35.386  1.00 168.28 ? 47 LEU P CA  1 
ATOM 1700 C C   . LEU D 1 47 ? 24.422  8.282   35.203  1.00 168.28 ? 47 LEU P C   1 
ATOM 1701 O O   . LEU D 1 47 ? 23.678  7.323   34.998  1.00 168.28 ? 47 LEU P O   1 
ATOM 1702 C CB  . LEU D 1 47 ? 24.001  10.347  34.024  1.00 168.28 ? 47 LEU P CB  1 
ATOM 1703 C CG  . LEU D 1 47 ? 22.967  11.448  33.806  1.00 168.28 ? 47 LEU P CG  1 
ATOM 1704 C CD1 . LEU D 1 47 ? 23.113  12.104  32.427  1.00 168.28 ? 47 LEU P CD1 1 
ATOM 1705 C CD2 . LEU D 1 47 ? 21.559  10.878  34.029  1.00 168.28 ? 47 LEU P CD2 1 
ATOM 1706 N N   . GLU D 1 48 ? 25.756  8.154   35.271  1.00 76.74  ? 48 GLU P N   1 
ATOM 1707 C CA  . GLU D 1 48 ? 26.381  6.890   35.030  1.00 76.74  ? 48 GLU P CA  1 
ATOM 1708 C C   . GLU D 1 48 ? 25.944  5.897   36.063  1.00 76.74  ? 48 GLU P C   1 
ATOM 1709 O O   . GLU D 1 48 ? 25.589  4.767   35.736  1.00 76.74  ? 48 GLU P O   1 
ATOM 1710 C CB  . GLU D 1 48 ? 27.915  6.972   35.079  1.00 76.74  ? 48 GLU P CB  1 
ATOM 1711 C CG  . GLU D 1 48 ? 28.511  7.743   33.897  1.00 76.74  ? 48 GLU P CG  1 
ATOM 1712 C CD  . GLU D 1 48 ? 30.018  7.852   34.092  1.00 76.74  ? 48 GLU P CD  1 
ATOM 1713 O OE1 . GLU D 1 48 ? 30.485  7.637   35.242  1.00 76.74  ? 48 GLU P OE1 1 
ATOM 1714 O OE2 . GLU D 1 48 ? 30.722  8.153   33.091  1.00 76.74  ? 48 GLU P OE2 1 
ATOM 1715 N N   . ALA D 1 49 ? 25.964  6.295   37.348  1.00 57.84  ? 49 ALA P N   1 
ATOM 1716 C CA  . ALA D 1 49 ? 25.624  5.416   38.435  1.00 57.84  ? 49 ALA P CA  1 
ATOM 1717 C C   . ALA D 1 49 ? 24.171  5.012   38.405  1.00 57.84  ? 49 ALA P C   1 
ATOM 1718 O O   . ALA D 1 49 ? 23.839  3.856   38.652  1.00 57.84  ? 49 ALA P O   1 
ATOM 1719 C CB  . ALA D 1 49 ? 25.893  6.049   39.811  1.00 57.84  ? 49 ALA P CB  1 
ATOM 1720 N N   . ALA D 1 50 ? 23.256  5.960   38.121  1.00 66.02  ? 50 ALA P N   1 
ATOM 1721 C CA  . ALA D 1 50 ? 21.832  5.718   38.156  1.00 66.02  ? 50 ALA P CA  1 
ATOM 1722 C C   . ALA D 1 50 ? 21.416  4.730   37.107  1.00 66.02  ? 50 ALA P C   1 
ATOM 1723 O O   . ALA D 1 50 ? 20.501  3.934   37.314  1.00 66.02  ? 50 ALA P O   1 
ATOM 1724 C CB  . ALA D 1 50 ? 21.007  6.996   37.921  1.00 66.02  ? 50 ALA P CB  1 
ATOM 1725 N N   . VAL D 1 51 ? 22.055  4.834   35.932  1.00 107.39 ? 51 VAL P N   1 
ATOM 1726 C CA  . VAL D 1 51 ? 21.860  4.084   34.723  1.00 107.39 ? 51 VAL P CA  1 
ATOM 1727 C C   . VAL D 1 51 ? 22.388  2.657   34.793  1.00 107.39 ? 51 VAL P C   1 
ATOM 1728 O O   . VAL D 1 51 ? 22.020  1.843   33.949  1.00 107.39 ? 51 VAL P O   1 
ATOM 1729 C CB  . VAL D 1 51 ? 22.485  4.803   33.561  1.00 107.39 ? 51 VAL P CB  1 
ATOM 1730 C CG1 . VAL D 1 51 ? 22.435  3.957   32.281  1.00 107.39 ? 51 VAL P CG1 1 
ATOM 1731 C CG2 . VAL D 1 51 ? 21.763  6.154   33.418  1.00 107.39 ? 51 VAL P CG2 1 
ATOM 1732 N N   . LYS D 1 52 ? 23.312  2.299   35.719  1.00 205.40 ? 52 LYS P N   1 
ATOM 1733 C CA  . LYS D 1 52 ? 23.847  0.949   35.650  1.00 205.40 ? 52 LYS P CA  1 
ATOM 1734 C C   . LYS D 1 52 ? 23.014  -0.053  36.427  1.00 205.40 ? 52 LYS P C   1 
ATOM 1735 O O   . LYS D 1 52 ? 22.308  0.302   37.365  1.00 205.40 ? 52 LYS P O   1 
ATOM 1736 C CB  . LYS D 1 52 ? 25.312  0.774   36.105  1.00 205.40 ? 52 LYS P CB  1 
ATOM 1737 C CG  . LYS D 1 52 ? 25.523  0.385   37.572  1.00 205.40 ? 52 LYS P CG  1 
ATOM 1738 C CD  . LYS D 1 52 ? 25.116  1.437   38.597  1.00 205.40 ? 52 LYS P CD  1 
ATOM 1739 C CE  . LYS D 1 52 ? 25.336  0.988   40.046  1.00 205.40 ? 52 LYS P CE  1 
ATOM 1740 N NZ  . LYS D 1 52 ? 26.782  0.874   40.348  1.00 205.40 ? 52 LYS P NZ  1 
ATOM 1741 N N   . CYS D 1 53 ? 23.133  -1.357  36.047  1.00 140.02 ? 53 CYS P N   1 
ATOM 1742 C CA  . CYS D 1 53 ? 22.351  -2.502  36.498  1.00 140.02 ? 53 CYS P CA  1 
ATOM 1743 C C   . CYS D 1 53 ? 22.784  -3.117  37.826  1.00 140.02 ? 53 CYS P C   1 
ATOM 1744 O O   . CYS D 1 53 ? 23.909  -2.908  38.277  1.00 140.02 ? 53 CYS P O   1 
ATOM 1745 C CB  . CYS D 1 53 ? 22.333  -3.602  35.423  1.00 140.02 ? 53 CYS P CB  1 
ATOM 1746 S SG  . CYS D 1 53 ? 21.407  -3.069  33.953  1.00 140.02 ? 53 CYS P SG  1 
ATOM 1747 N N   . PRO D 1 54 ? 21.848  -3.921  38.384  1.00 136.90 ? 54 PRO P N   1 
ATOM 1748 C CA  . PRO D 1 54 ? 21.827  -4.509  39.728  1.00 136.90 ? 54 PRO P CA  1 
ATOM 1749 C C   . PRO D 1 54 ? 22.720  -5.625  40.196  1.00 136.90 ? 54 PRO P C   1 
ATOM 1750 O O   . PRO D 1 54 ? 23.334  -6.333  39.400  1.00 136.90 ? 54 PRO P O   1 
ATOM 1751 C CB  . PRO D 1 54 ? 20.362  -4.862  40.010  1.00 136.90 ? 54 PRO P CB  1 
ATOM 1752 C CG  . PRO D 1 54 ? 19.698  -4.918  38.628  1.00 136.90 ? 54 PRO P CG  1 
ATOM 1753 C CD  . PRO D 1 54 ? 20.513  -3.920  37.800  1.00 136.90 ? 54 PRO P CD  1 
ATOM 1754 N N   . GLY D 1 55 ? 22.742  -5.762  41.546  1.00 57.27  ? 55 GLY P N   1 
ATOM 1755 C CA  . GLY D 1 55 ? 23.495  -6.648  42.393  1.00 57.27  ? 55 GLY P CA  1 
ATOM 1756 C C   . GLY D 1 55 ? 23.159  -8.104  42.259  1.00 57.27  ? 55 GLY P C   1 
ATOM 1757 O O   . GLY D 1 55 ? 24.053  -8.939  42.370  1.00 57.27  ? 55 GLY P O   1 
ATOM 1758 N N   . ARG D 1 56 ? 21.884  -8.488  42.061  1.00 136.58 ? 56 ARG P N   1 
ATOM 1759 C CA  . ARG D 1 56 ? 21.680  -9.909  42.117  1.00 136.58 ? 56 ARG P CA  1 
ATOM 1760 C C   . ARG D 1 56 ? 22.117  -10.533 40.835  1.00 136.58 ? 56 ARG P C   1 
ATOM 1761 O O   . ARG D 1 56 ? 21.325  -10.684 39.908  1.00 136.58 ? 56 ARG P O   1 
ATOM 1762 C CB  . ARG D 1 56 ? 20.223  -10.340 42.357  1.00 136.58 ? 56 ARG P CB  1 
ATOM 1763 C CG  . ARG D 1 56 ? 20.093  -11.846 42.603  1.00 136.58 ? 56 ARG P CG  1 
ATOM 1764 C CD  . ARG D 1 56 ? 18.655  -12.334 42.785  1.00 136.58 ? 56 ARG P CD  1 
ATOM 1765 N NE  . ARG D 1 56 ? 18.133  -12.695 41.437  1.00 136.58 ? 56 ARG P NE  1 
ATOM 1766 C CZ  . ARG D 1 56 ? 17.213  -13.696 41.303  1.00 136.58 ? 56 ARG P CZ  1 
ATOM 1767 N NH1 . ARG D 1 56 ? 16.781  -14.371 42.407  1.00 136.58 ? 56 ARG P NH1 1 
ATOM 1768 N NH2 . ARG D 1 56 ? 16.742  -14.030 40.063  1.00 136.58 ? 56 ARG P NH2 1 
ATOM 1769 N N   . LYS D 1 57 ? 23.407  -10.919 40.778  1.00 86.91  ? 57 LYS P N   1 
ATOM 1770 C CA  . LYS D 1 57 ? 23.975  -11.625 39.671  1.00 86.91  ? 57 LYS P CA  1 
ATOM 1771 C C   . LYS D 1 57 ? 25.366  -12.005 40.053  1.00 86.91  ? 57 LYS P C   1 
ATOM 1772 O O   . LYS D 1 57 ? 25.961  -11.423 40.961  1.00 86.91  ? 57 LYS P O   1 
ATOM 1773 C CB  . LYS D 1 57 ? 24.030  -10.851 38.343  1.00 86.91  ? 57 LYS P CB  1 
ATOM 1774 C CG  . LYS D 1 57 ? 22.716  -10.914 37.564  1.00 86.91  ? 57 LYS P CG  1 
ATOM 1775 C CD  . LYS D 1 57 ? 22.681  -10.016 36.329  1.00 86.91  ? 57 LYS P CD  1 
ATOM 1776 C CE  . LYS D 1 57 ? 21.367  -10.104 35.553  1.00 86.91  ? 57 LYS P CE  1 
ATOM 1777 N NZ  . LYS D 1 57 ? 21.444  -9.268  34.335  1.00 86.91  ? 57 LYS P NZ  1 
ATOM 1778 N N   . ARG D 1 58 ? 25.883  -13.060 39.398  1.00 96.20  ? 58 ARG P N   1 
ATOM 1779 C CA  . ARG D 1 58 ? 27.186  -13.600 39.661  1.00 96.20  ? 58 ARG P CA  1 
ATOM 1780 C C   . ARG D 1 58 ? 28.299  -12.678 39.235  1.00 96.20  ? 58 ARG P C   1 
ATOM 1781 O O   . ARG D 1 58 ? 29.217  -12.417 40.010  1.00 96.20  ? 58 ARG P O   1 
ATOM 1782 C CB  . ARG D 1 58 ? 27.379  -14.942 38.940  1.00 96.20  ? 58 ARG P CB  1 
ATOM 1783 C CG  . ARG D 1 58 ? 28.740  -15.596 39.160  1.00 96.20  ? 58 ARG P CG  1 
ATOM 1784 C CD  . ARG D 1 58 ? 28.814  -17.002 38.564  1.00 96.20  ? 58 ARG P CD  1 
ATOM 1785 N NE  . ARG D 1 58 ? 30.218  -17.477 38.709  1.00 96.20  ? 58 ARG P NE  1 
ATOM 1786 C CZ  . ARG D 1 58 ? 30.494  -18.563 39.485  1.00 96.20  ? 58 ARG P CZ  1 
ATOM 1787 N NH1 . ARG D 1 58 ? 29.491  -19.157 40.198  1.00 96.20  ? 58 ARG P NH1 1 
ATOM 1788 N NH2 . ARG D 1 58 ? 31.765  -19.051 39.556  1.00 96.20  ? 58 ARG P NH2 1 
ATOM 1789 N N   . ARG D 1 59 ? 28.239  -12.146 37.994  1.00 149.21 ? 59 ARG P N   1 
ATOM 1790 C CA  . ARG D 1 59 ? 29.315  -11.353 37.442  1.00 149.21 ? 59 ARG P CA  1 
ATOM 1791 C C   . ARG D 1 59 ? 29.083  -9.887  37.667  1.00 149.21 ? 59 ARG P C   1 
ATOM 1792 O O   . ARG D 1 59 ? 28.057  -9.488  38.217  1.00 149.21 ? 59 ARG P O   1 
ATOM 1793 C CB  . ARG D 1 59 ? 29.541  -11.565 35.936  1.00 149.21 ? 59 ARG P CB  1 
ATOM 1794 C CG  . ARG D 1 59 ? 30.106  -12.945 35.593  1.00 149.21 ? 59 ARG P CG  1 
ATOM 1795 C CD  . ARG D 1 59 ? 31.618  -13.074 35.813  1.00 149.21 ? 59 ARG P CD  1 
ATOM 1796 N NE  . ARG D 1 59 ? 31.877  -13.015 37.281  1.00 149.21 ? 59 ARG P NE  1 
ATOM 1797 C CZ  . ARG D 1 59 ? 33.073  -13.436 37.787  1.00 149.21 ? 59 ARG P CZ  1 
ATOM 1798 N NH1 . ARG D 1 59 ? 34.037  -13.921 36.951  1.00 149.21 ? 59 ARG P NH1 1 
ATOM 1799 N NH2 . ARG D 1 59 ? 33.306  -13.369 39.131  1.00 149.21 ? 59 ARG P NH2 1 
ATOM 1800 O OXT . ARG D 1 59 ? 29.928  -9.075  37.295  1.00 0.00   ? 59 ARG P OXT 1 
# 
